data_7NOR
#
_entry.id   7NOR
#
_cell.length_a   91.453
_cell.length_b   142.734
_cell.length_c   97.697
_cell.angle_alpha   90.000
_cell.angle_beta   117.500
_cell.angle_gamma   90.000
#
_symmetry.space_group_name_H-M   'P 1 21 1'
#
loop_
_entity.id
_entity.type
_entity.pdbx_description
1 polymer 'Ornithine carbamoyltransferase'
2 non-polymer 'PHOSPHATE ION'
3 non-polymer 2-fluoro-4-hydroxybenzonitrile
4 water water
#
_entity_poly.entity_id   1
_entity_poly.type   'polypeptide(L)'
_entity_poly.pdbx_seq_one_letter_code
;GSVIRHFLRDDDLSPAEQAEVLELAAELKKDPVSRRPLQGPRGVAVIFDKNSTRTRFSFELGIAQLGGHAVVVDSGSTQL
GRDETLQDTAKVLSRYVDAIVWRTFGQERLDAMASVATVPVINALSDEFHPCQVLADLQTIAERKGALRGLRLSYFGDGA
NNMAHSLLLGGVTAGIHVTVAAPEGFLPDPSVRAAAERRAQDTGASVTVTADAHAAAAGADVLVTDTWTSMGQENDGLDR
VKPFRPFQLNSRLLALADSDAIVLHCLPAHRGDEITDAVMDGPASAVWDEAENRLHAQKALLVWLLERS
;
_entity_poly.pdbx_strand_id   A,B,C,D,E,F
#
# COMPACT_ATOMS: atom_id res chain seq x y z
N SER A 2 28.45 -6.13 7.55
CA SER A 2 28.60 -6.96 6.37
C SER A 2 29.44 -6.26 5.31
N VAL A 3 30.10 -7.04 4.47
CA VAL A 3 30.70 -6.49 3.26
C VAL A 3 29.59 -6.01 2.34
N ILE A 4 29.76 -4.82 1.79
CA ILE A 4 28.82 -4.31 0.80
C ILE A 4 29.16 -4.95 -0.55
N ARG A 5 28.17 -5.57 -1.18
CA ARG A 5 28.39 -6.23 -2.47
C ARG A 5 28.02 -5.29 -3.62
N HIS A 6 28.86 -5.27 -4.64
CA HIS A 6 28.59 -4.52 -5.87
C HIS A 6 28.47 -5.47 -7.04
N PHE A 7 28.00 -4.95 -8.18
CA PHE A 7 27.87 -5.77 -9.39
C PHE A 7 28.29 -4.87 -10.56
N LEU A 8 29.59 -4.85 -10.83
CA LEU A 8 30.15 -4.01 -11.88
C LEU A 8 30.54 -4.81 -13.10
N ARG A 9 30.73 -6.10 -12.89
CA ARG A 9 31.11 -7.03 -13.97
C ARG A 9 30.52 -8.40 -13.60
N ASP A 10 30.35 -9.25 -14.58
CA ASP A 10 29.61 -10.51 -14.38
C ASP A 10 30.24 -11.43 -13.34
N ASP A 11 31.57 -11.44 -13.32
CA ASP A 11 32.31 -12.34 -12.40
C ASP A 11 32.28 -11.82 -10.97
N ASP A 12 31.68 -10.66 -10.73
CA ASP A 12 31.48 -10.25 -9.34
C ASP A 12 30.58 -11.21 -8.59
N LEU A 13 29.75 -11.99 -9.29
CA LEU A 13 29.03 -13.11 -8.67
C LEU A 13 29.83 -14.38 -8.91
N SER A 14 29.98 -15.19 -7.87
CA SER A 14 30.50 -16.54 -8.04
C SER A 14 29.50 -17.42 -8.80
N PRO A 15 29.92 -18.57 -9.31
CA PRO A 15 28.95 -19.49 -9.93
C PRO A 15 27.75 -19.81 -9.04
N ALA A 16 27.98 -20.09 -7.75
CA ALA A 16 26.86 -20.37 -6.85
C ALA A 16 25.98 -19.13 -6.66
N GLU A 17 26.59 -17.95 -6.56
CA GLU A 17 25.81 -16.72 -6.36
C GLU A 17 25.01 -16.39 -7.60
N GLN A 18 25.59 -16.57 -8.79
CA GLN A 18 24.85 -16.30 -10.01
C GLN A 18 23.64 -17.23 -10.14
N ALA A 19 23.82 -18.51 -9.80
CA ALA A 19 22.68 -19.42 -9.82
C ALA A 19 21.56 -18.95 -8.89
N GLU A 20 21.93 -18.41 -7.71
CA GLU A 20 20.92 -17.89 -6.78
C GLU A 20 20.17 -16.72 -7.41
N VAL A 21 20.89 -15.82 -8.08
CA VAL A 21 20.23 -14.67 -8.67
C VAL A 21 19.32 -15.12 -9.81
N LEU A 22 19.77 -16.07 -10.63
CA LEU A 22 18.94 -16.52 -11.75
C LEU A 22 17.72 -17.30 -11.28
N GLU A 23 17.82 -18.05 -10.18
CA GLU A 23 16.64 -18.69 -9.64
C GLU A 23 15.65 -17.65 -9.13
N LEU A 24 16.16 -16.61 -8.45
CA LEU A 24 15.29 -15.54 -7.98
C LEU A 24 14.64 -14.83 -9.16
N ALA A 25 15.36 -14.68 -10.28
CA ALA A 25 14.76 -14.02 -11.45
C ALA A 25 13.57 -14.82 -11.98
N ALA A 26 13.68 -16.14 -11.99
CA ALA A 26 12.55 -16.97 -12.40
C ALA A 26 11.38 -16.84 -11.43
N GLU A 27 11.67 -16.78 -10.13
CA GLU A 27 10.62 -16.64 -9.13
C GLU A 27 9.90 -15.30 -9.27
N LEU A 28 10.66 -14.23 -9.50
CA LEU A 28 10.08 -12.91 -9.58
C LEU A 28 9.30 -12.72 -10.89
N LYS A 29 9.71 -13.41 -11.96
CA LYS A 29 8.91 -13.35 -13.17
C LYS A 29 7.53 -13.95 -12.93
N LYS A 30 7.45 -15.00 -12.12
CA LYS A 30 6.17 -15.62 -11.81
C LYS A 30 5.35 -14.77 -10.83
N ASP A 31 6.02 -14.15 -9.86
CA ASP A 31 5.36 -13.40 -8.79
C ASP A 31 6.04 -12.04 -8.62
N PRO A 32 5.72 -11.06 -9.48
CA PRO A 32 6.57 -9.85 -9.59
C PRO A 32 6.44 -8.86 -8.45
N VAL A 33 5.48 -8.98 -7.53
CA VAL A 33 5.44 -8.04 -6.42
C VAL A 33 5.57 -8.79 -5.09
N SER A 34 6.12 -10.01 -5.15
CA SER A 34 6.24 -10.82 -3.95
C SER A 34 7.48 -10.50 -3.11
N ARG A 35 8.41 -9.70 -3.61
CA ARG A 35 9.59 -9.29 -2.84
C ARG A 35 9.59 -7.78 -2.71
N ARG A 36 9.58 -7.29 -1.46
CA ARG A 36 9.45 -5.84 -1.20
C ARG A 36 10.52 -5.36 -0.24
N PRO A 37 11.81 -5.56 -0.59
CA PRO A 37 12.89 -5.10 0.29
C PRO A 37 12.96 -3.61 0.36
N LEU A 38 12.43 -2.88 -0.62
CA LEU A 38 12.51 -1.42 -0.63
C LEU A 38 11.22 -0.75 -0.20
N GLN A 39 10.31 -1.49 0.43
CA GLN A 39 9.05 -0.94 0.93
C GLN A 39 9.32 0.27 1.82
N GLY A 40 8.50 1.30 1.67
CA GLY A 40 8.71 2.54 2.38
C GLY A 40 7.98 3.72 1.76
N PRO A 41 8.44 4.18 0.57
CA PRO A 41 9.53 3.59 -0.20
C PRO A 41 10.92 4.00 0.23
N ARG A 42 11.87 3.09 0.08
CA ARG A 42 13.29 3.43 0.09
C ARG A 42 13.71 3.84 -1.30
N GLY A 43 14.74 4.66 -1.39
CA GLY A 43 15.22 5.13 -2.68
C GLY A 43 16.30 4.27 -3.33
N VAL A 44 16.37 4.35 -4.65
CA VAL A 44 17.48 3.82 -5.43
C VAL A 44 17.83 4.86 -6.47
N ALA A 45 19.11 5.22 -6.59
CA ALA A 45 19.52 6.16 -7.62
C ALA A 45 19.69 5.41 -8.93
N VAL A 46 19.18 5.99 -10.02
CA VAL A 46 19.38 5.45 -11.37
C VAL A 46 19.92 6.58 -12.22
N ILE A 47 21.21 6.51 -12.54
CA ILE A 47 21.93 7.63 -13.13
C ILE A 47 22.36 7.26 -14.54
N PHE A 48 22.05 8.12 -15.52
CA PHE A 48 22.36 7.92 -16.93
C PHE A 48 23.34 8.96 -17.43
N ASP A 49 24.54 8.52 -17.81
CA ASP A 49 25.38 9.39 -18.61
C ASP A 49 24.96 9.37 -20.07
N LYS A 50 24.16 8.38 -20.47
CA LYS A 50 23.59 8.26 -21.80
C LYS A 50 22.31 7.46 -21.69
N ASN A 51 21.27 7.88 -22.41
CA ASN A 51 19.95 7.28 -22.26
C ASN A 51 19.88 5.89 -22.87
N SER A 52 18.97 5.07 -22.35
CA SER A 52 18.72 3.73 -22.86
C SER A 52 17.27 3.36 -22.52
N THR A 53 16.44 3.11 -23.53
CA THR A 53 15.05 2.74 -23.27
C THR A 53 14.95 1.50 -22.38
N ARG A 54 15.69 0.47 -22.73
CA ARG A 54 15.65 -0.76 -21.93
C ARG A 54 16.09 -0.47 -20.49
N THR A 55 17.19 0.28 -20.32
CA THR A 55 17.69 0.48 -18.97
C THR A 55 16.73 1.32 -18.14
N ARG A 56 16.19 2.38 -18.74
CA ARG A 56 15.27 3.27 -18.03
C ARG A 56 14.02 2.51 -17.57
N PHE A 57 13.34 1.86 -18.50
CA PHE A 57 12.08 1.24 -18.14
C PHE A 57 12.30 0.06 -17.21
N SER A 58 13.28 -0.81 -17.52
CA SER A 58 13.44 -2.00 -16.69
C SER A 58 13.84 -1.64 -15.26
N PHE A 59 14.78 -0.70 -15.07
CA PHE A 59 15.15 -0.37 -13.69
C PHE A 59 14.09 0.44 -12.97
N GLU A 60 13.52 1.48 -13.62
CA GLU A 60 12.57 2.31 -12.91
C GLU A 60 11.37 1.49 -12.43
N LEU A 61 10.86 0.61 -13.30
CA LEU A 61 9.70 -0.17 -12.90
C LEU A 61 10.08 -1.31 -11.97
N GLY A 62 11.26 -1.90 -12.19
CA GLY A 62 11.70 -2.96 -11.30
C GLY A 62 11.82 -2.48 -9.87
N ILE A 63 12.45 -1.32 -9.69
CA ILE A 63 12.62 -0.76 -8.35
C ILE A 63 11.27 -0.49 -7.71
N ALA A 64 10.32 0.08 -8.48
CA ALA A 64 8.99 0.31 -7.98
C ALA A 64 8.31 -0.99 -7.54
N GLN A 65 8.54 -2.08 -8.28
CA GLN A 65 7.88 -3.34 -7.98
C GLN A 65 8.52 -4.04 -6.78
N LEU A 66 9.68 -3.59 -6.35
CA LEU A 66 10.29 -3.99 -5.10
C LEU A 66 9.85 -3.11 -3.94
N GLY A 67 8.92 -2.19 -4.18
CA GLY A 67 8.41 -1.27 -3.17
C GLY A 67 9.14 0.06 -3.11
N GLY A 68 10.18 0.23 -3.93
CA GLY A 68 11.05 1.38 -3.80
C GLY A 68 10.65 2.54 -4.72
N HIS A 69 11.48 3.57 -4.70
CA HIS A 69 11.27 4.71 -5.57
C HIS A 69 12.58 5.03 -6.26
N ALA A 70 12.61 4.90 -7.58
CA ALA A 70 13.79 5.24 -8.36
C ALA A 70 13.87 6.75 -8.56
N VAL A 71 15.02 7.35 -8.25
CA VAL A 71 15.30 8.73 -8.59
C VAL A 71 16.16 8.67 -9.83
N VAL A 72 15.57 9.03 -10.97
CA VAL A 72 16.18 8.78 -12.27
C VAL A 72 16.81 10.08 -12.74
N VAL A 73 18.11 10.05 -12.97
CA VAL A 73 18.91 11.24 -13.25
C VAL A 73 19.53 11.10 -14.63
N ASP A 74 19.21 12.05 -15.51
CA ASP A 74 19.96 12.25 -16.75
CA ASP A 74 19.96 12.25 -16.75
C ASP A 74 21.10 13.20 -16.42
N SER A 75 22.31 12.65 -16.31
CA SER A 75 23.42 13.43 -15.78
C SER A 75 23.82 14.59 -16.68
N GLY A 76 23.36 14.62 -17.93
CA GLY A 76 23.59 15.78 -18.78
C GLY A 76 22.89 17.03 -18.28
N SER A 77 21.82 16.88 -17.51
CA SER A 77 21.16 17.98 -16.83
C SER A 77 21.77 18.29 -15.48
N THR A 78 22.93 17.70 -15.15
CA THR A 78 23.57 17.87 -13.86
C THR A 78 25.00 18.35 -14.09
N GLN A 79 25.73 18.57 -13.00
CA GLN A 79 27.15 18.86 -13.06
C GLN A 79 28.01 17.75 -12.44
N LEU A 80 27.61 16.51 -12.76
CA LEU A 80 28.38 15.32 -12.35
C LEU A 80 29.80 15.43 -12.91
N GLY A 81 30.79 15.07 -12.10
CA GLY A 81 32.19 15.19 -12.40
C GLY A 81 32.72 16.60 -12.36
N ARG A 82 31.85 17.60 -12.49
CA ARG A 82 32.28 18.99 -12.68
C ARG A 82 32.21 19.79 -11.40
N ASP A 83 31.04 19.87 -10.76
CA ASP A 83 30.87 20.74 -9.61
C ASP A 83 31.30 20.11 -8.29
N GLU A 84 31.49 18.79 -8.25
CA GLU A 84 32.07 18.16 -7.07
C GLU A 84 32.68 16.83 -7.47
N THR A 85 33.51 16.29 -6.59
CA THR A 85 34.15 15.01 -6.84
C THR A 85 33.15 13.86 -6.82
N LEU A 86 33.47 12.80 -7.58
CA LEU A 86 32.64 11.59 -7.50
C LEU A 86 32.62 11.02 -6.11
N GLN A 87 33.70 11.17 -5.36
CA GLN A 87 33.71 10.70 -3.99
C GLN A 87 32.67 11.45 -3.15
N ASP A 88 32.59 12.76 -3.32
CA ASP A 88 31.58 13.53 -2.59
C ASP A 88 30.17 13.14 -3.02
N THR A 89 29.98 12.91 -4.32
CA THR A 89 28.66 12.50 -4.81
C THR A 89 28.25 11.16 -4.20
N ALA A 90 29.19 10.21 -4.15
CA ALA A 90 28.87 8.90 -3.61
C ALA A 90 28.49 8.98 -2.14
N LYS A 91 29.17 9.84 -1.39
CA LYS A 91 28.87 9.96 0.03
C LYS A 91 27.47 10.52 0.25
N VAL A 92 27.07 11.50 -0.58
CA VAL A 92 25.74 12.09 -0.44
C VAL A 92 24.67 11.10 -0.88
N LEU A 93 24.90 10.43 -2.02
CA LEU A 93 23.95 9.45 -2.50
C LEU A 93 23.69 8.39 -1.45
N SER A 94 24.74 7.92 -0.78
CA SER A 94 24.62 6.86 0.21
C SER A 94 23.75 7.27 1.39
N ARG A 95 23.53 8.57 1.60
CA ARG A 95 22.60 9.04 2.62
C ARG A 95 21.16 9.06 2.13
N TYR A 96 20.92 9.12 0.82
CA TYR A 96 19.55 9.23 0.35
C TYR A 96 18.99 7.92 -0.17
N VAL A 97 19.82 6.99 -0.65
CA VAL A 97 19.34 5.80 -1.35
C VAL A 97 19.99 4.54 -0.79
N ASP A 98 19.39 3.39 -1.10
CA ASP A 98 19.89 2.10 -0.65
C ASP A 98 20.72 1.37 -1.70
N ALA A 99 20.78 1.87 -2.92
CA ALA A 99 21.63 1.32 -3.96
C ALA A 99 21.78 2.38 -5.04
N ILE A 100 22.84 2.25 -5.83
CA ILE A 100 23.16 3.19 -6.90
C ILE A 100 23.31 2.39 -8.19
N VAL A 101 22.48 2.72 -9.18
CA VAL A 101 22.50 2.08 -10.50
C VAL A 101 23.04 3.12 -11.47
N TRP A 102 24.10 2.78 -12.21
CA TRP A 102 24.81 3.80 -12.99
C TRP A 102 25.14 3.26 -14.37
N ARG A 103 24.66 3.96 -15.41
CA ARG A 103 25.07 3.73 -16.79
C ARG A 103 26.12 4.78 -17.11
N THR A 104 27.36 4.34 -17.32
CA THR A 104 28.45 5.28 -17.56
C THR A 104 29.37 4.67 -18.60
N PHE A 105 30.52 5.29 -18.79
CA PHE A 105 31.43 4.89 -19.85
C PHE A 105 32.60 4.10 -19.30
N GLY A 106 33.59 4.78 -18.72
CA GLY A 106 34.78 4.07 -18.27
C GLY A 106 34.54 3.25 -17.01
N GLN A 107 35.11 2.03 -17.00
CA GLN A 107 34.98 1.17 -15.83
C GLN A 107 35.61 1.77 -14.58
N GLU A 108 36.65 2.60 -14.73
CA GLU A 108 37.31 3.11 -13.53
C GLU A 108 36.38 4.00 -12.72
N ARG A 109 35.42 4.67 -13.38
CA ARG A 109 34.46 5.49 -12.65
C ARG A 109 33.56 4.64 -11.80
N LEU A 110 33.05 3.52 -12.36
CA LEU A 110 32.26 2.60 -11.57
C LEU A 110 33.06 2.08 -10.38
N ASP A 111 34.32 1.70 -10.64
CA ASP A 111 35.19 1.21 -9.58
C ASP A 111 35.34 2.25 -8.48
N ALA A 112 35.58 3.50 -8.86
CA ALA A 112 35.75 4.57 -7.87
C ALA A 112 34.48 4.72 -7.04
N MET A 113 33.33 4.79 -7.70
CA MET A 113 32.08 4.98 -6.99
C MET A 113 31.86 3.85 -5.98
N ALA A 114 32.20 2.62 -6.37
CA ALA A 114 31.94 1.46 -5.52
C ALA A 114 32.91 1.40 -4.35
N SER A 115 34.10 1.97 -4.49
CA SER A 115 35.06 1.93 -3.40
C SER A 115 34.71 2.89 -2.26
N VAL A 116 33.80 3.85 -2.48
CA VAL A 116 33.49 4.81 -1.42
C VAL A 116 32.03 4.75 -0.99
N ALA A 117 31.14 4.31 -1.89
CA ALA A 117 29.73 4.22 -1.52
C ALA A 117 29.54 3.18 -0.42
N THR A 118 28.59 3.43 0.47
CA THR A 118 28.24 2.48 1.52
C THR A 118 26.99 1.69 1.17
N VAL A 119 26.60 1.70 -0.10
CA VAL A 119 25.47 0.95 -0.61
C VAL A 119 25.92 0.23 -1.89
N PRO A 120 25.21 -0.82 -2.29
CA PRO A 120 25.59 -1.52 -3.52
C PRO A 120 25.55 -0.60 -4.74
N VAL A 121 26.56 -0.73 -5.59
CA VAL A 121 26.63 -0.04 -6.87
C VAL A 121 26.47 -1.07 -7.98
N ILE A 122 25.60 -0.77 -8.94
CA ILE A 122 25.30 -1.67 -10.06
C ILE A 122 25.68 -1.00 -11.36
N ASN A 123 26.44 -1.73 -12.19
CA ASN A 123 26.75 -1.26 -13.54
C ASN A 123 25.55 -1.53 -14.44
N ALA A 124 24.82 -0.47 -14.82
CA ALA A 124 23.63 -0.65 -15.66
C ALA A 124 23.99 -0.93 -17.11
N LEU A 125 25.22 -0.58 -17.51
CA LEU A 125 25.76 -0.62 -18.86
C LEU A 125 27.01 0.27 -18.87
N SER A 126 28.14 -0.26 -19.34
CA SER A 126 29.36 0.52 -19.43
C SER A 126 30.08 0.18 -20.73
N ASP A 127 31.19 0.88 -20.99
CA ASP A 127 31.95 0.62 -22.20
C ASP A 127 32.46 -0.81 -22.20
N GLU A 128 32.87 -1.31 -21.05
CA GLU A 128 33.55 -2.60 -20.97
C GLU A 128 32.64 -3.80 -20.71
N PHE A 129 31.52 -3.62 -19.98
CA PHE A 129 30.67 -4.75 -19.57
C PHE A 129 29.20 -4.34 -19.64
N HIS A 130 28.33 -5.34 -19.81
CA HIS A 130 26.89 -5.10 -19.70
C HIS A 130 26.35 -6.29 -18.91
N PRO A 131 26.73 -6.42 -17.63
CA PRO A 131 26.40 -7.64 -16.89
C PRO A 131 24.91 -7.82 -16.60
N CYS A 132 24.13 -6.74 -16.54
CA CYS A 132 22.68 -6.91 -16.36
C CYS A 132 22.03 -7.51 -17.60
N GLN A 133 22.49 -7.12 -18.79
CA GLN A 133 21.96 -7.74 -20.00
C GLN A 133 22.27 -9.23 -20.02
N VAL A 134 23.48 -9.61 -19.60
CA VAL A 134 23.80 -11.02 -19.66
C VAL A 134 23.03 -11.82 -18.61
N LEU A 135 22.71 -11.23 -17.45
CA LEU A 135 21.80 -11.93 -16.54
C LEU A 135 20.47 -12.20 -17.22
N ALA A 136 19.91 -11.19 -17.92
CA ALA A 136 18.66 -11.38 -18.66
C ALA A 136 18.82 -12.45 -19.76
N ASP A 137 19.93 -12.40 -20.49
CA ASP A 137 20.24 -13.45 -21.50
C ASP A 137 20.23 -14.85 -20.87
N LEU A 138 20.90 -15.03 -19.73
CA LEU A 138 20.95 -16.33 -19.08
C LEU A 138 19.57 -16.77 -18.62
N GLN A 139 18.77 -15.84 -18.09
CA GLN A 139 17.39 -16.18 -17.73
C GLN A 139 16.63 -16.66 -18.95
N THR A 140 16.81 -15.96 -20.08
CA THR A 140 16.11 -16.33 -21.31
C THR A 140 16.54 -17.70 -21.79
N ILE A 141 17.84 -17.95 -21.80
CA ILE A 141 18.32 -19.27 -22.23
C ILE A 141 17.73 -20.36 -21.35
N ALA A 142 17.75 -20.15 -20.03
CA ALA A 142 17.26 -21.19 -19.12
C ALA A 142 15.78 -21.44 -19.36
N GLU A 143 15.02 -20.38 -19.66
CA GLU A 143 13.59 -20.52 -19.92
C GLU A 143 13.34 -21.44 -21.09
N ARG A 144 14.17 -21.33 -22.12
CA ARG A 144 14.02 -22.07 -23.36
C ARG A 144 14.63 -23.47 -23.28
N LYS A 145 15.73 -23.63 -22.55
CA LYS A 145 16.56 -24.81 -22.69
C LYS A 145 16.78 -25.58 -21.39
N GLY A 146 16.44 -25.01 -20.25
CA GLY A 146 16.62 -25.70 -18.98
C GLY A 146 17.99 -25.42 -18.39
N ALA A 147 18.73 -26.48 -18.08
CA ALA A 147 20.02 -26.33 -17.42
C ALA A 147 21.01 -25.62 -18.33
N LEU A 148 21.72 -24.63 -17.78
CA LEU A 148 22.69 -23.89 -18.57
C LEU A 148 24.00 -24.65 -18.72
N ARG A 149 24.35 -25.47 -17.72
CA ARG A 149 25.66 -26.13 -17.75
C ARG A 149 25.83 -26.98 -19.00
N GLY A 150 26.91 -26.74 -19.72
CA GLY A 150 27.26 -27.53 -20.89
C GLY A 150 26.73 -27.02 -22.21
N LEU A 151 25.85 -26.01 -22.19
CA LEU A 151 25.39 -25.44 -23.46
C LEU A 151 26.55 -24.79 -24.20
N ARG A 152 26.39 -24.67 -25.51
CA ARG A 152 27.39 -24.01 -26.36
C ARG A 152 26.79 -22.71 -26.88
N LEU A 153 27.45 -21.60 -26.56
CA LEU A 153 26.97 -20.28 -26.99
C LEU A 153 28.07 -19.64 -27.84
N SER A 154 27.69 -19.11 -29.01
CA SER A 154 28.63 -18.36 -29.84
C SER A 154 28.13 -16.95 -30.06
N TYR A 155 29.05 -15.99 -29.90
CA TYR A 155 28.81 -14.59 -30.14
C TYR A 155 29.59 -14.17 -31.38
N PHE A 156 28.98 -13.32 -32.20
CA PHE A 156 29.56 -12.91 -33.48
C PHE A 156 29.65 -11.39 -33.55
N GLY A 157 30.78 -10.87 -34.02
CA GLY A 157 30.87 -9.45 -34.30
C GLY A 157 32.11 -8.80 -33.69
N ASP A 158 31.92 -7.70 -32.98
CA ASP A 158 33.02 -7.00 -32.33
C ASP A 158 33.34 -7.74 -31.04
N GLY A 159 34.49 -8.41 -30.99
CA GLY A 159 34.79 -9.25 -29.83
C GLY A 159 35.29 -8.51 -28.62
N ALA A 160 35.38 -7.18 -28.68
CA ALA A 160 35.88 -6.42 -27.54
C ALA A 160 34.86 -5.43 -27.02
N ASN A 161 33.58 -5.57 -27.39
CA ASN A 161 32.63 -4.64 -26.82
C ASN A 161 32.07 -5.19 -25.52
N ASN A 162 31.11 -4.48 -24.97
CA ASN A 162 30.61 -4.85 -23.64
C ASN A 162 29.90 -6.17 -23.62
N MET A 163 29.13 -6.50 -24.68
CA MET A 163 28.43 -7.77 -24.68
C MET A 163 29.37 -8.96 -24.88
N ALA A 164 30.41 -8.81 -25.70
CA ALA A 164 31.36 -9.90 -25.84
C ALA A 164 32.04 -10.20 -24.51
N HIS A 165 32.45 -9.14 -23.80
CA HIS A 165 33.12 -9.32 -22.53
C HIS A 165 32.20 -9.95 -21.51
N SER A 166 30.94 -9.49 -21.47
CA SER A 166 30.05 -10.02 -20.45
C SER A 166 29.53 -11.42 -20.80
N LEU A 167 29.40 -11.74 -22.10
CA LEU A 167 29.04 -13.11 -22.45
C LEU A 167 30.15 -14.07 -22.08
N LEU A 168 31.40 -13.66 -22.27
CA LEU A 168 32.52 -14.49 -21.80
C LEU A 168 32.43 -14.72 -20.29
N LEU A 169 32.38 -13.65 -19.51
CA LEU A 169 32.45 -13.80 -18.06
C LEU A 169 31.19 -14.43 -17.49
N GLY A 170 30.02 -13.88 -17.84
CA GLY A 170 28.78 -14.41 -17.29
C GLY A 170 28.44 -15.78 -17.83
N GLY A 171 28.78 -16.03 -19.10
CA GLY A 171 28.51 -17.33 -19.69
C GLY A 171 29.30 -18.43 -19.01
N VAL A 172 30.61 -18.23 -18.84
CA VAL A 172 31.39 -19.31 -18.22
C VAL A 172 31.05 -19.43 -16.74
N THR A 173 30.63 -18.34 -16.08
CA THR A 173 30.17 -18.45 -14.70
C THR A 173 28.96 -19.40 -14.59
N ALA A 174 28.13 -19.43 -15.63
CA ALA A 174 26.97 -20.33 -15.73
C ALA A 174 27.31 -21.73 -16.22
N GLY A 175 28.57 -22.01 -16.56
CA GLY A 175 28.96 -23.31 -17.08
C GLY A 175 28.78 -23.47 -18.57
N ILE A 176 28.55 -22.37 -19.29
CA ILE A 176 28.36 -22.39 -20.74
C ILE A 176 29.71 -22.32 -21.43
N HIS A 177 29.89 -23.13 -22.47
CA HIS A 177 31.06 -23.03 -23.34
C HIS A 177 30.86 -21.86 -24.29
N VAL A 178 31.68 -20.82 -24.17
CA VAL A 178 31.45 -19.59 -24.89
C VAL A 178 32.49 -19.48 -26.00
N THR A 179 32.02 -19.22 -27.21
CA THR A 179 32.89 -18.92 -28.36
C THR A 179 32.63 -17.49 -28.80
N VAL A 180 33.72 -16.73 -29.00
CA VAL A 180 33.64 -15.40 -29.61
C VAL A 180 34.25 -15.50 -31.00
N ALA A 181 33.44 -15.19 -32.02
CA ALA A 181 33.87 -15.17 -33.42
C ALA A 181 33.99 -13.71 -33.83
N ALA A 182 35.21 -13.27 -34.12
CA ALA A 182 35.46 -11.85 -34.37
C ALA A 182 36.67 -11.72 -35.28
N PRO A 183 36.70 -10.70 -36.13
CA PRO A 183 37.84 -10.51 -37.03
C PRO A 183 39.08 -10.07 -36.27
N GLU A 184 40.22 -10.30 -36.90
CA GLU A 184 41.46 -9.95 -36.24
C GLU A 184 41.49 -8.44 -36.05
N GLY A 185 42.04 -8.01 -34.92
CA GLY A 185 42.00 -6.62 -34.52
C GLY A 185 40.84 -6.25 -33.64
N PHE A 186 39.87 -7.15 -33.48
CA PHE A 186 38.65 -6.86 -32.72
C PHE A 186 38.41 -7.95 -31.68
N LEU A 187 39.48 -8.42 -31.05
CA LEU A 187 39.40 -9.54 -30.13
C LEU A 187 39.17 -9.07 -28.70
N PRO A 188 38.67 -9.95 -27.83
CA PRO A 188 38.42 -9.58 -26.43
C PRO A 188 39.65 -9.00 -25.74
N ASP A 189 39.40 -8.05 -24.84
CA ASP A 189 40.45 -7.55 -23.96
C ASP A 189 41.17 -8.72 -23.28
N PRO A 190 42.50 -8.72 -23.25
CA PRO A 190 43.24 -9.88 -22.72
C PRO A 190 43.00 -10.13 -21.25
N SER A 191 42.81 -9.10 -20.45
CA SER A 191 42.56 -9.35 -19.03
C SER A 191 41.16 -9.94 -18.83
N VAL A 192 40.18 -9.49 -19.61
CA VAL A 192 38.85 -10.11 -19.52
C VAL A 192 38.93 -11.56 -19.96
N ARG A 193 39.61 -11.83 -21.08
CA ARG A 193 39.70 -13.19 -21.58
C ARG A 193 40.38 -14.10 -20.56
N ALA A 194 41.46 -13.63 -19.93
CA ALA A 194 42.13 -14.43 -18.91
C ALA A 194 41.23 -14.69 -17.71
N ALA A 195 40.47 -13.66 -17.29
CA ALA A 195 39.52 -13.86 -16.19
C ALA A 195 38.47 -14.89 -16.56
N ALA A 196 37.98 -14.86 -17.80
CA ALA A 196 36.98 -15.83 -18.21
C ALA A 196 37.55 -17.24 -18.27
N GLU A 197 38.80 -17.38 -18.74
CA GLU A 197 39.41 -18.70 -18.80
C GLU A 197 39.59 -19.28 -17.39
N ARG A 198 39.99 -18.43 -16.44
CA ARG A 198 40.16 -18.90 -15.06
C ARG A 198 38.82 -19.31 -14.44
N ARG A 199 37.78 -18.49 -14.64
CA ARG A 199 36.46 -18.82 -14.12
C ARG A 199 35.89 -20.07 -14.77
N ALA A 200 36.16 -20.25 -16.07
CA ALA A 200 35.71 -21.46 -16.77
C ALA A 200 36.29 -22.73 -16.15
N GLN A 201 37.52 -22.68 -15.63
CA GLN A 201 38.06 -23.85 -14.94
C GLN A 201 37.17 -24.30 -13.78
N ASP A 202 36.62 -23.36 -13.03
CA ASP A 202 35.80 -23.69 -11.86
C ASP A 202 34.46 -24.32 -12.24
N THR A 203 33.97 -24.11 -13.45
CA THR A 203 32.63 -24.55 -13.80
C THR A 203 32.61 -25.64 -14.85
N GLY A 204 33.76 -26.03 -15.37
CA GLY A 204 33.81 -26.97 -16.47
C GLY A 204 33.48 -26.38 -17.83
N ALA A 205 33.38 -25.06 -17.93
CA ALA A 205 33.10 -24.39 -19.19
C ALA A 205 34.40 -24.22 -19.98
N SER A 206 34.36 -23.41 -21.04
CA SER A 206 35.58 -23.12 -21.81
C SER A 206 35.41 -21.80 -22.53
N VAL A 207 36.52 -21.28 -23.03
CA VAL A 207 36.55 -20.04 -23.80
C VAL A 207 37.24 -20.34 -25.12
N THR A 208 36.59 -19.96 -26.22
CA THR A 208 37.17 -20.11 -27.55
C THR A 208 37.07 -18.77 -28.26
N VAL A 209 38.14 -18.36 -28.92
CA VAL A 209 38.11 -17.14 -29.73
C VAL A 209 38.60 -17.51 -31.13
N THR A 210 37.82 -17.17 -32.16
CA THR A 210 38.12 -17.66 -33.48
C THR A 210 37.74 -16.60 -34.52
N ALA A 211 38.40 -16.61 -35.67
CA ALA A 211 37.95 -15.80 -36.79
C ALA A 211 37.07 -16.56 -37.77
N ASP A 212 36.73 -17.81 -37.45
CA ASP A 212 35.99 -18.71 -38.34
C ASP A 212 34.52 -18.73 -37.91
N ALA A 213 33.72 -17.87 -38.54
CA ALA A 213 32.32 -17.74 -38.14
C ALA A 213 31.55 -19.03 -38.39
N HIS A 214 31.81 -19.72 -39.50
CA HIS A 214 31.08 -20.96 -39.72
C HIS A 214 31.41 -22.02 -38.67
N ALA A 215 32.68 -22.13 -38.27
CA ALA A 215 33.03 -23.07 -37.20
C ALA A 215 32.36 -22.67 -35.89
N ALA A 216 32.33 -21.38 -35.59
CA ALA A 216 31.68 -20.93 -34.37
C ALA A 216 30.20 -21.27 -34.35
N ALA A 217 29.54 -21.24 -35.51
CA ALA A 217 28.09 -21.50 -35.54
C ALA A 217 27.77 -22.99 -35.42
N ALA A 218 28.62 -23.86 -35.95
CA ALA A 218 28.31 -25.29 -36.01
C ALA A 218 28.11 -25.88 -34.62
N GLY A 219 26.95 -26.51 -34.42
CA GLY A 219 26.65 -27.16 -33.17
C GLY A 219 26.25 -26.24 -32.02
N ALA A 220 26.14 -24.94 -32.27
CA ALA A 220 25.82 -24.03 -31.19
C ALA A 220 24.37 -24.18 -30.74
N ASP A 221 24.14 -24.04 -29.43
CA ASP A 221 22.79 -23.99 -28.87
C ASP A 221 22.22 -22.58 -28.89
N VAL A 222 23.09 -21.57 -28.84
CA VAL A 222 22.68 -20.17 -28.73
C VAL A 222 23.61 -19.37 -29.62
N LEU A 223 23.04 -18.53 -30.49
CA LEU A 223 23.81 -17.60 -31.31
C LEU A 223 23.47 -16.18 -30.88
N VAL A 224 24.49 -15.34 -30.71
CA VAL A 224 24.33 -13.98 -30.21
C VAL A 224 25.09 -13.02 -31.11
N THR A 225 24.54 -11.84 -31.32
CA THR A 225 25.33 -10.77 -31.91
C THR A 225 24.89 -9.44 -31.29
N ASP A 226 25.53 -8.36 -31.73
CA ASP A 226 25.29 -7.02 -31.23
C ASP A 226 25.69 -6.05 -32.33
N THR A 227 25.39 -4.77 -32.15
CA THR A 227 25.84 -3.82 -33.17
C THR A 227 27.35 -3.83 -33.25
N TRP A 228 27.84 -3.59 -34.46
CA TRP A 228 29.28 -3.65 -34.71
C TRP A 228 30.00 -2.44 -34.16
N THR A 229 29.29 -1.33 -33.96
CA THR A 229 29.86 -0.06 -33.55
C THR A 229 29.01 0.56 -32.43
N SER A 230 29.68 1.01 -31.37
CA SER A 230 29.03 1.82 -30.35
C SER A 230 29.19 3.31 -30.65
N MET A 231 28.48 4.16 -29.89
CA MET A 231 28.51 5.59 -30.18
C MET A 231 29.92 6.16 -30.11
N GLY A 232 30.70 5.72 -29.12
CA GLY A 232 32.06 6.22 -28.98
C GLY A 232 32.96 5.82 -30.13
N GLN A 233 32.65 4.71 -30.82
CA GLN A 233 33.53 4.22 -31.88
C GLN A 233 33.20 4.79 -33.25
N GLU A 234 32.11 5.55 -33.38
CA GLU A 234 31.73 6.11 -34.68
C GLU A 234 32.82 7.00 -35.26
N ASN A 235 33.62 7.63 -34.42
CA ASN A 235 34.68 8.51 -34.89
C ASN A 235 36.07 7.92 -34.67
N ASP A 236 36.19 6.58 -34.63
CA ASP A 236 37.50 5.99 -34.32
C ASP A 236 38.38 5.83 -35.55
N GLY A 237 37.88 6.15 -36.74
CA GLY A 237 38.69 6.13 -37.94
C GLY A 237 38.63 4.84 -38.73
N LEU A 238 38.03 3.79 -38.19
CA LEU A 238 38.01 2.48 -38.84
C LEU A 238 36.81 2.35 -39.77
N ASP A 239 37.01 1.61 -40.86
CA ASP A 239 35.89 0.99 -41.56
C ASP A 239 35.34 -0.12 -40.67
N ARG A 240 34.16 0.10 -40.08
CA ARG A 240 33.58 -0.85 -39.15
C ARG A 240 32.43 -1.63 -39.78
N VAL A 241 32.50 -1.82 -41.11
CA VAL A 241 31.56 -2.65 -41.82
C VAL A 241 32.33 -3.80 -42.48
N LYS A 242 33.35 -3.47 -43.27
CA LYS A 242 34.02 -4.51 -44.05
C LYS A 242 34.56 -5.66 -43.20
N PRO A 243 35.20 -5.45 -42.04
CA PRO A 243 35.73 -6.60 -41.28
C PRO A 243 34.64 -7.52 -40.78
N PHE A 244 33.43 -7.00 -40.57
CA PHE A 244 32.40 -7.74 -39.86
C PHE A 244 31.43 -8.47 -40.79
N ARG A 245 31.42 -8.15 -42.08
CA ARG A 245 30.41 -8.74 -42.95
C ARG A 245 30.41 -10.27 -42.91
N PRO A 246 31.54 -10.97 -42.87
CA PRO A 246 31.49 -12.44 -42.78
C PRO A 246 30.93 -12.94 -41.48
N PHE A 247 30.74 -12.08 -40.48
CA PHE A 247 30.23 -12.49 -39.19
C PHE A 247 28.75 -12.16 -39.01
N GLN A 248 28.07 -11.76 -40.08
CA GLN A 248 26.64 -11.48 -39.98
C GLN A 248 25.85 -12.71 -39.55
N LEU A 249 24.92 -12.52 -38.61
CA LEU A 249 24.06 -13.62 -38.16
C LEU A 249 22.86 -13.62 -39.10
N ASN A 250 22.95 -14.43 -40.16
CA ASN A 250 21.94 -14.56 -41.20
C ASN A 250 21.43 -16.00 -41.22
N SER A 251 20.51 -16.28 -42.15
CA SER A 251 19.86 -17.59 -42.14
C SER A 251 20.84 -18.72 -42.43
N ARG A 252 21.81 -18.47 -43.31
CA ARG A 252 22.83 -19.48 -43.61
C ARG A 252 23.61 -19.84 -42.35
N LEU A 253 24.02 -18.84 -41.58
CA LEU A 253 24.77 -19.09 -40.35
C LEU A 253 23.92 -19.83 -39.34
N LEU A 254 22.67 -19.38 -39.15
CA LEU A 254 21.79 -20.04 -38.18
C LEU A 254 21.56 -21.50 -38.54
N ALA A 255 21.50 -21.82 -39.83
CA ALA A 255 21.24 -23.19 -40.24
C ALA A 255 22.40 -24.13 -39.94
N LEU A 256 23.58 -23.59 -39.67
CA LEU A 256 24.72 -24.41 -39.27
C LEU A 256 24.66 -24.82 -37.80
N ALA A 257 23.86 -24.11 -37.00
CA ALA A 257 23.80 -24.37 -35.58
C ALA A 257 22.89 -25.55 -35.30
N ASP A 258 22.70 -25.85 -34.03
CA ASP A 258 21.79 -26.92 -33.69
C ASP A 258 20.38 -26.59 -34.19
N SER A 259 19.58 -27.62 -34.43
CA SER A 259 18.26 -27.40 -35.05
C SER A 259 17.32 -26.57 -34.17
N ASP A 260 17.43 -26.63 -32.84
CA ASP A 260 16.58 -25.79 -32.00
C ASP A 260 17.38 -24.66 -31.34
N ALA A 261 18.45 -24.21 -31.99
CA ALA A 261 19.22 -23.08 -31.48
C ALA A 261 18.36 -21.84 -31.38
N ILE A 262 18.70 -20.97 -30.41
CA ILE A 262 18.00 -19.71 -30.25
C ILE A 262 18.96 -18.57 -30.49
N VAL A 263 18.41 -17.40 -30.80
CA VAL A 263 19.17 -16.22 -31.17
C VAL A 263 18.88 -15.09 -30.19
N LEU A 264 19.93 -14.44 -29.71
CA LEU A 264 19.86 -13.30 -28.81
C LEU A 264 20.54 -12.10 -29.43
N HIS A 265 20.09 -10.90 -29.03
CA HIS A 265 20.66 -9.66 -29.53
C HIS A 265 20.30 -8.56 -28.54
N CYS A 266 21.29 -7.96 -27.91
CA CYS A 266 21.04 -6.83 -27.04
C CYS A 266 20.60 -5.65 -27.90
N LEU A 267 19.53 -4.99 -27.50
CA LEU A 267 19.02 -3.92 -28.36
C LEU A 267 19.85 -2.64 -28.18
N PRO A 268 19.87 -1.76 -29.21
CA PRO A 268 19.17 -1.78 -30.49
C PRO A 268 19.88 -2.68 -31.51
N ALA A 269 19.21 -2.91 -32.63
CA ALA A 269 19.72 -3.78 -33.67
C ALA A 269 19.67 -3.02 -34.99
N HIS A 270 20.66 -3.31 -35.85
CA HIS A 270 20.75 -2.76 -37.21
C HIS A 270 20.48 -3.89 -38.18
N ARG A 271 19.20 -4.09 -38.52
CA ARG A 271 18.88 -5.16 -39.46
C ARG A 271 19.59 -4.90 -40.78
N GLY A 272 20.19 -5.95 -41.32
CA GLY A 272 21.00 -5.84 -42.53
C GLY A 272 22.49 -5.74 -42.27
N ASP A 273 22.89 -5.34 -41.07
CA ASP A 273 24.29 -5.41 -40.67
C ASP A 273 24.56 -6.69 -39.90
N GLU A 274 24.55 -6.63 -38.55
CA GLU A 274 25.00 -7.78 -37.77
C GLU A 274 23.99 -8.92 -37.77
N ILE A 275 22.73 -8.64 -38.16
CA ILE A 275 21.66 -9.62 -38.13
C ILE A 275 20.70 -9.28 -39.27
N THR A 276 20.03 -10.28 -39.82
CA THR A 276 19.07 -10.06 -40.89
C THR A 276 17.65 -10.06 -40.34
N ASP A 277 16.74 -9.46 -41.12
CA ASP A 277 15.32 -9.51 -40.79
C ASP A 277 14.87 -10.94 -40.54
N ALA A 278 15.23 -11.86 -41.44
CA ALA A 278 14.72 -13.21 -41.37
C ALA A 278 15.05 -13.87 -40.03
N VAL A 279 16.26 -13.63 -39.52
CA VAL A 279 16.68 -14.22 -38.25
C VAL A 279 16.08 -13.45 -37.08
N MET A 280 16.26 -12.12 -37.10
CA MET A 280 15.79 -11.24 -36.02
C MET A 280 14.31 -11.42 -35.72
N ASP A 281 13.50 -11.58 -36.77
CA ASP A 281 12.05 -11.65 -36.64
C ASP A 281 11.53 -13.08 -36.81
N GLY A 282 12.42 -14.06 -36.91
CA GLY A 282 12.05 -15.43 -37.15
C GLY A 282 11.83 -16.26 -35.89
N PRO A 283 11.58 -17.55 -36.08
CA PRO A 283 11.16 -18.41 -34.96
C PRO A 283 12.26 -18.73 -33.96
N ALA A 284 13.54 -18.56 -34.32
CA ALA A 284 14.62 -18.81 -33.39
C ALA A 284 14.91 -17.59 -32.51
N SER A 285 14.36 -16.44 -32.84
CA SER A 285 14.71 -15.22 -32.14
C SER A 285 14.04 -15.18 -30.76
N ALA A 286 14.84 -14.94 -29.74
CA ALA A 286 14.34 -14.72 -28.38
C ALA A 286 14.58 -13.28 -27.92
N VAL A 287 14.74 -12.34 -28.85
CA VAL A 287 15.16 -10.98 -28.51
C VAL A 287 14.12 -10.26 -27.66
N TRP A 288 12.84 -10.53 -27.87
CA TRP A 288 11.87 -9.73 -27.11
C TRP A 288 11.72 -10.26 -25.68
N ASP A 289 11.71 -11.59 -25.52
CA ASP A 289 11.77 -12.15 -24.17
C ASP A 289 13.03 -11.71 -23.45
N GLU A 290 14.14 -11.66 -24.18
CA GLU A 290 15.42 -11.23 -23.63
C GLU A 290 15.32 -9.80 -23.09
N ALA A 291 14.68 -8.91 -23.85
CA ALA A 291 14.51 -7.54 -23.36
C ALA A 291 13.59 -7.50 -22.14
N GLU A 292 12.51 -8.28 -22.17
CA GLU A 292 11.59 -8.27 -21.03
C GLU A 292 12.32 -8.74 -19.78
N ASN A 293 13.18 -9.75 -19.92
CA ASN A 293 13.85 -10.31 -18.76
C ASN A 293 14.86 -9.37 -18.14
N ARG A 294 15.20 -8.25 -18.77
CA ARG A 294 15.95 -7.21 -18.04
C ARG A 294 15.20 -6.81 -16.77
N LEU A 295 13.89 -6.69 -16.87
CA LEU A 295 13.10 -6.30 -15.70
C LEU A 295 13.27 -7.34 -14.58
N HIS A 296 13.05 -8.62 -14.88
CA HIS A 296 13.03 -9.65 -13.85
C HIS A 296 14.43 -9.92 -13.30
N ALA A 297 15.43 -10.02 -14.19
CA ALA A 297 16.79 -10.35 -13.75
C ALA A 297 17.37 -9.23 -12.89
N GLN A 298 17.12 -7.97 -13.27
CA GLN A 298 17.64 -6.85 -12.48
C GLN A 298 16.94 -6.75 -11.12
N LYS A 299 15.64 -7.04 -11.07
CA LYS A 299 14.98 -7.09 -9.77
C LYS A 299 15.63 -8.15 -8.88
N ALA A 300 15.91 -9.32 -9.46
CA ALA A 300 16.52 -10.40 -8.67
C ALA A 300 17.88 -9.97 -8.15
N LEU A 301 18.69 -9.36 -9.02
CA LEU A 301 20.00 -8.86 -8.62
C LEU A 301 19.89 -7.88 -7.47
N LEU A 302 18.95 -6.94 -7.55
CA LEU A 302 18.81 -5.94 -6.50
C LEU A 302 18.41 -6.60 -5.19
N VAL A 303 17.40 -7.48 -5.23
CA VAL A 303 17.01 -8.19 -4.00
C VAL A 303 18.22 -8.88 -3.39
N TRP A 304 18.99 -9.59 -4.23
CA TRP A 304 20.12 -10.36 -3.73
C TRP A 304 21.19 -9.45 -3.13
N LEU A 305 21.55 -8.37 -3.84
CA LEU A 305 22.57 -7.46 -3.30
C LEU A 305 22.11 -6.78 -2.02
N LEU A 306 20.85 -6.36 -1.96
CA LEU A 306 20.36 -5.65 -0.79
C LEU A 306 20.41 -6.55 0.45
N GLU A 307 20.04 -7.82 0.29
CA GLU A 307 20.02 -8.68 1.47
C GLU A 307 21.42 -9.10 1.92
N ARG A 308 22.42 -9.03 1.03
CA ARG A 308 23.79 -9.37 1.37
C ARG A 308 24.59 -8.15 1.83
N SER A 309 23.98 -6.97 1.85
CA SER A 309 24.75 -5.73 2.06
C SER A 309 24.25 -4.92 3.25
N VAL B 3 -7.31 -7.04 -30.68
CA VAL B 3 -8.31 -6.85 -29.62
C VAL B 3 -7.94 -5.63 -28.75
N ILE B 4 -6.81 -5.00 -29.07
CA ILE B 4 -6.29 -3.89 -28.28
C ILE B 4 -6.87 -2.58 -28.79
N ARG B 5 -7.52 -1.84 -27.91
CA ARG B 5 -8.11 -0.56 -28.26
C ARG B 5 -7.11 0.58 -28.09
N HIS B 6 -7.09 1.51 -29.04
CA HIS B 6 -6.31 2.73 -28.95
C HIS B 6 -7.23 3.94 -28.93
N PHE B 7 -6.65 5.09 -28.59
CA PHE B 7 -7.40 6.36 -28.58
C PHE B 7 -6.46 7.43 -29.15
N LEU B 8 -6.52 7.59 -30.48
CA LEU B 8 -5.62 8.47 -31.21
C LEU B 8 -6.33 9.70 -31.74
N ARG B 9 -7.66 9.66 -31.79
CA ARG B 9 -8.51 10.75 -32.26
C ARG B 9 -9.89 10.50 -31.68
N ASP B 10 -10.68 11.56 -31.61
CA ASP B 10 -11.85 11.54 -30.74
C ASP B 10 -12.88 10.50 -31.17
N ASP B 11 -13.01 10.27 -32.47
CA ASP B 11 -14.00 9.35 -32.98
C ASP B 11 -13.53 7.89 -32.91
N ASP B 12 -12.36 7.61 -32.32
CA ASP B 12 -12.03 6.23 -31.99
C ASP B 12 -13.02 5.67 -30.97
N LEU B 13 -13.70 6.52 -30.21
CA LEU B 13 -14.79 6.09 -29.37
C LEU B 13 -16.10 6.29 -30.12
N SER B 14 -16.95 5.28 -30.10
CA SER B 14 -18.33 5.45 -30.54
C SER B 14 -19.09 6.38 -29.59
N PRO B 15 -20.26 6.88 -30.00
CA PRO B 15 -21.06 7.68 -29.04
C PRO B 15 -21.33 6.97 -27.71
N ALA B 16 -21.69 5.68 -27.76
CA ALA B 16 -21.95 4.94 -26.52
C ALA B 16 -20.69 4.76 -25.68
N GLU B 17 -19.56 4.50 -26.34
CA GLU B 17 -18.31 4.32 -25.59
C GLU B 17 -17.84 5.64 -24.98
N GLN B 18 -17.99 6.75 -25.71
CA GLN B 18 -17.64 8.04 -25.14
C GLN B 18 -18.48 8.33 -23.90
N ALA B 19 -19.76 8.00 -23.93
CA ALA B 19 -20.62 8.22 -22.76
C ALA B 19 -20.14 7.39 -21.57
N GLU B 20 -19.69 6.16 -21.82
CA GLU B 20 -19.15 5.33 -20.74
C GLU B 20 -17.93 5.98 -20.11
N VAL B 21 -17.00 6.45 -20.96
CA VAL B 21 -15.78 7.08 -20.46
C VAL B 21 -16.12 8.33 -19.66
N LEU B 22 -17.05 9.15 -20.16
CA LEU B 22 -17.40 10.38 -19.44
C LEU B 22 -18.08 10.07 -18.12
N GLU B 23 -18.92 9.03 -18.08
CA GLU B 23 -19.52 8.61 -16.82
C GLU B 23 -18.46 8.19 -15.84
N LEU B 24 -17.48 7.40 -16.31
CA LEU B 24 -16.39 6.96 -15.46
C LEU B 24 -15.60 8.15 -14.96
N ALA B 25 -15.41 9.18 -15.81
CA ALA B 25 -14.68 10.37 -15.36
C ALA B 25 -15.40 11.04 -14.20
N ALA B 26 -16.73 11.10 -14.25
CA ALA B 26 -17.48 11.69 -13.14
C ALA B 26 -17.33 10.86 -11.87
N GLU B 27 -17.36 9.53 -12.01
CA GLU B 27 -17.19 8.66 -10.84
C GLU B 27 -15.79 8.79 -10.26
N LEU B 28 -14.78 8.89 -11.13
CA LEU B 28 -13.41 9.00 -10.65
C LEU B 28 -13.14 10.35 -10.02
N LYS B 29 -13.78 11.42 -10.52
CA LYS B 29 -13.64 12.71 -9.85
C LYS B 29 -14.15 12.64 -8.42
N LYS B 30 -15.23 11.90 -8.18
CA LYS B 30 -15.76 11.78 -6.83
C LYS B 30 -14.89 10.88 -5.96
N ASP B 31 -14.35 9.80 -6.52
CA ASP B 31 -13.61 8.79 -5.77
C ASP B 31 -12.30 8.48 -6.48
N PRO B 32 -11.29 9.33 -6.30
CA PRO B 32 -10.12 9.31 -7.21
C PRO B 32 -9.20 8.11 -7.03
N VAL B 33 -9.29 7.36 -5.93
CA VAL B 33 -8.41 6.22 -5.78
C VAL B 33 -9.20 4.92 -5.66
N SER B 34 -10.44 4.94 -6.13
CA SER B 34 -11.33 3.78 -6.03
C SER B 34 -11.09 2.75 -7.13
N ARG B 35 -10.34 3.10 -8.18
CA ARG B 35 -10.08 2.19 -9.28
C ARG B 35 -8.58 1.98 -9.34
N ARG B 36 -8.14 0.73 -9.20
CA ARG B 36 -6.71 0.43 -9.14
C ARG B 36 -6.32 -0.68 -10.12
N PRO B 37 -6.62 -0.49 -11.42
CA PRO B 37 -6.27 -1.54 -12.40
C PRO B 37 -4.77 -1.70 -12.59
N LEU B 38 -3.97 -0.72 -12.18
CA LEU B 38 -2.52 -0.78 -12.37
C LEU B 38 -1.79 -1.09 -11.07
N GLN B 39 -2.51 -1.54 -10.04
CA GLN B 39 -1.89 -1.89 -8.76
C GLN B 39 -0.72 -2.85 -8.96
N GLY B 40 0.34 -2.64 -8.20
CA GLY B 40 1.53 -3.46 -8.29
C GLY B 40 2.78 -2.79 -7.76
N PRO B 41 3.26 -1.74 -8.45
CA PRO B 41 2.63 -1.10 -9.61
C PRO B 41 2.92 -1.76 -10.95
N ARG B 42 1.96 -1.66 -11.86
CA ARG B 42 2.16 -1.85 -13.29
C ARG B 42 2.61 -0.54 -13.91
N GLY B 43 3.35 -0.63 -15.01
CA GLY B 43 3.87 0.56 -15.66
C GLY B 43 2.99 1.12 -16.77
N VAL B 44 3.14 2.43 -17.00
CA VAL B 44 2.59 3.11 -18.17
C VAL B 44 3.70 4.02 -18.71
N ALA B 45 3.98 3.93 -20.00
CA ALA B 45 4.92 4.84 -20.62
C ALA B 45 4.24 6.17 -20.90
N VAL B 46 4.92 7.27 -20.57
CA VAL B 46 4.45 8.62 -20.89
C VAL B 46 5.60 9.32 -21.62
N ILE B 47 5.50 9.41 -22.95
CA ILE B 47 6.59 9.84 -23.81
C ILE B 47 6.26 11.19 -24.42
N PHE B 48 7.17 12.16 -24.28
CA PHE B 48 6.99 13.51 -24.82
C PHE B 48 8.02 13.77 -25.92
N ASP B 49 7.56 13.87 -27.17
CA ASP B 49 8.48 14.35 -28.19
C ASP B 49 8.69 15.85 -28.07
N LYS B 50 7.73 16.54 -27.44
CA LYS B 50 7.84 17.93 -27.04
C LYS B 50 7.21 18.01 -25.67
N ASN B 51 7.88 18.69 -24.73
CA ASN B 51 7.41 18.70 -23.35
C ASN B 51 6.07 19.43 -23.25
N SER B 52 5.24 18.96 -22.31
CA SER B 52 4.01 19.65 -21.95
C SER B 52 3.81 19.48 -20.45
N THR B 53 3.99 20.56 -19.70
CA THR B 53 3.96 20.45 -18.24
C THR B 53 2.59 20.01 -17.75
N ARG B 54 1.51 20.59 -18.30
CA ARG B 54 0.20 20.21 -17.79
C ARG B 54 -0.23 18.82 -18.26
N THR B 55 0.23 18.39 -19.44
CA THR B 55 0.04 17.00 -19.82
C THR B 55 0.81 16.06 -18.90
N ARG B 56 2.02 16.45 -18.49
CA ARG B 56 2.76 15.60 -17.57
C ARG B 56 2.06 15.49 -16.22
N PHE B 57 1.62 16.62 -15.65
CA PHE B 57 0.98 16.53 -14.34
C PHE B 57 -0.26 15.67 -14.38
N SER B 58 -1.12 15.89 -15.38
CA SER B 58 -2.39 15.18 -15.36
C SER B 58 -2.20 13.67 -15.58
N PHE B 59 -1.33 13.29 -16.52
CA PHE B 59 -1.14 11.86 -16.77
C PHE B 59 -0.33 11.20 -15.67
N GLU B 60 0.75 11.84 -15.22
CA GLU B 60 1.62 11.18 -14.25
C GLU B 60 0.89 10.93 -12.93
N LEU B 61 0.15 11.92 -12.44
CA LEU B 61 -0.61 11.72 -11.20
C LEU B 61 -1.80 10.80 -11.42
N GLY B 62 -2.43 10.88 -12.58
CA GLY B 62 -3.58 10.01 -12.82
C GLY B 62 -3.18 8.54 -12.81
N ILE B 63 -2.07 8.23 -13.47
CA ILE B 63 -1.59 6.86 -13.50
C ILE B 63 -1.24 6.39 -12.09
N ALA B 64 -0.58 7.25 -11.31
CA ALA B 64 -0.26 6.89 -9.94
C ALA B 64 -1.52 6.61 -9.12
N GLN B 65 -2.60 7.38 -9.34
CA GLN B 65 -3.82 7.19 -8.58
C GLN B 65 -4.60 5.96 -9.03
N LEU B 66 -4.25 5.41 -10.20
CA LEU B 66 -4.72 4.09 -10.58
C LEU B 66 -3.86 2.97 -10.01
N GLY B 67 -2.90 3.28 -9.15
CA GLY B 67 -2.00 2.31 -8.58
C GLY B 67 -0.74 2.05 -9.39
N GLY B 68 -0.60 2.68 -10.56
CA GLY B 68 0.49 2.39 -11.45
C GLY B 68 1.68 3.31 -11.25
N HIS B 69 2.69 3.11 -12.10
CA HIS B 69 3.88 3.95 -12.09
C HIS B 69 4.15 4.44 -13.51
N ALA B 70 4.08 5.75 -13.71
CA ALA B 70 4.37 6.34 -15.02
C ALA B 70 5.88 6.44 -15.18
N VAL B 71 6.41 5.89 -16.27
CA VAL B 71 7.79 6.11 -16.67
C VAL B 71 7.75 7.25 -17.66
N VAL B 72 8.19 8.44 -17.24
CA VAL B 72 8.04 9.65 -18.04
C VAL B 72 9.33 9.91 -18.78
N VAL B 73 9.23 10.05 -20.10
CA VAL B 73 10.39 10.28 -20.95
C VAL B 73 10.23 11.68 -21.54
N ASP B 74 11.05 12.62 -21.09
CA ASP B 74 11.01 14.01 -21.57
C ASP B 74 11.64 14.13 -22.96
N SER B 75 11.46 15.31 -23.56
CA SER B 75 11.84 15.47 -24.96
C SER B 75 13.35 15.37 -25.14
N GLY B 76 14.13 15.81 -24.15
CA GLY B 76 15.57 15.59 -24.23
C GLY B 76 15.91 14.13 -24.38
N SER B 77 15.21 13.27 -23.66
CA SER B 77 15.47 11.83 -23.65
C SER B 77 14.73 11.09 -24.76
N THR B 78 13.94 11.78 -25.57
CA THR B 78 13.08 11.13 -26.55
C THR B 78 13.75 10.94 -27.91
N GLN B 79 14.96 11.46 -28.10
CA GLN B 79 15.58 11.33 -29.40
C GLN B 79 16.26 9.97 -29.51
N LEU B 80 15.98 9.25 -30.58
CA LEU B 80 16.42 7.87 -30.70
C LEU B 80 17.88 7.82 -31.16
N GLY B 81 18.69 7.06 -30.44
CA GLY B 81 20.09 6.95 -30.72
C GLY B 81 20.34 6.09 -31.94
N ARG B 82 21.63 5.85 -32.17
CA ARG B 82 22.05 5.03 -33.32
C ARG B 82 21.36 3.68 -33.29
N ASP B 83 20.77 3.30 -34.43
CA ASP B 83 20.15 2.00 -34.70
C ASP B 83 18.81 1.77 -33.98
N GLU B 84 18.36 2.70 -33.14
CA GLU B 84 17.03 2.60 -32.54
C GLU B 84 15.97 2.81 -33.61
N THR B 85 14.80 2.16 -33.42
CA THR B 85 13.67 2.35 -34.33
C THR B 85 12.37 2.43 -33.55
N LEU B 86 11.35 3.02 -34.19
CA LEU B 86 10.04 3.15 -33.55
C LEU B 86 9.35 1.80 -33.37
N GLN B 87 9.45 0.93 -34.37
CA GLN B 87 8.83 -0.39 -34.28
C GLN B 87 9.46 -1.21 -33.17
N ASP B 88 10.79 -1.24 -33.10
CA ASP B 88 11.43 -1.98 -32.02
C ASP B 88 11.16 -1.34 -30.67
N THR B 89 11.02 -0.02 -30.63
CA THR B 89 10.65 0.64 -29.38
C THR B 89 9.28 0.17 -28.91
N ALA B 90 8.31 0.07 -29.84
CA ALA B 90 6.96 -0.33 -29.45
C ALA B 90 6.92 -1.75 -28.93
N LYS B 91 7.64 -2.66 -29.61
CA LYS B 91 7.71 -4.04 -29.16
C LYS B 91 8.33 -4.16 -27.77
N VAL B 92 9.40 -3.39 -27.51
CA VAL B 92 10.03 -3.47 -26.19
C VAL B 92 9.13 -2.86 -25.12
N LEU B 93 8.55 -1.70 -25.39
CA LEU B 93 7.68 -1.07 -24.39
C LEU B 93 6.52 -1.99 -24.02
N SER B 94 5.99 -2.72 -25.01
CA SER B 94 4.88 -3.65 -24.74
C SER B 94 5.24 -4.73 -23.74
N ARG B 95 6.54 -5.01 -23.54
CA ARG B 95 6.95 -5.98 -22.53
C ARG B 95 7.12 -5.37 -21.16
N TYR B 96 7.22 -4.04 -21.05
CA TYR B 96 7.43 -3.42 -19.76
C TYR B 96 6.21 -2.72 -19.19
N VAL B 97 5.31 -2.21 -20.03
CA VAL B 97 4.21 -1.37 -19.56
C VAL B 97 2.87 -1.91 -20.07
N ASP B 98 1.80 -1.42 -19.45
CA ASP B 98 0.45 -1.86 -19.81
C ASP B 98 -0.26 -0.89 -20.74
N ALA B 99 0.34 0.25 -21.03
CA ALA B 99 -0.23 1.24 -21.95
C ALA B 99 0.86 2.23 -22.29
N ILE B 100 0.70 2.90 -23.44
CA ILE B 100 1.66 3.88 -23.95
C ILE B 100 0.92 5.17 -24.20
N VAL B 101 1.31 6.23 -23.50
CA VAL B 101 0.78 7.58 -23.70
C VAL B 101 1.85 8.37 -24.42
N TRP B 102 1.49 9.01 -25.54
CA TRP B 102 2.53 9.62 -26.38
C TRP B 102 2.10 10.99 -26.87
N ARG B 103 2.93 12.00 -26.62
CA ARG B 103 2.75 13.32 -27.22
C ARG B 103 3.73 13.41 -28.38
N THR B 104 3.21 13.47 -29.61
CA THR B 104 4.09 13.51 -30.78
C THR B 104 3.46 14.45 -31.79
N PHE B 105 3.99 14.44 -33.01
CA PHE B 105 3.58 15.44 -33.98
C PHE B 105 2.64 14.83 -35.01
N GLY B 106 3.18 14.16 -36.03
CA GLY B 106 2.35 13.65 -37.10
C GLY B 106 1.52 12.46 -36.66
N GLN B 107 0.30 12.38 -37.19
CA GLN B 107 -0.58 11.26 -36.86
C GLN B 107 0.00 9.94 -37.37
N GLU B 108 0.83 9.99 -38.41
CA GLU B 108 1.37 8.77 -38.97
C GLU B 108 2.24 8.02 -37.96
N ARG B 109 2.93 8.75 -37.08
CA ARG B 109 3.73 8.10 -36.04
C ARG B 109 2.85 7.38 -35.03
N LEU B 110 1.76 8.03 -34.60
CA LEU B 110 0.82 7.38 -33.68
C LEU B 110 0.20 6.14 -34.30
N ASP B 111 -0.22 6.24 -35.56
CA ASP B 111 -0.82 5.09 -36.22
C ASP B 111 0.17 3.93 -36.26
N ALA B 112 1.45 4.23 -36.49
CA ALA B 112 2.46 3.17 -36.56
C ALA B 112 2.67 2.51 -35.20
N MET B 113 2.80 3.31 -34.15
CA MET B 113 2.98 2.76 -32.80
C MET B 113 1.80 1.87 -32.44
N ALA B 114 0.58 2.32 -32.75
CA ALA B 114 -0.61 1.57 -32.39
C ALA B 114 -0.68 0.23 -33.12
N SER B 115 -0.24 0.19 -34.38
CA SER B 115 -0.37 -1.05 -35.12
C SER B 115 0.65 -2.10 -34.67
N VAL B 116 1.71 -1.69 -33.99
CA VAL B 116 2.76 -2.60 -33.56
C VAL B 116 2.61 -2.96 -32.09
N ALA B 117 2.31 -1.98 -31.24
CA ALA B 117 2.19 -2.23 -29.81
C ALA B 117 1.06 -3.20 -29.52
N THR B 118 1.24 -4.01 -28.48
CA THR B 118 0.22 -4.92 -28.00
C THR B 118 -0.41 -4.42 -26.71
N VAL B 119 -0.27 -3.13 -26.44
CA VAL B 119 -0.95 -2.47 -25.35
C VAL B 119 -1.62 -1.22 -25.91
N PRO B 120 -2.62 -0.68 -25.22
CA PRO B 120 -3.28 0.53 -25.72
C PRO B 120 -2.32 1.72 -25.85
N VAL B 121 -2.50 2.46 -26.95
CA VAL B 121 -1.76 3.69 -27.24
C VAL B 121 -2.73 4.86 -27.15
N ILE B 122 -2.34 5.90 -26.42
CA ILE B 122 -3.15 7.10 -26.23
C ILE B 122 -2.40 8.29 -26.79
N ASN B 123 -3.09 9.07 -27.62
CA ASN B 123 -2.59 10.35 -28.12
C ASN B 123 -2.75 11.38 -27.01
N ALA B 124 -1.63 11.75 -26.36
CA ALA B 124 -1.69 12.76 -25.30
C ALA B 124 -1.96 14.15 -25.83
N LEU B 125 -1.64 14.39 -27.10
CA LEU B 125 -1.61 15.68 -27.79
C LEU B 125 -0.81 15.48 -29.08
N SER B 126 -1.36 15.88 -30.23
CA SER B 126 -0.64 15.72 -31.49
C SER B 126 -0.91 16.94 -32.37
N ASP B 127 -0.26 16.98 -33.54
CA ASP B 127 -0.50 18.07 -34.47
C ASP B 127 -1.96 18.14 -34.88
N GLU B 128 -2.57 16.97 -35.15
CA GLU B 128 -3.89 16.92 -35.75
C GLU B 128 -5.04 16.87 -34.75
N PHE B 129 -4.83 16.32 -33.56
CA PHE B 129 -5.92 16.10 -32.61
C PHE B 129 -5.45 16.33 -31.18
N HIS B 130 -6.39 16.69 -30.30
CA HIS B 130 -6.09 16.71 -28.87
C HIS B 130 -7.29 16.11 -28.15
N PRO B 131 -7.50 14.80 -28.33
CA PRO B 131 -8.75 14.19 -27.90
C PRO B 131 -8.88 14.06 -26.42
N CYS B 132 -7.76 14.02 -25.67
CA CYS B 132 -7.90 13.98 -24.22
C CYS B 132 -8.38 15.32 -23.66
N GLN B 133 -7.93 16.44 -24.25
CA GLN B 133 -8.47 17.73 -23.84
C GLN B 133 -9.98 17.79 -24.07
N VAL B 134 -10.45 17.25 -25.19
CA VAL B 134 -11.88 17.35 -25.45
C VAL B 134 -12.67 16.44 -24.51
N LEU B 135 -12.12 15.29 -24.10
CA LEU B 135 -12.80 14.54 -23.04
C LEU B 135 -12.93 15.38 -21.78
N ALA B 136 -11.86 16.07 -21.38
CA ALA B 136 -11.94 16.96 -20.21
C ALA B 136 -12.96 18.08 -20.44
N ASP B 137 -13.00 18.62 -21.66
CA ASP B 137 -13.96 19.67 -21.97
C ASP B 137 -15.39 19.17 -21.83
N LEU B 138 -15.68 17.98 -22.37
CA LEU B 138 -17.03 17.43 -22.28
C LEU B 138 -17.40 17.12 -20.84
N GLN B 139 -16.45 16.59 -20.05
CA GLN B 139 -16.76 16.38 -18.63
C GLN B 139 -17.11 17.70 -17.95
N THR B 140 -16.39 18.78 -18.30
CA THR B 140 -16.65 20.09 -17.72
C THR B 140 -18.03 20.61 -18.11
N ILE B 141 -18.37 20.51 -19.40
CA ILE B 141 -19.70 20.94 -19.86
C ILE B 141 -20.80 20.15 -19.14
N ALA B 142 -20.62 18.83 -19.01
CA ALA B 142 -21.66 17.99 -18.43
C ALA B 142 -21.90 18.32 -16.97
N GLU B 143 -20.84 18.55 -16.20
CA GLU B 143 -21.07 18.77 -14.78
C GLU B 143 -21.69 20.13 -14.52
N ARG B 144 -21.60 21.05 -15.49
CA ARG B 144 -22.24 22.35 -15.36
C ARG B 144 -23.61 22.41 -16.00
N LYS B 145 -23.86 21.63 -17.05
CA LYS B 145 -25.08 21.76 -17.80
C LYS B 145 -25.92 20.49 -17.89
N GLY B 146 -25.41 19.36 -17.46
CA GLY B 146 -26.15 18.11 -17.53
C GLY B 146 -25.97 17.43 -18.88
N ALA B 147 -27.07 17.15 -19.56
CA ALA B 147 -27.02 16.41 -20.81
C ALA B 147 -26.28 17.20 -21.89
N LEU B 148 -25.40 16.51 -22.62
CA LEU B 148 -24.64 17.13 -23.68
C LEU B 148 -25.44 17.21 -24.98
N ARG B 149 -26.32 16.25 -25.20
CA ARG B 149 -27.06 16.16 -26.45
C ARG B 149 -27.85 17.43 -26.73
N GLY B 150 -27.63 18.02 -27.90
CA GLY B 150 -28.41 19.17 -28.33
C GLY B 150 -27.81 20.52 -27.98
N LEU B 151 -26.78 20.56 -27.13
CA LEU B 151 -26.10 21.82 -26.85
C LEU B 151 -25.43 22.37 -28.11
N ARG B 152 -25.17 23.67 -28.09
CA ARG B 152 -24.51 24.38 -29.17
C ARG B 152 -23.16 24.85 -28.66
N LEU B 153 -22.09 24.41 -29.32
CA LEU B 153 -20.74 24.80 -28.96
C LEU B 153 -20.09 25.49 -30.14
N SER B 154 -19.43 26.62 -29.89
CA SER B 154 -18.69 27.33 -30.93
C SER B 154 -17.24 27.49 -30.50
N TYR B 155 -16.34 27.16 -31.42
CA TYR B 155 -14.92 27.35 -31.26
C TYR B 155 -14.48 28.52 -32.12
N PHE B 156 -13.64 29.40 -31.57
CA PHE B 156 -13.23 30.62 -32.24
C PHE B 156 -11.71 30.64 -32.43
N GLY B 157 -11.27 31.09 -33.60
CA GLY B 157 -9.86 31.32 -33.82
C GLY B 157 -9.22 30.54 -34.95
N ASP B 158 -8.20 29.74 -34.64
CA ASP B 158 -7.49 28.93 -35.64
C ASP B 158 -8.27 27.64 -35.83
N GLY B 159 -9.05 27.57 -36.92
CA GLY B 159 -9.90 26.42 -37.15
C GLY B 159 -9.21 25.24 -37.79
N ALA B 160 -7.90 25.33 -37.98
CA ALA B 160 -7.13 24.25 -38.58
C ALA B 160 -6.33 23.47 -37.55
N ASN B 161 -6.37 23.84 -36.27
CA ASN B 161 -5.47 23.25 -35.31
C ASN B 161 -6.10 22.03 -34.64
N ASN B 162 -5.35 21.44 -33.70
CA ASN B 162 -5.78 20.18 -33.10
C ASN B 162 -7.07 20.35 -32.30
N MET B 163 -7.25 21.50 -31.65
CA MET B 163 -8.44 21.71 -30.84
C MET B 163 -9.70 21.81 -31.70
N ALA B 164 -9.61 22.52 -32.84
CA ALA B 164 -10.74 22.60 -33.75
C ALA B 164 -11.15 21.22 -34.25
N HIS B 165 -10.17 20.40 -34.64
CA HIS B 165 -10.48 19.06 -35.13
C HIS B 165 -11.13 18.19 -34.06
N SER B 166 -10.59 18.24 -32.84
CA SER B 166 -11.11 17.37 -31.80
C SER B 166 -12.46 17.87 -31.28
N LEU B 167 -12.65 19.20 -31.21
CA LEU B 167 -13.96 19.70 -30.83
C LEU B 167 -15.02 19.31 -31.85
N LEU B 168 -14.69 19.34 -33.14
CA LEU B 168 -15.60 18.80 -34.15
C LEU B 168 -15.91 17.33 -33.91
N LEU B 169 -14.87 16.49 -33.80
CA LEU B 169 -15.13 15.05 -33.76
C LEU B 169 -15.68 14.62 -32.42
N GLY B 170 -15.05 15.06 -31.33
CA GLY B 170 -15.52 14.70 -30.01
C GLY B 170 -16.86 15.35 -29.70
N GLY B 171 -17.05 16.58 -30.17
CA GLY B 171 -18.31 17.27 -29.94
C GLY B 171 -19.48 16.60 -30.61
N VAL B 172 -19.38 16.30 -31.91
CA VAL B 172 -20.52 15.66 -32.58
C VAL B 172 -20.72 14.25 -32.05
N THR B 173 -19.65 13.59 -31.57
CA THR B 173 -19.84 12.28 -30.95
C THR B 173 -20.72 12.35 -29.71
N ALA B 174 -20.67 13.47 -28.99
CA ALA B 174 -21.51 13.67 -27.81
C ALA B 174 -22.90 14.22 -28.15
N GLY B 175 -23.20 14.44 -29.42
CA GLY B 175 -24.48 15.01 -29.81
C GLY B 175 -24.53 16.51 -29.81
N ILE B 176 -23.39 17.18 -29.73
CA ILE B 176 -23.32 18.64 -29.64
C ILE B 176 -23.28 19.22 -31.04
N HIS B 177 -24.04 20.28 -31.27
CA HIS B 177 -23.97 21.02 -32.54
C HIS B 177 -22.73 21.89 -32.49
N VAL B 178 -21.73 21.59 -33.33
CA VAL B 178 -20.43 22.25 -33.26
C VAL B 178 -20.31 23.27 -34.38
N THR B 179 -19.91 24.49 -34.03
CA THR B 179 -19.57 25.53 -35.00
C THR B 179 -18.11 25.91 -34.82
N VAL B 180 -17.38 26.01 -35.93
CA VAL B 180 -16.03 26.54 -35.94
C VAL B 180 -16.07 27.90 -36.62
N ALA B 181 -15.63 28.95 -35.91
CA ALA B 181 -15.53 30.29 -36.46
C ALA B 181 -14.06 30.64 -36.64
N ALA B 182 -13.63 30.82 -37.89
CA ALA B 182 -12.22 30.94 -38.23
C ALA B 182 -12.09 31.68 -39.55
N PRO B 183 -10.96 32.36 -39.79
CA PRO B 183 -10.75 33.02 -41.09
C PRO B 183 -10.37 32.01 -42.17
N GLU B 184 -10.44 32.45 -43.44
CA GLU B 184 -10.47 31.47 -44.53
C GLU B 184 -9.17 30.68 -44.67
N GLY B 185 -8.02 31.27 -44.34
CA GLY B 185 -6.83 30.44 -44.44
C GLY B 185 -6.62 29.43 -43.33
N PHE B 186 -7.55 29.33 -42.38
CA PHE B 186 -7.33 28.57 -41.16
C PHE B 186 -8.58 27.75 -40.82
N LEU B 187 -8.99 26.90 -41.76
CA LEU B 187 -10.21 26.12 -41.66
C LEU B 187 -9.91 24.65 -41.39
N PRO B 188 -10.89 23.89 -40.91
CA PRO B 188 -10.63 22.48 -40.59
C PRO B 188 -10.12 21.69 -41.79
N ASP B 189 -9.26 20.71 -41.50
CA ASP B 189 -8.86 19.79 -42.55
C ASP B 189 -10.11 19.12 -43.14
N PRO B 190 -10.24 19.04 -44.46
CA PRO B 190 -11.51 18.56 -45.04
C PRO B 190 -11.84 17.09 -44.79
N SER B 191 -10.87 16.21 -44.55
CA SER B 191 -11.29 14.85 -44.21
C SER B 191 -11.77 14.78 -42.75
N VAL B 192 -11.23 15.62 -41.85
CA VAL B 192 -11.77 15.69 -40.48
C VAL B 192 -13.18 16.26 -40.50
N ARG B 193 -13.39 17.34 -41.25
CA ARG B 193 -14.73 17.89 -41.36
C ARG B 193 -15.74 16.86 -41.83
N ALA B 194 -15.37 16.06 -42.85
CA ALA B 194 -16.30 15.08 -43.39
C ALA B 194 -16.54 13.94 -42.42
N ALA B 195 -15.51 13.55 -41.66
CA ALA B 195 -15.71 12.56 -40.61
C ALA B 195 -16.64 13.09 -39.53
N ALA B 196 -16.51 14.37 -39.17
CA ALA B 196 -17.40 14.95 -38.17
C ALA B 196 -18.82 15.05 -38.69
N GLU B 197 -18.99 15.47 -39.95
CA GLU B 197 -20.32 15.54 -40.52
C GLU B 197 -20.98 14.16 -40.55
N ARG B 198 -20.20 13.12 -40.83
CA ARG B 198 -20.74 11.77 -40.87
C ARG B 198 -21.14 11.30 -39.47
N ARG B 199 -20.25 11.48 -38.49
CA ARG B 199 -20.57 11.06 -37.14
C ARG B 199 -21.79 11.80 -36.61
N ALA B 200 -21.98 13.06 -37.01
CA ALA B 200 -23.10 13.86 -36.54
C ALA B 200 -24.44 13.30 -36.99
N GLN B 201 -24.48 12.58 -38.11
CA GLN B 201 -25.74 11.99 -38.53
C GLN B 201 -26.24 10.93 -37.57
N ASP B 202 -25.35 10.30 -36.80
CA ASP B 202 -25.73 9.24 -35.88
C ASP B 202 -26.21 9.78 -34.54
N THR B 203 -25.87 11.01 -34.19
CA THR B 203 -26.11 11.54 -32.87
C THR B 203 -27.12 12.69 -32.86
N GLY B 204 -27.61 13.11 -34.01
CA GLY B 204 -28.47 14.28 -34.08
C GLY B 204 -27.73 15.59 -33.99
N ALA B 205 -26.41 15.58 -34.14
CA ALA B 205 -25.59 16.79 -34.05
C ALA B 205 -25.48 17.43 -35.43
N SER B 206 -24.58 18.40 -35.55
CA SER B 206 -24.36 19.09 -36.81
C SER B 206 -23.00 19.78 -36.79
N VAL B 207 -22.53 20.14 -37.98
CA VAL B 207 -21.25 20.80 -38.19
C VAL B 207 -21.49 22.08 -38.98
N THR B 208 -20.93 23.19 -38.49
CA THR B 208 -20.97 24.48 -39.19
C THR B 208 -19.57 25.08 -39.18
N VAL B 209 -19.16 25.63 -40.30
CA VAL B 209 -17.90 26.37 -40.41
C VAL B 209 -18.22 27.73 -40.98
N THR B 210 -17.83 28.79 -40.28
CA THR B 210 -18.21 30.13 -40.67
C THR B 210 -17.07 31.10 -40.36
N ALA B 211 -17.03 32.21 -41.10
CA ALA B 211 -16.16 33.32 -40.78
C ALA B 211 -16.86 34.40 -39.95
N ASP B 212 -18.11 34.16 -39.58
CA ASP B 212 -18.92 35.16 -38.90
C ASP B 212 -18.93 34.85 -37.40
N ALA B 213 -18.04 35.52 -36.67
CA ALA B 213 -17.92 35.24 -35.23
C ALA B 213 -19.19 35.65 -34.48
N HIS B 214 -19.84 36.72 -34.94
CA HIS B 214 -21.10 37.14 -34.34
C HIS B 214 -22.13 36.02 -34.40
N ALA B 215 -22.32 35.45 -35.60
CA ALA B 215 -23.30 34.39 -35.77
C ALA B 215 -22.92 33.13 -35.01
N ALA B 216 -21.62 32.85 -34.90
CA ALA B 216 -21.19 31.68 -34.15
C ALA B 216 -21.50 31.82 -32.67
N ALA B 217 -21.40 33.03 -32.13
CA ALA B 217 -21.62 33.23 -30.71
C ALA B 217 -23.10 33.29 -30.37
N ALA B 218 -23.92 33.76 -31.30
CA ALA B 218 -25.34 33.96 -31.02
C ALA B 218 -25.98 32.64 -30.61
N GLY B 219 -26.53 32.60 -29.39
CA GLY B 219 -27.20 31.41 -28.91
C GLY B 219 -26.29 30.27 -28.50
N ALA B 220 -24.98 30.49 -28.49
CA ALA B 220 -24.06 29.42 -28.08
C ALA B 220 -24.22 29.09 -26.60
N ASP B 221 -24.10 27.80 -26.28
CA ASP B 221 -24.08 27.33 -24.91
C ASP B 221 -22.66 27.18 -24.38
N VAL B 222 -21.71 26.95 -25.26
CA VAL B 222 -20.31 26.79 -24.89
C VAL B 222 -19.49 27.55 -25.92
N LEU B 223 -18.58 28.38 -25.45
CA LEU B 223 -17.69 29.13 -26.33
C LEU B 223 -16.25 28.79 -25.97
N VAL B 224 -15.48 28.39 -26.97
CA VAL B 224 -14.14 27.84 -26.78
C VAL B 224 -13.16 28.62 -27.64
N THR B 225 -11.95 28.83 -27.12
CA THR B 225 -10.86 29.31 -27.96
C THR B 225 -9.55 28.68 -27.49
N ASP B 226 -8.46 29.10 -28.12
CA ASP B 226 -7.14 28.49 -28.00
C ASP B 226 -6.15 29.51 -28.53
N THR B 227 -4.90 29.39 -28.13
CA THR B 227 -3.88 30.31 -28.64
C THR B 227 -3.85 30.29 -30.16
N TRP B 228 -3.64 31.47 -30.75
CA TRP B 228 -3.71 31.64 -32.19
C TRP B 228 -2.49 31.10 -32.91
N THR B 229 -1.37 30.97 -32.21
CA THR B 229 -0.10 30.55 -32.82
C THR B 229 -0.06 29.07 -33.18
N ASP B 239 2.06 41.73 -38.87
CA ASP B 239 1.59 40.74 -37.89
C ASP B 239 1.12 39.46 -38.58
N ARG B 240 1.41 38.33 -37.95
CA ARG B 240 0.92 37.04 -38.41
C ARG B 240 -0.40 36.66 -37.76
N VAL B 241 -0.93 37.51 -36.88
CA VAL B 241 -2.12 37.21 -36.10
C VAL B 241 -3.28 38.15 -36.42
N LYS B 242 -3.13 38.99 -37.45
CA LYS B 242 -4.23 39.87 -37.85
C LYS B 242 -5.51 39.13 -38.25
N PRO B 243 -5.48 38.03 -39.02
CA PRO B 243 -6.75 37.39 -39.40
C PRO B 243 -7.57 36.92 -38.23
N PHE B 244 -6.95 36.75 -37.06
CA PHE B 244 -7.68 36.18 -35.94
C PHE B 244 -8.31 37.20 -35.00
N ARG B 245 -7.87 38.44 -34.98
CA ARG B 245 -8.42 39.47 -34.05
C ARG B 245 -9.98 39.51 -34.10
N PRO B 246 -10.72 39.49 -35.25
CA PRO B 246 -12.19 39.50 -35.21
C PRO B 246 -12.78 38.34 -34.43
N PHE B 247 -11.99 37.30 -34.11
CA PHE B 247 -12.48 36.13 -33.41
C PHE B 247 -12.09 36.13 -31.93
N GLN B 248 -11.55 37.25 -31.42
CA GLN B 248 -11.18 37.32 -30.02
C GLN B 248 -12.40 37.06 -29.15
N LEU B 249 -12.24 36.17 -28.17
CA LEU B 249 -13.33 35.82 -27.27
C LEU B 249 -13.33 36.89 -26.17
N ASN B 250 -14.09 37.96 -26.40
CA ASN B 250 -14.14 39.11 -25.50
C ASN B 250 -15.54 39.25 -24.92
N SER B 251 -15.72 40.29 -24.09
CA SER B 251 -16.98 40.48 -23.40
C SER B 251 -18.14 40.72 -24.36
N ARG B 252 -17.90 41.38 -25.49
CA ARG B 252 -19.00 41.66 -26.40
C ARG B 252 -19.45 40.41 -27.14
N LEU B 253 -18.54 39.49 -27.40
CA LEU B 253 -18.93 38.25 -28.06
C LEU B 253 -19.73 37.38 -27.09
N LEU B 254 -19.28 37.31 -25.84
CA LEU B 254 -19.96 36.50 -24.84
C LEU B 254 -21.37 36.99 -24.57
N ALA B 255 -21.61 38.30 -24.74
CA ALA B 255 -22.93 38.86 -24.47
C ALA B 255 -23.99 38.33 -25.43
N LEU B 256 -23.60 37.72 -26.54
CA LEU B 256 -24.52 37.18 -27.53
C LEU B 256 -24.94 35.73 -27.26
N ALA B 257 -24.30 35.04 -26.32
CA ALA B 257 -24.57 33.63 -26.12
C ALA B 257 -25.84 33.42 -25.29
N ASP B 258 -26.26 32.16 -25.20
CA ASP B 258 -27.35 31.81 -24.30
C ASP B 258 -26.97 32.17 -22.86
N SER B 259 -27.99 32.42 -22.03
CA SER B 259 -27.71 32.60 -20.62
C SER B 259 -27.03 31.34 -20.07
N ASP B 260 -26.22 31.54 -19.03
CA ASP B 260 -25.48 30.46 -18.38
C ASP B 260 -24.53 29.73 -19.33
N ALA B 261 -24.10 30.37 -20.42
CA ALA B 261 -23.10 29.76 -21.28
C ALA B 261 -21.76 29.66 -20.56
N ILE B 262 -20.94 28.72 -20.97
CA ILE B 262 -19.65 28.53 -20.31
C ILE B 262 -18.54 28.71 -21.33
N VAL B 263 -17.41 29.21 -20.85
CA VAL B 263 -16.25 29.53 -21.68
C VAL B 263 -15.16 28.52 -21.36
N LEU B 264 -14.57 27.94 -22.40
CA LEU B 264 -13.50 26.95 -22.27
C LEU B 264 -12.28 27.45 -23.02
N HIS B 265 -11.10 27.06 -22.54
CA HIS B 265 -9.84 27.45 -23.16
C HIS B 265 -8.82 26.41 -22.74
N CYS B 266 -8.30 25.65 -23.69
CA CYS B 266 -7.19 24.79 -23.34
C CYS B 266 -5.97 25.68 -23.16
N LEU B 267 -5.30 25.53 -22.04
CA LEU B 267 -4.28 26.49 -21.66
C LEU B 267 -3.01 26.25 -22.48
N PRO B 268 -2.06 27.18 -22.49
CA PRO B 268 -1.99 28.49 -21.80
C PRO B 268 -2.80 29.55 -22.53
N ALA B 269 -3.37 30.52 -21.82
CA ALA B 269 -4.15 31.59 -22.43
C ALA B 269 -3.22 32.76 -22.60
N HIS B 270 -3.32 33.49 -23.71
CA HIS B 270 -2.49 34.72 -23.69
C HIS B 270 -3.51 35.87 -23.60
N ARG B 271 -3.60 36.41 -22.40
CA ARG B 271 -4.62 37.41 -22.13
C ARG B 271 -4.37 38.66 -22.95
N GLY B 272 -5.41 39.14 -23.60
CA GLY B 272 -5.35 40.26 -24.51
C GLY B 272 -5.36 39.84 -25.97
N ASP B 273 -4.92 38.62 -26.28
CA ASP B 273 -5.02 38.11 -27.64
C ASP B 273 -6.34 37.37 -27.86
N GLU B 274 -6.32 36.04 -27.75
CA GLU B 274 -7.50 35.27 -28.13
C GLU B 274 -8.62 35.38 -27.11
N ILE B 275 -8.33 35.85 -25.90
CA ILE B 275 -9.33 35.94 -24.83
C ILE B 275 -8.95 37.12 -23.94
N THR B 276 -9.95 37.73 -23.31
CA THR B 276 -9.72 38.91 -22.48
C THR B 276 -9.70 38.54 -21.00
N ASP B 277 -9.01 39.37 -20.22
CA ASP B 277 -9.03 39.26 -18.76
C ASP B 277 -10.46 39.18 -18.24
N ALA B 278 -11.37 39.96 -18.83
CA ALA B 278 -12.75 40.02 -18.35
C ALA B 278 -13.49 38.70 -18.55
N VAL B 279 -13.31 38.06 -19.70
CA VAL B 279 -14.03 36.82 -19.97
C VAL B 279 -13.41 35.66 -19.22
N MET B 280 -12.09 35.62 -19.13
CA MET B 280 -11.50 34.42 -18.57
C MET B 280 -11.54 34.41 -17.05
N ASP B 281 -11.60 35.56 -16.40
CA ASP B 281 -11.78 35.63 -14.95
C ASP B 281 -13.24 35.83 -14.56
N GLY B 282 -14.15 35.85 -15.53
CA GLY B 282 -15.54 36.14 -15.27
C GLY B 282 -16.34 34.90 -14.90
N PRO B 283 -17.64 35.07 -14.64
CA PRO B 283 -18.46 33.97 -14.12
C PRO B 283 -18.84 32.92 -15.14
N ALA B 284 -18.65 33.18 -16.44
CA ALA B 284 -18.87 32.14 -17.45
C ALA B 284 -17.68 31.21 -17.58
N SER B 285 -16.52 31.60 -17.06
CA SER B 285 -15.29 30.84 -17.30
C SER B 285 -15.31 29.54 -16.51
N ALA B 286 -14.99 28.45 -17.19
CA ALA B 286 -14.76 27.15 -16.55
C ALA B 286 -13.36 26.64 -16.81
N VAL B 287 -12.41 27.52 -17.12
CA VAL B 287 -11.11 27.05 -17.61
C VAL B 287 -10.32 26.36 -16.51
N TRP B 288 -10.55 26.71 -15.23
CA TRP B 288 -9.78 26.05 -14.17
C TRP B 288 -10.33 24.64 -13.90
N ASP B 289 -11.66 24.50 -13.82
CA ASP B 289 -12.27 23.17 -13.73
C ASP B 289 -11.89 22.31 -14.94
N GLU B 290 -11.91 22.91 -16.13
CA GLU B 290 -11.51 22.23 -17.35
C GLU B 290 -10.09 21.66 -17.22
N ALA B 291 -9.15 22.48 -16.74
CA ALA B 291 -7.79 22.00 -16.58
C ALA B 291 -7.73 20.87 -15.56
N GLU B 292 -8.44 21.01 -14.44
CA GLU B 292 -8.47 19.92 -13.46
C GLU B 292 -9.00 18.64 -14.09
N ASN B 293 -10.00 18.75 -14.93
CA ASN B 293 -10.65 17.55 -15.46
C ASN B 293 -9.80 16.79 -16.46
N ARG B 294 -8.67 17.34 -16.92
CA ARG B 294 -7.72 16.54 -17.66
C ARG B 294 -7.32 15.31 -16.84
N LEU B 295 -7.11 15.51 -15.53
CA LEU B 295 -6.73 14.41 -14.65
C LEU B 295 -7.82 13.32 -14.63
N HIS B 296 -9.06 13.71 -14.36
CA HIS B 296 -10.14 12.73 -14.17
C HIS B 296 -10.51 12.06 -15.47
N ALA B 297 -10.59 12.84 -16.56
CA ALA B 297 -11.00 12.28 -17.84
C ALA B 297 -9.95 11.31 -18.39
N GLN B 298 -8.67 11.65 -18.24
CA GLN B 298 -7.63 10.76 -18.72
C GLN B 298 -7.54 9.49 -17.88
N LYS B 299 -7.76 9.60 -16.57
CA LYS B 299 -7.83 8.38 -15.75
C LYS B 299 -8.96 7.48 -16.21
N ALA B 300 -10.13 8.07 -16.49
CA ALA B 300 -11.26 7.28 -16.95
C ALA B 300 -10.93 6.60 -18.27
N LEU B 301 -10.33 7.34 -19.20
CA LEU B 301 -9.94 6.77 -20.49
C LEU B 301 -9.01 5.58 -20.29
N LEU B 302 -8.01 5.72 -19.42
CA LEU B 302 -7.08 4.62 -19.16
C LEU B 302 -7.80 3.42 -18.58
N VAL B 303 -8.62 3.62 -17.54
CA VAL B 303 -9.36 2.51 -16.95
C VAL B 303 -10.15 1.79 -18.03
N TRP B 304 -10.86 2.56 -18.86
CA TRP B 304 -11.70 1.99 -19.90
C TRP B 304 -10.89 1.20 -20.94
N LEU B 305 -9.78 1.77 -21.42
CA LEU B 305 -8.97 1.07 -22.42
C LEU B 305 -8.36 -0.20 -21.85
N LEU B 306 -7.87 -0.15 -20.61
CA LEU B 306 -7.20 -1.29 -20.01
C LEU B 306 -8.15 -2.46 -19.89
N GLU B 307 -9.39 -2.19 -19.48
CA GLU B 307 -10.38 -3.26 -19.27
C GLU B 307 -10.80 -3.90 -20.59
N ARG B 308 -10.56 -3.20 -21.69
CA ARG B 308 -10.92 -3.71 -23.00
C ARG B 308 -9.72 -4.21 -23.76
N SER B 309 -8.58 -4.38 -23.09
CA SER B 309 -7.35 -4.77 -23.75
C SER B 309 -6.59 -5.78 -22.88
N VAL C 3 -4.87 31.91 5.22
CA VAL C 3 -4.93 30.71 6.03
C VAL C 3 -4.21 29.58 5.29
N ILE C 4 -3.64 29.86 4.12
CA ILE C 4 -2.69 28.95 3.48
C ILE C 4 -1.29 29.41 3.86
N ARG C 5 -0.49 28.51 4.42
CA ARG C 5 0.84 28.86 4.89
C ARG C 5 1.86 28.55 3.80
N HIS C 6 2.76 29.49 3.53
CA HIS C 6 3.86 29.29 2.59
C HIS C 6 5.19 29.34 3.34
N PHE C 7 6.25 28.91 2.67
CA PHE C 7 7.60 28.94 3.25
C PHE C 7 8.53 29.43 2.14
N LEU C 8 8.62 30.75 2.02
CA LEU C 8 9.40 31.40 0.96
C LEU C 8 10.73 31.93 1.47
N ARG C 9 10.82 32.17 2.78
CA ARG C 9 12.00 32.70 3.44
C ARG C 9 11.91 32.28 4.90
N ASP C 10 13.05 32.24 5.59
CA ASP C 10 13.14 31.52 6.86
C ASP C 10 12.21 32.09 7.93
N ASP C 11 12.01 33.41 7.91
CA ASP C 11 11.20 34.05 8.94
C ASP C 11 9.71 33.97 8.62
N ASP C 12 9.32 33.21 7.60
CA ASP C 12 7.90 32.88 7.43
C ASP C 12 7.39 32.01 8.57
N LEU C 13 8.27 31.29 9.26
CA LEU C 13 7.95 30.64 10.53
C LEU C 13 8.33 31.55 11.68
N SER C 14 7.44 31.67 12.65
CA SER C 14 7.79 32.28 13.93
C SER C 14 8.77 31.39 14.69
N PRO C 15 9.41 31.92 15.74
CA PRO C 15 10.25 31.05 16.59
C PRO C 15 9.57 29.80 17.08
N ALA C 16 8.32 29.93 17.57
CA ALA C 16 7.59 28.76 18.06
C ALA C 16 7.30 27.78 16.92
N GLU C 17 6.92 28.31 15.74
CA GLU C 17 6.60 27.46 14.62
C GLU C 17 7.83 26.73 14.11
N GLN C 18 8.96 27.44 14.05
CA GLN C 18 10.19 26.78 13.61
C GLN C 18 10.57 25.65 14.55
N ALA C 19 10.40 25.86 15.86
CA ALA C 19 10.68 24.79 16.81
C ALA C 19 9.77 23.59 16.57
N GLU C 20 8.51 23.84 16.20
CA GLU C 20 7.61 22.73 15.91
C GLU C 20 8.10 21.94 14.70
N VAL C 21 8.54 22.63 13.65
CA VAL C 21 9.02 21.95 12.47
C VAL C 21 10.29 21.15 12.78
N LEU C 22 11.20 21.74 13.57
CA LEU C 22 12.45 21.05 13.86
C LEU C 22 12.22 19.83 14.74
N GLU C 23 11.26 19.91 15.67
CA GLU C 23 10.89 18.74 16.46
C GLU C 23 10.34 17.64 15.55
N LEU C 24 9.48 18.01 14.62
CA LEU C 24 8.93 17.03 13.69
C LEU C 24 10.01 16.40 12.83
N ALA C 25 11.02 17.20 12.43
CA ALA C 25 12.12 16.64 11.65
C ALA C 25 12.86 15.55 12.42
N ALA C 26 13.06 15.76 13.73
CA ALA C 26 13.69 14.73 14.53
C ALA C 26 12.80 13.49 14.65
N GLU C 27 11.49 13.68 14.84
CA GLU C 27 10.57 12.53 14.90
C GLU C 27 10.54 11.77 13.59
N LEU C 28 10.55 12.50 12.46
CA LEU C 28 10.48 11.84 11.16
C LEU C 28 11.79 11.14 10.82
N LYS C 29 12.93 11.66 11.29
CA LYS C 29 14.18 10.93 11.09
C LYS C 29 14.12 9.59 11.79
N LYS C 30 13.50 9.54 12.97
CA LYS C 30 13.36 8.28 13.71
C LYS C 30 12.38 7.34 13.03
N ASP C 31 11.23 7.87 12.57
CA ASP C 31 10.15 7.07 11.99
C ASP C 31 9.73 7.66 10.64
N PRO C 32 10.46 7.33 9.57
CA PRO C 32 10.33 8.10 8.33
C PRO C 32 9.07 7.83 7.52
N VAL C 33 8.30 6.79 7.80
CA VAL C 33 7.08 6.53 7.03
C VAL C 33 5.84 6.53 7.92
N SER C 34 5.96 7.12 9.12
CA SER C 34 4.86 7.14 10.08
C SER C 34 3.83 8.24 9.81
N ARG C 35 4.16 9.21 8.96
CA ARG C 35 3.25 10.30 8.60
C ARG C 35 2.93 10.19 7.14
N ARG C 36 1.65 10.08 6.82
CA ARG C 36 1.21 9.86 5.44
C ARG C 36 0.12 10.85 5.04
N PRO C 37 0.40 12.15 5.13
CA PRO C 37 -0.64 13.15 4.81
C PRO C 37 -0.96 13.20 3.32
N LEU C 38 -0.06 12.67 2.49
CA LEU C 38 -0.25 12.68 1.05
C LEU C 38 -0.65 11.32 0.49
N GLN C 39 -1.11 10.41 1.36
CA GLN C 39 -1.50 9.08 0.90
C GLN C 39 -2.57 9.17 -0.19
N GLY C 40 -2.50 8.26 -1.16
CA GLY C 40 -3.41 8.30 -2.27
C GLY C 40 -2.89 7.57 -3.51
N PRO C 41 -1.84 8.12 -4.15
CA PRO C 41 -1.11 9.32 -3.73
C PRO C 41 -1.74 10.64 -4.15
N ARG C 42 -1.56 11.65 -3.29
CA ARG C 42 -1.71 13.04 -3.68
C ARG C 42 -0.41 13.54 -4.32
N GLY C 43 -0.51 14.53 -5.20
CA GLY C 43 0.67 15.05 -5.83
C GLY C 43 1.30 16.24 -5.13
N VAL C 44 2.59 16.43 -5.40
CA VAL C 44 3.32 17.64 -5.04
C VAL C 44 4.16 18.02 -6.25
N ALA C 45 4.08 19.28 -6.67
CA ALA C 45 4.90 19.76 -7.77
C ALA C 45 6.30 20.05 -7.26
N VAL C 46 7.32 19.62 -8.01
CA VAL C 46 8.70 19.97 -7.69
C VAL C 46 9.28 20.53 -8.97
N ILE C 47 9.37 21.86 -9.06
CA ILE C 47 9.68 22.56 -10.30
C ILE C 47 11.03 23.25 -10.19
N PHE C 48 11.89 23.07 -11.20
CA PHE C 48 13.24 23.65 -11.22
C PHE C 48 13.39 24.62 -12.39
N ASP C 49 13.46 25.93 -12.11
CA ASP C 49 13.90 26.85 -13.16
C ASP C 49 15.39 26.68 -13.46
N LYS C 50 16.13 26.17 -12.48
CA LYS C 50 17.52 25.76 -12.60
C LYS C 50 17.65 24.46 -11.82
N ASN C 51 18.28 23.46 -12.40
CA ASN C 51 18.27 22.14 -11.78
C ASN C 51 19.11 22.10 -10.51
N SER C 52 18.71 21.22 -9.60
CA SER C 52 19.48 20.90 -8.41
C SER C 52 19.21 19.43 -8.14
N THR C 53 20.17 18.56 -8.48
CA THR C 53 19.94 17.13 -8.34
C THR C 53 19.78 16.73 -6.87
N ARG C 54 20.50 17.41 -5.99
CA ARG C 54 20.40 17.15 -4.54
C ARG C 54 19.04 17.60 -3.99
N THR C 55 18.54 18.74 -4.45
CA THR C 55 17.20 19.14 -4.07
C THR C 55 16.20 18.12 -4.60
N ARG C 56 16.48 17.56 -5.76
CA ARG C 56 15.58 16.54 -6.36
C ARG C 56 15.57 15.27 -5.50
N PHE C 57 16.73 14.76 -5.14
CA PHE C 57 16.73 13.53 -4.36
C PHE C 57 15.95 13.71 -3.07
N SER C 58 16.21 14.80 -2.35
CA SER C 58 15.59 14.92 -1.03
C SER C 58 14.09 15.14 -1.14
N PHE C 59 13.63 16.00 -2.07
CA PHE C 59 12.18 16.21 -2.16
C PHE C 59 11.47 15.01 -2.77
N GLU C 60 12.02 14.41 -3.81
CA GLU C 60 11.30 13.33 -4.49
C GLU C 60 11.08 12.16 -3.54
N LEU C 61 12.12 11.80 -2.77
CA LEU C 61 11.99 10.70 -1.82
C LEU C 61 11.19 11.12 -0.60
N GLY C 62 11.37 12.36 -0.14
CA GLY C 62 10.61 12.81 1.02
C GLY C 62 9.12 12.80 0.77
N ILE C 63 8.70 13.28 -0.40
CA ILE C 63 7.28 13.28 -0.76
C ILE C 63 6.75 11.86 -0.83
N ALA C 64 7.51 10.96 -1.46
CA ALA C 64 7.11 9.56 -1.57
C ALA C 64 6.93 8.93 -0.19
N GLN C 65 7.81 9.27 0.78
CA GLN C 65 7.69 8.69 2.11
C GLN C 65 6.56 9.28 2.93
N LEU C 66 5.98 10.39 2.48
CA LEU C 66 4.74 10.91 3.04
C LEU C 66 3.52 10.32 2.35
N GLY C 67 3.72 9.37 1.43
CA GLY C 67 2.64 8.72 0.72
C GLY C 67 2.29 9.36 -0.61
N GLY C 68 2.93 10.48 -0.97
CA GLY C 68 2.56 11.23 -2.14
C GLY C 68 3.41 10.87 -3.35
N HIS C 69 3.19 11.62 -4.42
CA HIS C 69 3.92 11.44 -5.66
C HIS C 69 4.42 12.79 -6.14
N ALA C 70 5.74 12.94 -6.22
CA ALA C 70 6.32 14.16 -6.73
C ALA C 70 6.30 14.17 -8.25
N VAL C 71 5.78 15.24 -8.84
CA VAL C 71 5.88 15.46 -10.28
C VAL C 71 6.99 16.47 -10.49
N VAL C 72 8.09 16.04 -11.11
CA VAL C 72 9.31 16.84 -11.21
C VAL C 72 9.39 17.46 -12.59
N VAL C 73 9.59 18.76 -12.63
CA VAL C 73 9.76 19.50 -13.88
C VAL C 73 11.14 20.14 -13.85
N ASP C 74 12.00 19.75 -14.78
CA ASP C 74 13.36 20.27 -14.87
C ASP C 74 13.38 21.48 -15.80
N SER C 75 14.55 22.13 -15.87
CA SER C 75 14.66 23.35 -16.67
C SER C 75 14.54 23.09 -18.17
N GLY C 76 14.45 21.84 -18.62
CA GLY C 76 14.31 21.56 -20.05
C GLY C 76 12.94 21.89 -20.63
N SER C 77 11.97 22.24 -19.80
CA SER C 77 10.66 22.69 -20.25
C SER C 77 10.62 24.22 -20.27
N THR C 78 9.61 24.75 -20.96
CA THR C 78 9.44 26.20 -21.01
C THR C 78 9.34 26.76 -19.59
N GLN C 79 10.21 27.72 -19.28
CA GLN C 79 10.26 28.30 -17.95
C GLN C 79 8.90 28.88 -17.56
N LEU C 80 8.47 28.62 -16.33
CA LEU C 80 7.22 29.16 -15.84
C LEU C 80 7.20 30.67 -15.98
N GLY C 81 6.07 31.20 -16.41
CA GLY C 81 5.91 32.63 -16.62
C GLY C 81 6.13 33.09 -18.04
N ARG C 82 6.72 32.26 -18.90
CA ARG C 82 6.98 32.69 -20.28
C ARG C 82 5.76 32.52 -21.18
N ASP C 83 5.05 31.41 -21.00
CA ASP C 83 3.91 31.03 -21.83
C ASP C 83 2.58 31.52 -21.28
N GLU C 84 2.54 31.84 -19.99
CA GLU C 84 1.33 32.30 -19.31
C GLU C 84 1.78 32.96 -18.01
N THR C 85 0.87 33.71 -17.38
CA THR C 85 1.21 34.37 -16.14
C THR C 85 1.53 33.34 -15.06
N LEU C 86 2.37 33.75 -14.10
CA LEU C 86 2.63 32.90 -12.94
C LEU C 86 1.34 32.67 -12.15
N GLN C 87 0.44 33.66 -12.13
CA GLN C 87 -0.82 33.51 -11.43
C GLN C 87 -1.67 32.41 -12.06
N ASP C 88 -1.79 32.42 -13.40
CA ASP C 88 -2.53 31.36 -14.06
C ASP C 88 -1.90 30.00 -13.79
N THR C 89 -0.56 29.95 -13.77
CA THR C 89 0.14 28.68 -13.52
C THR C 89 -0.16 28.18 -12.12
N ALA C 90 -0.18 29.09 -11.14
CA ALA C 90 -0.49 28.69 -9.77
C ALA C 90 -1.91 28.14 -9.65
N LYS C 91 -2.86 28.74 -10.38
CA LYS C 91 -4.25 28.28 -10.31
C LYS C 91 -4.42 26.89 -10.89
N VAL C 92 -3.70 26.57 -11.96
CA VAL C 92 -3.79 25.23 -12.52
C VAL C 92 -3.06 24.22 -11.64
N LEU C 93 -1.84 24.56 -11.18
CA LEU C 93 -1.11 23.62 -10.34
C LEU C 93 -1.91 23.29 -9.09
N SER C 94 -2.59 24.29 -8.53
CA SER C 94 -3.41 24.08 -7.33
C SER C 94 -4.51 23.05 -7.56
N ARG C 95 -4.91 22.80 -8.80
CA ARG C 95 -5.89 21.75 -9.07
C ARG C 95 -5.28 20.36 -9.17
N TYR C 96 -3.98 20.25 -9.43
CA TYR C 96 -3.35 18.94 -9.59
C TYR C 96 -2.61 18.47 -8.35
N VAL C 97 -2.05 19.39 -7.55
CA VAL C 97 -1.17 19.00 -6.45
C VAL C 97 -1.62 19.65 -5.15
N ASP C 98 -1.09 19.12 -4.04
CA ASP C 98 -1.39 19.63 -2.70
C ASP C 98 -0.34 20.58 -2.16
N ALA C 99 0.77 20.78 -2.87
CA ALA C 99 1.82 21.71 -2.48
C ALA C 99 2.69 21.95 -3.71
N ILE C 100 3.32 23.11 -3.77
CA ILE C 100 4.19 23.50 -4.88
C ILE C 100 5.57 23.79 -4.30
N VAL C 101 6.56 23.00 -4.72
CA VAL C 101 7.97 23.20 -4.37
C VAL C 101 8.67 23.75 -5.61
N TRP C 102 9.35 24.89 -5.45
CA TRP C 102 9.84 25.60 -6.64
C TRP C 102 11.23 26.17 -6.37
N ARG C 103 12.17 25.86 -7.26
CA ARG C 103 13.50 26.49 -7.26
C ARG C 103 13.49 27.53 -8.37
N THR C 104 13.57 28.80 -8.03
CA THR C 104 13.54 29.85 -9.05
C THR C 104 14.56 30.93 -8.66
N PHE C 105 14.43 32.11 -9.27
CA PHE C 105 15.49 33.10 -9.21
C PHE C 105 15.03 34.25 -8.27
N GLY C 106 14.45 35.30 -8.79
CA GLY C 106 14.07 36.42 -7.95
C GLY C 106 12.91 36.07 -7.02
N GLN C 107 12.91 36.71 -5.86
CA GLN C 107 11.90 36.42 -4.84
C GLN C 107 10.51 36.87 -5.29
N GLU C 108 10.43 37.87 -6.16
CA GLU C 108 9.13 38.35 -6.62
C GLU C 108 8.35 37.23 -7.33
N ARG C 109 9.04 36.29 -7.99
CA ARG C 109 8.35 35.19 -8.63
C ARG C 109 7.66 34.28 -7.62
N LEU C 110 8.36 33.95 -6.52
CA LEU C 110 7.75 33.16 -5.46
C LEU C 110 6.54 33.86 -4.86
N ASP C 111 6.67 35.17 -4.58
CA ASP C 111 5.54 35.93 -4.05
C ASP C 111 4.35 35.86 -4.98
N ALA C 112 4.58 35.98 -6.29
CA ALA C 112 3.47 35.96 -7.25
C ALA C 112 2.73 34.63 -7.21
N MET C 113 3.49 33.53 -7.23
CA MET C 113 2.85 32.21 -7.15
C MET C 113 2.09 32.05 -5.85
N ALA C 114 2.71 32.43 -4.73
CA ALA C 114 2.08 32.28 -3.42
C ALA C 114 0.88 33.21 -3.24
N SER C 115 0.82 34.32 -3.96
CA SER C 115 -0.29 35.25 -3.80
C SER C 115 -1.63 34.67 -4.25
N VAL C 116 -1.59 33.65 -5.10
CA VAL C 116 -2.75 33.06 -5.76
C VAL C 116 -2.96 31.58 -5.46
N ALA C 117 -1.88 30.87 -5.18
CA ALA C 117 -1.99 29.44 -4.97
C ALA C 117 -2.93 29.12 -3.81
N THR C 118 -3.73 28.08 -3.98
CA THR C 118 -4.58 27.59 -2.89
C THR C 118 -3.92 26.46 -2.13
N VAL C 119 -2.62 26.25 -2.38
CA VAL C 119 -1.83 25.23 -1.68
C VAL C 119 -0.53 25.87 -1.24
N PRO C 120 0.16 25.25 -0.27
CA PRO C 120 1.44 25.82 0.19
C PRO C 120 2.47 25.87 -0.93
N VAL C 121 3.18 26.99 -0.99
CA VAL C 121 4.32 27.17 -1.89
C VAL C 121 5.59 27.15 -1.05
N ILE C 122 6.58 26.37 -1.47
CA ILE C 122 7.84 26.18 -0.76
C ILE C 122 9.00 26.62 -1.65
N ASN C 123 9.85 27.51 -1.14
CA ASN C 123 11.07 27.91 -1.82
C ASN C 123 12.11 26.80 -1.64
N ALA C 124 12.35 26.05 -2.71
CA ALA C 124 13.33 24.97 -2.65
C ALA C 124 14.75 25.51 -2.59
N LEU C 125 14.97 26.72 -3.11
CA LEU C 125 16.25 27.39 -3.29
C LEU C 125 15.98 28.58 -4.20
N SER C 126 16.43 29.77 -3.84
CA SER C 126 16.24 30.94 -4.71
C SER C 126 17.51 31.79 -4.65
N ASP C 127 17.52 32.85 -5.46
CA ASP C 127 18.67 33.75 -5.44
C ASP C 127 18.88 34.37 -4.07
N GLU C 128 17.79 34.68 -3.38
CA GLU C 128 17.89 35.44 -2.14
C GLU C 128 17.92 34.58 -0.88
N PHE C 129 17.33 33.39 -0.91
CA PHE C 129 17.17 32.60 0.31
C PHE C 129 17.35 31.13 -0.01
N HIS C 130 17.75 30.36 1.01
CA HIS C 130 17.76 28.90 0.91
C HIS C 130 17.21 28.33 2.21
N PRO C 131 15.92 28.55 2.48
CA PRO C 131 15.41 28.28 3.83
C PRO C 131 15.29 26.80 4.14
N CYS C 132 15.14 25.93 3.14
CA CYS C 132 15.09 24.50 3.43
C CYS C 132 16.47 23.98 3.85
N GLN C 133 17.53 24.51 3.25
CA GLN C 133 18.86 24.11 3.67
C GLN C 133 19.13 24.54 5.11
N VAL C 134 18.67 25.74 5.48
CA VAL C 134 18.93 26.18 6.86
C VAL C 134 18.08 25.38 7.85
N LEU C 135 16.89 24.92 7.47
CA LEU C 135 16.18 24.00 8.38
C LEU C 135 17.00 22.75 8.61
N ALA C 136 17.56 22.19 7.53
CA ALA C 136 18.44 21.03 7.67
C ALA C 136 19.67 21.36 8.51
N ASP C 137 20.25 22.55 8.32
CA ASP C 137 21.41 22.94 9.15
C ASP C 137 21.03 22.99 10.62
N LEU C 138 19.88 23.59 10.94
CA LEU C 138 19.46 23.70 12.34
C LEU C 138 19.17 22.33 12.93
N GLN C 139 18.56 21.44 12.16
CA GLN C 139 18.39 20.07 12.64
C GLN C 139 19.72 19.42 12.94
N THR C 140 20.73 19.67 12.09
CA THR C 140 22.06 19.07 12.29
C THR C 140 22.73 19.64 13.54
N ILE C 141 22.65 20.96 13.70
CA ILE C 141 23.27 21.58 14.87
C ILE C 141 22.63 21.06 16.14
N ALA C 142 21.28 20.96 16.14
CA ALA C 142 20.57 20.46 17.32
C ALA C 142 20.96 19.03 17.65
N GLU C 143 21.12 18.18 16.64
CA GLU C 143 21.47 16.80 16.97
C GLU C 143 22.93 16.68 17.41
N ARG C 144 23.83 17.57 16.95
CA ARG C 144 25.21 17.56 17.47
C ARG C 144 25.36 18.29 18.80
N LYS C 145 24.57 19.36 19.04
CA LYS C 145 24.86 20.26 20.17
C LYS C 145 23.71 20.49 21.15
N GLY C 146 22.53 19.91 20.91
CA GLY C 146 21.40 20.15 21.78
C GLY C 146 20.65 21.44 21.49
N ALA C 147 20.21 22.12 22.54
CA ALA C 147 19.40 23.33 22.37
C ALA C 147 20.16 24.39 21.57
N LEU C 148 19.45 25.01 20.64
CA LEU C 148 20.05 25.98 19.72
C LEU C 148 20.21 27.35 20.36
N ARG C 149 19.31 27.69 21.26
CA ARG C 149 19.31 29.04 21.87
C ARG C 149 20.67 29.41 22.43
N GLY C 150 21.20 30.53 21.95
CA GLY C 150 22.43 31.01 22.54
C GLY C 150 23.72 30.50 21.91
N LEU C 151 23.65 29.55 21.00
CA LEU C 151 24.83 29.13 20.25
C LEU C 151 25.37 30.30 19.43
N ARG C 152 26.67 30.23 19.11
CA ARG C 152 27.29 31.24 18.25
C ARG C 152 27.67 30.60 16.92
N LEU C 153 27.08 31.10 15.84
CA LEU C 153 27.30 30.62 14.49
C LEU C 153 27.93 31.71 13.65
N SER C 154 28.99 31.37 12.92
CA SER C 154 29.65 32.30 12.02
C SER C 154 29.66 31.74 10.61
N TYR C 155 29.23 32.55 9.66
CA TYR C 155 29.27 32.21 8.23
C TYR C 155 30.36 33.04 7.58
N PHE C 156 31.10 32.41 6.65
CA PHE C 156 32.25 33.03 5.99
C PHE C 156 32.09 32.99 4.48
N GLY C 157 32.39 34.11 3.84
CA GLY C 157 32.44 34.11 2.38
C GLY C 157 31.64 35.22 1.77
N ASP C 158 30.78 34.89 0.80
CA ASP C 158 29.92 35.87 0.14
C ASP C 158 28.73 36.15 1.07
N GLY C 159 28.71 37.31 1.69
CA GLY C 159 27.70 37.62 2.67
C GLY C 159 26.35 38.03 2.11
N ALA C 160 26.19 38.10 0.79
CA ALA C 160 24.93 38.50 0.20
C ALA C 160 24.28 37.39 -0.61
N ASN C 161 24.72 36.15 -0.44
CA ASN C 161 24.10 35.04 -1.17
C ASN C 161 22.97 34.43 -0.35
N ASN C 162 22.33 33.39 -0.91
CA ASN C 162 21.12 32.87 -0.29
C ASN C 162 21.42 32.22 1.08
N MET C 163 22.58 31.57 1.23
CA MET C 163 22.89 30.95 2.51
C MET C 163 23.17 31.99 3.58
N ALA C 164 23.91 33.04 3.26
CA ALA C 164 24.14 34.10 4.25
C ALA C 164 22.82 34.68 4.73
N HIS C 165 21.91 34.97 3.79
CA HIS C 165 20.63 35.56 4.17
C HIS C 165 19.80 34.61 5.03
N SER C 166 19.75 33.33 4.66
CA SER C 166 18.92 32.39 5.41
C SER C 166 19.53 32.03 6.75
N LEU C 167 20.87 31.98 6.84
CA LEU C 167 21.48 31.73 8.15
C LEU C 167 21.19 32.90 9.10
N LEU C 168 21.23 34.13 8.61
CA LEU C 168 20.80 35.27 9.41
C LEU C 168 19.37 35.09 9.90
N LEU C 169 18.43 34.89 8.98
CA LEU C 169 17.02 34.88 9.36
C LEU C 169 16.66 33.62 10.14
N GLY C 170 17.03 32.46 9.61
CA GLY C 170 16.71 31.21 10.29
C GLY C 170 17.49 31.05 11.58
N GLY C 171 18.74 31.51 11.60
CA GLY C 171 19.54 31.44 12.81
C GLY C 171 18.97 32.26 13.96
N VAL C 172 18.65 33.53 13.70
CA VAL C 172 18.12 34.33 14.82
C VAL C 172 16.72 33.86 15.22
N THR C 173 15.96 33.31 14.28
CA THR C 173 14.67 32.72 14.65
C THR C 173 14.84 31.61 15.69
N ALA C 174 15.95 30.87 15.63
CA ALA C 174 16.26 29.81 16.58
C ALA C 174 16.97 30.33 17.84
N GLY C 175 17.21 31.62 17.94
CA GLY C 175 17.94 32.14 19.07
C GLY C 175 19.45 32.07 18.95
N ILE C 176 19.98 31.80 17.75
CA ILE C 176 21.43 31.71 17.55
C ILE C 176 21.99 33.10 17.30
N HIS C 177 23.13 33.40 17.93
CA HIS C 177 23.91 34.60 17.64
C HIS C 177 24.64 34.38 16.32
N VAL C 178 24.26 35.12 15.28
CA VAL C 178 24.79 34.87 13.93
C VAL C 178 25.77 35.97 13.56
N THR C 179 26.95 35.56 13.10
CA THR C 179 27.94 36.47 12.54
C THR C 179 28.17 36.13 11.08
N VAL C 180 28.16 37.15 10.23
CA VAL C 180 28.54 37.01 8.83
C VAL C 180 29.89 37.70 8.66
N ALA C 181 30.90 36.92 8.23
CA ALA C 181 32.24 37.42 7.96
C ALA C 181 32.41 37.47 6.46
N ALA C 182 32.52 38.68 5.90
CA ALA C 182 32.48 38.87 4.46
C ALA C 182 33.26 40.13 4.09
N PRO C 183 33.87 40.17 2.92
CA PRO C 183 34.61 41.36 2.50
C PRO C 183 33.68 42.48 2.07
N GLU C 184 34.21 43.70 2.11
CA GLU C 184 33.47 44.87 1.65
C GLU C 184 32.99 44.65 0.23
N GLY C 185 31.74 45.08 -0.04
CA GLY C 185 31.11 44.88 -1.33
C GLY C 185 30.29 43.61 -1.44
N PHE C 186 30.37 42.72 -0.46
CA PHE C 186 29.67 41.44 -0.48
C PHE C 186 28.89 41.25 0.82
N LEU C 187 28.24 42.31 1.29
CA LEU C 187 27.58 42.33 2.58
C LEU C 187 26.12 41.96 2.44
N PRO C 188 25.48 41.45 3.51
CA PRO C 188 24.07 41.06 3.41
C PRO C 188 23.19 42.19 2.91
N ASP C 189 22.16 41.82 2.15
CA ASP C 189 21.12 42.76 1.75
C ASP C 189 20.59 43.51 2.97
N PRO C 190 20.46 44.85 2.91
CA PRO C 190 20.04 45.60 4.11
C PRO C 190 18.66 45.24 4.62
N SER C 191 17.72 44.92 3.73
CA SER C 191 16.38 44.56 4.18
C SER C 191 16.39 43.24 4.93
N VAL C 192 17.19 42.27 4.47
CA VAL C 192 17.33 41.00 5.18
C VAL C 192 17.98 41.22 6.53
N ARG C 193 19.07 42.00 6.58
CA ARG C 193 19.74 42.26 7.85
C ARG C 193 18.79 42.91 8.85
N ALA C 194 17.99 43.88 8.38
CA ALA C 194 17.06 44.56 9.26
C ALA C 194 15.99 43.61 9.77
N ALA C 195 15.50 42.73 8.90
CA ALA C 195 14.52 41.73 9.33
C ALA C 195 15.12 40.79 10.38
N ALA C 196 16.38 40.38 10.18
CA ALA C 196 17.06 39.52 11.15
C ALA C 196 17.26 40.23 12.47
N GLU C 197 17.69 41.50 12.43
CA GLU C 197 17.89 42.26 13.66
C GLU C 197 16.57 42.39 14.43
N ARG C 198 15.46 42.62 13.72
CA ARG C 198 14.16 42.72 14.40
C ARG C 198 13.75 41.39 15.00
N ARG C 199 13.90 40.29 14.25
CA ARG C 199 13.53 38.99 14.78
C ARG C 199 14.41 38.63 15.97
N ALA C 200 15.68 39.03 15.93
CA ALA C 200 16.60 38.71 17.02
C ALA C 200 16.16 39.34 18.35
N GLN C 201 15.45 40.48 18.30
CA GLN C 201 14.97 41.06 19.54
C GLN C 201 13.93 40.19 20.22
N ASP C 202 13.21 39.35 19.46
CA ASP C 202 12.20 38.47 20.04
C ASP C 202 12.81 37.22 20.67
N THR C 203 14.03 36.85 20.26
CA THR C 203 14.60 35.56 20.62
C THR C 203 15.88 35.66 21.45
N GLY C 204 16.34 36.87 21.77
CA GLY C 204 17.59 37.03 22.47
C GLY C 204 18.82 36.81 21.62
N ALA C 205 18.65 36.63 20.31
CA ALA C 205 19.75 36.42 19.38
C ALA C 205 20.42 37.75 19.06
N SER C 206 21.37 37.75 18.13
CA SER C 206 22.04 38.97 17.70
C SER C 206 22.54 38.78 16.28
N VAL C 207 22.84 39.90 15.63
CA VAL C 207 23.39 39.93 14.28
C VAL C 207 24.70 40.70 14.31
N THR C 208 25.74 40.13 13.71
CA THR C 208 27.05 40.76 13.59
C THR C 208 27.52 40.59 12.16
N VAL C 209 27.99 41.68 11.55
CA VAL C 209 28.59 41.66 10.22
C VAL C 209 29.99 42.28 10.34
N THR C 210 30.99 41.56 9.86
CA THR C 210 32.37 41.97 10.09
C THR C 210 33.25 41.50 8.95
N ALA C 211 34.31 42.25 8.69
CA ALA C 211 35.35 41.81 7.76
C ALA C 211 36.47 41.05 8.46
N ASP C 212 36.37 40.90 9.78
CA ASP C 212 37.43 40.23 10.59
C ASP C 212 37.11 38.74 10.75
N ALA C 213 37.74 37.92 9.92
CA ALA C 213 37.46 36.47 9.94
C ALA C 213 37.93 35.85 11.26
N HIS C 214 39.09 36.26 11.72
CA HIS C 214 39.64 35.71 12.98
C HIS C 214 38.66 35.95 14.11
N ALA C 215 38.10 37.14 14.16
CA ALA C 215 37.15 37.49 15.24
C ALA C 215 35.88 36.66 15.11
N ALA C 216 35.43 36.51 13.88
CA ALA C 216 34.21 35.73 13.64
C ALA C 216 34.43 34.29 14.09
N ALA C 217 35.61 33.75 13.85
CA ALA C 217 35.84 32.35 14.21
C ALA C 217 36.02 32.16 15.70
N ALA C 218 36.64 33.12 16.38
CA ALA C 218 36.97 32.96 17.80
C ALA C 218 35.72 32.70 18.62
N GLY C 219 35.72 31.58 19.34
CA GLY C 219 34.61 31.23 20.21
C GLY C 219 33.35 30.76 19.51
N ALA C 220 33.40 30.52 18.20
CA ALA C 220 32.21 30.05 17.51
C ALA C 220 31.93 28.58 17.83
N ASP C 221 30.64 28.25 17.95
CA ASP C 221 30.16 26.88 18.08
C ASP C 221 29.97 26.21 16.73
N VAL C 222 29.68 27.00 15.69
CA VAL C 222 29.38 26.48 14.36
C VAL C 222 30.04 27.39 13.34
N LEU C 223 30.82 26.81 12.43
CA LEU C 223 31.42 27.52 11.32
C LEU C 223 30.80 27.04 10.01
N VAL C 224 30.37 27.98 9.17
CA VAL C 224 29.66 27.65 7.94
C VAL C 224 30.29 28.40 6.77
N THR C 225 30.39 27.75 5.62
CA THR C 225 30.73 28.48 4.41
C THR C 225 29.95 27.88 3.23
N ASP C 226 30.18 28.45 2.06
CA ASP C 226 29.46 28.11 0.85
C ASP C 226 30.37 28.49 -0.31
N THR C 227 30.01 28.03 -1.51
CA THR C 227 30.75 28.46 -2.69
C THR C 227 30.75 29.97 -2.81
N TRP C 228 31.86 30.50 -3.32
CA TRP C 228 32.02 31.95 -3.44
C TRP C 228 31.25 32.53 -4.63
N THR C 229 30.85 31.69 -5.57
CA THR C 229 30.27 32.15 -6.83
C THR C 229 29.17 31.20 -7.28
N SER C 230 28.02 31.74 -7.65
CA SER C 230 26.99 30.95 -8.32
C SER C 230 27.22 30.99 -9.82
N MET C 231 26.61 30.02 -10.52
CA MET C 231 26.76 29.98 -11.98
C MET C 231 26.36 31.31 -12.61
N GLY C 232 25.31 31.95 -12.10
CA GLY C 232 24.90 33.23 -12.61
C GLY C 232 25.90 34.34 -12.39
N GLN C 233 26.86 34.14 -11.48
CA GLN C 233 27.82 35.18 -11.13
C GLN C 233 29.15 35.03 -11.84
N GLU C 234 29.37 33.92 -12.57
CA GLU C 234 30.66 33.68 -13.20
C GLU C 234 31.03 34.77 -14.19
N ASN C 235 30.03 35.42 -14.79
CA ASN C 235 30.28 36.46 -15.77
C ASN C 235 29.90 37.85 -15.24
N ASP C 236 29.92 38.04 -13.92
CA ASP C 236 29.55 39.36 -13.41
C ASP C 236 30.69 40.37 -13.48
N GLY C 237 31.88 39.99 -13.93
CA GLY C 237 33.00 40.90 -14.07
C GLY C 237 33.93 40.99 -12.88
N LEU C 238 33.57 40.38 -11.75
CA LEU C 238 34.38 40.48 -10.54
C LEU C 238 35.41 39.36 -10.44
N ASP C 239 36.59 39.70 -9.92
CA ASP C 239 37.48 38.70 -9.33
C ASP C 239 36.80 38.18 -8.08
N ARG C 240 36.26 36.95 -8.16
CA ARG C 240 35.52 36.37 -7.06
C ARG C 240 36.35 35.34 -6.29
N VAL C 241 37.67 35.50 -6.30
CA VAL C 241 38.58 34.67 -5.54
C VAL C 241 39.40 35.50 -4.56
N LYS C 242 40.08 36.54 -5.06
CA LYS C 242 40.97 37.31 -4.21
C LYS C 242 40.25 37.93 -3.00
N PRO C 243 39.04 38.49 -3.11
CA PRO C 243 38.42 39.07 -1.90
C PRO C 243 38.10 38.05 -0.84
N PHE C 244 37.93 36.78 -1.21
CA PHE C 244 37.45 35.77 -0.28
C PHE C 244 38.55 34.93 0.34
N ARG C 245 39.78 34.98 -0.18
CA ARG C 245 40.85 34.16 0.42
C ARG C 245 41.00 34.34 1.93
N PRO C 246 40.95 35.55 2.50
CA PRO C 246 41.04 35.67 3.96
C PRO C 246 39.93 34.95 4.70
N PHE C 247 38.86 34.58 4.02
CA PHE C 247 37.69 33.98 4.65
C PHE C 247 37.61 32.49 4.41
N GLN C 248 38.66 31.88 3.88
CA GLN C 248 38.68 30.43 3.70
C GLN C 248 38.49 29.72 5.02
N LEU C 249 37.69 28.67 5.01
CA LEU C 249 37.41 27.94 6.24
C LEU C 249 38.48 26.84 6.24
N ASN C 250 39.60 27.10 6.90
CA ASN C 250 40.74 26.18 6.91
C ASN C 250 41.07 25.77 8.35
N SER C 251 42.08 24.90 8.48
CA SER C 251 42.46 24.38 9.79
C SER C 251 42.85 25.49 10.76
N ARG C 252 43.60 26.49 10.27
CA ARG C 252 43.96 27.65 11.09
C ARG C 252 42.71 28.32 11.64
N LEU C 253 41.73 28.58 10.78
CA LEU C 253 40.51 29.28 11.19
C LEU C 253 39.70 28.43 12.16
N LEU C 254 39.52 27.15 11.85
CA LEU C 254 38.78 26.25 12.74
C LEU C 254 39.41 26.21 14.13
N ALA C 255 40.74 26.26 14.20
CA ALA C 255 41.42 26.16 15.49
C ALA C 255 41.13 27.35 16.40
N LEU C 256 40.65 28.46 15.85
CA LEU C 256 40.25 29.59 16.68
C LEU C 256 38.89 29.40 17.32
N ALA C 257 38.05 28.51 16.79
CA ALA C 257 36.71 28.35 17.30
C ALA C 257 36.73 27.54 18.59
N ASP C 258 35.56 27.37 19.20
CA ASP C 258 35.45 26.50 20.36
C ASP C 258 35.92 25.10 20.00
N SER C 259 36.51 24.40 20.98
CA SER C 259 37.10 23.10 20.68
C SER C 259 36.07 22.08 20.22
N ASP C 260 34.80 22.29 20.54
CA ASP C 260 33.73 21.38 20.12
C ASP C 260 32.98 21.89 18.90
N ALA C 261 33.56 22.86 18.18
CA ALA C 261 32.86 23.47 17.06
C ALA C 261 32.61 22.45 15.95
N ILE C 262 31.51 22.64 15.22
CA ILE C 262 31.22 21.84 14.05
C ILE C 262 31.22 22.74 12.83
N VAL C 263 31.33 22.10 11.67
CA VAL C 263 31.46 22.80 10.38
C VAL C 263 30.35 22.34 9.45
N LEU C 264 29.70 23.30 8.80
CA LEU C 264 28.62 23.07 7.84
C LEU C 264 28.99 23.69 6.49
N HIS C 265 28.42 23.12 5.43
CA HIS C 265 28.63 23.59 4.07
C HIS C 265 27.52 23.00 3.22
N CYS C 266 26.65 23.82 2.65
CA CYS C 266 25.67 23.20 1.78
C CYS C 266 26.37 22.83 0.49
N LEU C 267 26.03 21.70 -0.05
CA LEU C 267 26.83 21.18 -1.14
C LEU C 267 26.43 21.86 -2.45
N PRO C 268 27.31 21.82 -3.47
CA PRO C 268 28.61 21.16 -3.48
C PRO C 268 29.71 22.06 -2.92
N ALA C 269 30.80 21.44 -2.48
CA ALA C 269 31.98 22.16 -2.02
C ALA C 269 33.03 22.19 -3.12
N HIS C 270 33.75 23.31 -3.20
CA HIS C 270 34.91 23.45 -4.08
C HIS C 270 36.13 23.37 -3.18
N ARG C 271 36.62 22.15 -3.00
CA ARG C 271 37.74 21.90 -2.09
C ARG C 271 38.96 22.68 -2.54
N GLY C 272 39.61 23.36 -1.60
CA GLY C 272 40.74 24.22 -1.88
C GLY C 272 40.38 25.69 -2.02
N ASP C 273 39.11 26.01 -2.28
CA ASP C 273 38.67 27.40 -2.32
C ASP C 273 38.07 27.79 -0.97
N GLU C 274 36.75 27.66 -0.81
CA GLU C 274 36.14 28.17 0.42
C GLU C 274 36.39 27.28 1.63
N ILE C 275 36.79 26.03 1.41
CA ILE C 275 36.98 25.09 2.50
C ILE C 275 38.09 24.14 2.06
N THR C 276 38.88 23.67 3.02
CA THR C 276 39.98 22.77 2.71
C THR C 276 39.59 21.32 2.95
N ASP C 277 40.35 20.40 2.32
CA ASP C 277 40.14 18.97 2.54
C ASP C 277 40.24 18.61 4.02
N ALA C 278 41.23 19.16 4.72
CA ALA C 278 41.40 18.84 6.13
C ALA C 278 40.16 19.17 6.93
N VAL C 279 39.52 20.30 6.63
CA VAL C 279 38.33 20.68 7.39
C VAL C 279 37.12 19.87 6.93
N MET C 280 36.94 19.75 5.61
CA MET C 280 35.81 18.98 5.05
C MET C 280 35.75 17.57 5.60
N ASP C 281 36.90 16.91 5.69
CA ASP C 281 36.95 15.49 6.01
C ASP C 281 37.35 15.21 7.44
N GLY C 282 37.54 16.25 8.25
CA GLY C 282 37.99 16.08 9.61
C GLY C 282 36.86 15.88 10.60
N PRO C 283 37.20 15.75 11.88
CA PRO C 283 36.19 15.37 12.88
C PRO C 283 35.17 16.45 13.18
N ALA C 284 35.43 17.72 12.82
CA ALA C 284 34.43 18.75 13.08
C ALA C 284 33.36 18.83 12.00
N SER C 285 33.58 18.19 10.86
CA SER C 285 32.67 18.37 9.74
C SER C 285 31.37 17.60 9.97
N ALA C 286 30.24 18.29 9.76
CA ALA C 286 28.92 17.68 9.81
C ALA C 286 28.23 17.73 8.45
N VAL C 287 29.02 17.89 7.38
CA VAL C 287 28.43 18.19 6.07
C VAL C 287 27.61 17.03 5.53
N TRP C 288 27.95 15.79 5.85
CA TRP C 288 27.19 14.67 5.30
C TRP C 288 25.86 14.47 6.04
N ASP C 289 25.87 14.59 7.37
CA ASP C 289 24.61 14.57 8.11
C ASP C 289 23.72 15.72 7.68
N GLU C 290 24.33 16.89 7.48
CA GLU C 290 23.63 18.07 7.00
C GLU C 290 22.91 17.80 5.69
N ALA C 291 23.61 17.16 4.74
CA ALA C 291 22.97 16.84 3.48
C ALA C 291 21.84 15.84 3.67
N GLU C 292 22.04 14.80 4.49
CA GLU C 292 20.98 13.84 4.76
C GLU C 292 19.75 14.53 5.34
N ASN C 293 19.97 15.49 6.25
CA ASN C 293 18.85 16.09 6.94
C ASN C 293 17.99 16.98 6.06
N ARG C 294 18.44 17.31 4.85
CA ARG C 294 17.51 17.92 3.89
C ARG C 294 16.25 17.06 3.73
N LEU C 295 16.42 15.74 3.65
CA LEU C 295 15.27 14.84 3.52
C LEU C 295 14.30 15.02 4.69
N HIS C 296 14.82 14.93 5.92
CA HIS C 296 13.96 14.91 7.10
C HIS C 296 13.35 16.27 7.36
N ALA C 297 14.15 17.34 7.25
CA ALA C 297 13.64 18.68 7.54
C ALA C 297 12.58 19.10 6.53
N GLN C 298 12.77 18.76 5.26
CA GLN C 298 11.77 19.13 4.27
C GLN C 298 10.49 18.32 4.43
N LYS C 299 10.60 17.05 4.84
CA LYS C 299 9.39 16.26 5.12
C LYS C 299 8.60 16.89 6.26
N ALA C 300 9.30 17.26 7.35
CA ALA C 300 8.64 17.92 8.48
C ALA C 300 7.96 19.21 8.04
N LEU C 301 8.67 20.02 7.24
CA LEU C 301 8.07 21.26 6.75
C LEU C 301 6.78 20.98 5.97
N LEU C 302 6.82 19.98 5.08
CA LEU C 302 5.65 19.66 4.28
C LEU C 302 4.49 19.21 5.16
N VAL C 303 4.76 18.30 6.10
CA VAL C 303 3.70 17.86 7.02
C VAL C 303 3.11 19.06 7.74
N TRP C 304 3.97 19.94 8.24
CA TRP C 304 3.51 21.06 9.05
C TRP C 304 2.68 22.04 8.22
N LEU C 305 3.14 22.37 7.00
CA LEU C 305 2.40 23.31 6.17
C LEU C 305 1.08 22.71 5.71
N LEU C 306 1.06 21.43 5.37
CA LEU C 306 -0.16 20.81 4.90
C LEU C 306 -1.24 20.81 5.97
N GLU C 307 -0.85 20.52 7.21
CA GLU C 307 -1.89 20.49 8.23
C GLU C 307 -2.37 21.88 8.64
N ARG C 308 -1.60 22.94 8.36
CA ARG C 308 -2.02 24.30 8.66
C ARG C 308 -2.79 24.93 7.52
N SER C 309 -2.99 24.22 6.43
CA SER C 309 -3.55 24.80 5.23
C SER C 309 -4.80 24.01 4.81
N VAL D 3 9.65 4.32 30.92
CA VAL D 3 9.80 4.59 29.50
C VAL D 3 8.56 4.09 28.74
N ILE D 4 7.98 2.94 29.11
CA ILE D 4 6.76 2.44 28.46
C ILE D 4 5.54 3.07 29.13
N ARG D 5 4.71 3.77 28.36
CA ARG D 5 3.55 4.44 28.91
C ARG D 5 2.31 3.55 28.77
N HIS D 6 1.52 3.48 29.84
CA HIS D 6 0.25 2.76 29.85
C HIS D 6 -0.89 3.73 30.10
N PHE D 7 -2.11 3.26 29.84
CA PHE D 7 -3.31 4.07 30.04
C PHE D 7 -4.36 3.17 30.68
N LEU D 8 -4.27 3.03 32.01
CA LEU D 8 -5.16 2.15 32.74
C LEU D 8 -6.27 2.91 33.45
N ARG D 9 -6.12 4.22 33.61
CA ARG D 9 -7.07 5.11 34.28
C ARG D 9 -6.74 6.52 33.81
N ASP D 10 -7.71 7.43 33.99
CA ASP D 10 -7.69 8.68 33.22
C ASP D 10 -6.49 9.53 33.58
N ASP D 11 -6.08 9.52 34.85
CA ASP D 11 -5.01 10.36 35.32
C ASP D 11 -3.63 9.76 35.04
N ASP D 12 -3.59 8.66 34.28
CA ASP D 12 -2.30 8.22 33.75
C ASP D 12 -1.72 9.22 32.76
N LEU D 13 -2.56 10.08 32.18
CA LEU D 13 -2.09 11.24 31.41
C LEU D 13 -2.09 12.46 32.32
N SER D 14 -1.01 13.23 32.26
CA SER D 14 -0.96 14.52 32.92
C SER D 14 -1.90 15.48 32.20
N PRO D 15 -2.19 16.65 32.77
CA PRO D 15 -2.97 17.64 32.02
C PRO D 15 -2.38 17.99 30.66
N ALA D 16 -1.06 18.25 30.58
CA ALA D 16 -0.48 18.61 29.29
C ALA D 16 -0.54 17.44 28.32
N GLU D 17 -0.35 16.21 28.82
CA GLU D 17 -0.40 15.04 27.97
C GLU D 17 -1.81 14.79 27.44
N GLN D 18 -2.81 14.91 28.31
CA GLN D 18 -4.18 14.75 27.86
C GLN D 18 -4.53 15.76 26.77
N ALA D 19 -4.06 17.01 26.92
CA ALA D 19 -4.33 18.02 25.90
C ALA D 19 -3.70 17.61 24.57
N GLU D 20 -2.48 17.03 24.61
CA GLU D 20 -1.84 16.55 23.40
C GLU D 20 -2.68 15.47 22.73
N VAL D 21 -3.17 14.51 23.53
CA VAL D 21 -3.96 13.42 22.96
C VAL D 21 -5.24 13.96 22.34
N LEU D 22 -5.90 14.90 23.03
CA LEU D 22 -7.16 15.42 22.52
C LEU D 22 -6.95 16.24 21.24
N GLU D 23 -5.84 16.98 21.17
CA GLU D 23 -5.54 17.71 19.94
C GLU D 23 -5.30 16.74 18.79
N LEU D 24 -4.58 15.64 19.07
CA LEU D 24 -4.36 14.61 18.08
C LEU D 24 -5.67 13.98 17.63
N ALA D 25 -6.62 13.80 18.56
CA ALA D 25 -7.91 13.21 18.19
C ALA D 25 -8.64 14.09 17.17
N ALA D 26 -8.58 15.41 17.36
CA ALA D 26 -9.20 16.32 16.41
C ALA D 26 -8.51 16.25 15.06
N GLU D 27 -7.18 16.16 15.06
CA GLU D 27 -6.43 16.06 13.81
C GLU D 27 -6.78 14.77 13.07
N LEU D 28 -6.89 13.66 13.81
CA LEU D 28 -7.18 12.37 13.19
C LEU D 28 -8.63 12.28 12.73
N LYS D 29 -9.57 12.95 13.41
CA LYS D 29 -10.94 12.99 12.89
C LYS D 29 -10.97 13.66 11.52
N LYS D 30 -10.13 14.69 11.32
CA LYS D 30 -10.07 15.40 10.05
C LYS D 30 -9.33 14.60 8.99
N ASP D 31 -8.27 13.89 9.37
CA ASP D 31 -7.42 13.15 8.44
C ASP D 31 -7.17 11.76 9.01
N PRO D 32 -8.11 10.83 8.83
CA PRO D 32 -8.10 9.59 9.61
C PRO D 32 -7.06 8.56 9.18
N VAL D 33 -6.41 8.72 8.03
CA VAL D 33 -5.37 7.75 7.67
C VAL D 33 -4.01 8.43 7.49
N SER D 34 -3.84 9.61 8.10
CA SER D 34 -2.61 10.38 7.98
C SER D 34 -1.52 9.95 8.94
N ARG D 35 -1.83 9.14 9.96
CA ARG D 35 -0.84 8.63 10.90
C ARG D 35 -0.81 7.11 10.78
N ARG D 36 0.35 6.55 10.47
CA ARG D 36 0.47 5.13 10.22
C ARG D 36 1.62 4.54 11.02
N PRO D 37 1.60 4.70 12.36
CA PRO D 37 2.68 4.15 13.17
C PRO D 37 2.70 2.63 13.21
N LEU D 38 1.59 1.98 12.85
CA LEU D 38 1.49 0.54 12.90
C LEU D 38 1.59 -0.09 11.50
N GLN D 39 2.01 0.69 10.50
CA GLN D 39 2.18 0.17 9.14
C GLN D 39 3.06 -1.07 9.13
N GLY D 40 2.70 -2.01 8.26
CA GLY D 40 3.44 -3.25 8.17
C GLY D 40 2.64 -4.38 7.58
N PRO D 41 1.60 -4.83 8.28
CA PRO D 41 1.12 -4.32 9.57
C PRO D 41 1.85 -4.84 10.81
N ARG D 42 1.96 -3.98 11.80
CA ARG D 42 2.24 -4.38 13.15
C ARG D 42 0.93 -4.76 13.84
N GLY D 43 1.03 -5.60 14.87
CA GLY D 43 -0.13 -6.06 15.58
C GLY D 43 -0.51 -5.22 16.79
N VAL D 44 -1.80 -5.26 17.13
CA VAL D 44 -2.29 -4.77 18.42
C VAL D 44 -3.25 -5.83 18.95
N ALA D 45 -3.04 -6.25 20.20
CA ALA D 45 -3.96 -7.20 20.79
C ALA D 45 -5.20 -6.47 21.28
N VAL D 46 -6.38 -7.05 21.05
CA VAL D 46 -7.64 -6.49 21.57
C VAL D 46 -8.37 -7.64 22.25
N ILE D 47 -8.31 -7.66 23.58
CA ILE D 47 -8.75 -8.80 24.38
C ILE D 47 -9.97 -8.42 25.21
N PHE D 48 -11.02 -9.25 25.15
CA PHE D 48 -12.24 -9.03 25.93
C PHE D 48 -12.47 -10.17 26.92
N ASP D 49 -12.33 -9.89 28.22
CA ASP D 49 -12.77 -10.88 29.21
C ASP D 49 -14.28 -11.00 29.23
N LYS D 50 -14.98 -9.92 28.88
CA LYS D 50 -16.40 -9.92 28.57
C LYS D 50 -16.55 -9.13 27.29
N ASN D 51 -17.31 -9.67 26.34
CA ASN D 51 -17.40 -9.03 25.03
C ASN D 51 -18.05 -7.65 25.13
N SER D 52 -17.59 -6.76 24.26
CA SER D 52 -18.20 -5.45 24.08
C SER D 52 -18.12 -5.14 22.59
N THR D 53 -19.21 -5.39 21.87
CA THR D 53 -19.20 -5.24 20.43
C THR D 53 -18.86 -3.80 20.02
N ARG D 54 -19.41 -2.82 20.72
CA ARG D 54 -19.11 -1.42 20.42
C ARG D 54 -17.63 -1.10 20.59
N THR D 55 -17.02 -1.60 21.66
CA THR D 55 -15.59 -1.39 21.86
C THR D 55 -14.81 -2.05 20.74
N ARG D 56 -15.33 -3.16 20.21
CA ARG D 56 -14.62 -3.87 19.16
C ARG D 56 -14.62 -3.08 17.87
N PHE D 57 -15.76 -2.52 17.48
CA PHE D 57 -15.80 -1.73 16.25
C PHE D 57 -14.80 -0.59 16.31
N SER D 58 -14.81 0.17 17.40
CA SER D 58 -13.97 1.36 17.46
C SER D 58 -12.48 0.98 17.46
N PHE D 59 -12.08 0.00 18.27
CA PHE D 59 -10.65 -0.35 18.32
C PHE D 59 -10.21 -1.07 17.05
N GLU D 60 -10.99 -2.03 16.57
CA GLU D 60 -10.53 -2.83 15.44
C GLU D 60 -10.33 -1.95 14.21
N LEU D 61 -11.27 -1.02 13.96
CA LEU D 61 -11.13 -0.14 12.81
C LEU D 61 -10.08 0.92 13.05
N GLY D 62 -10.00 1.44 14.28
CA GLY D 62 -8.98 2.44 14.58
C GLY D 62 -7.58 1.90 14.36
N ILE D 63 -7.32 0.70 14.86
CA ILE D 63 -6.00 0.08 14.66
C ILE D 63 -5.72 -0.10 13.18
N ALA D 64 -6.71 -0.57 12.42
CA ALA D 64 -6.54 -0.75 10.98
C ALA D 64 -6.21 0.56 10.28
N GLN D 65 -6.84 1.67 10.70
CA GLN D 65 -6.60 2.97 10.08
C GLN D 65 -5.27 3.57 10.50
N LEU D 66 -4.60 3.02 11.52
CA LEU D 66 -3.22 3.34 11.85
C LEU D 66 -2.24 2.45 11.10
N GLY D 67 -2.74 1.62 10.18
CA GLY D 67 -1.94 0.69 9.39
C GLY D 67 -1.70 -0.66 10.03
N GLY D 68 -2.22 -0.90 11.24
CA GLY D 68 -1.97 -2.14 11.94
C GLY D 68 -3.06 -3.20 11.75
N HIS D 69 -2.85 -4.33 12.43
CA HIS D 69 -3.81 -5.41 12.39
C HIS D 69 -4.21 -5.77 13.82
N ALA D 70 -5.48 -5.61 14.14
CA ALA D 70 -5.98 -6.00 15.47
C ALA D 70 -6.19 -7.51 15.50
N VAL D 71 -5.63 -8.14 16.53
CA VAL D 71 -5.91 -9.54 16.81
C VAL D 71 -6.90 -9.55 17.96
N VAL D 72 -8.13 -9.97 17.68
CA VAL D 72 -9.22 -9.81 18.63
C VAL D 72 -9.46 -11.15 19.31
N VAL D 73 -9.50 -11.14 20.64
CA VAL D 73 -9.74 -12.36 21.41
C VAL D 73 -10.98 -12.09 22.25
N ASP D 74 -12.01 -12.90 22.06
CA ASP D 74 -13.24 -12.73 22.83
C ASP D 74 -13.26 -13.70 24.01
N SER D 75 -14.33 -13.61 24.81
CA SER D 75 -14.47 -14.37 26.03
C SER D 75 -14.62 -15.86 25.80
N GLY D 76 -14.89 -16.28 24.55
CA GLY D 76 -15.01 -17.71 24.28
C GLY D 76 -13.72 -18.45 24.49
N SER D 77 -12.59 -17.77 24.36
CA SER D 77 -11.29 -18.36 24.62
C SER D 77 -11.04 -18.44 26.12
N THR D 78 -10.03 -19.22 26.51
CA THR D 78 -9.70 -19.39 27.91
C THR D 78 -9.36 -18.03 28.52
N GLN D 79 -9.98 -17.73 29.67
CA GLN D 79 -9.78 -16.42 30.28
C GLN D 79 -8.33 -16.22 30.69
N LEU D 80 -7.78 -15.08 30.32
CA LEU D 80 -6.40 -14.77 30.66
C LEU D 80 -6.21 -14.88 32.17
N GLY D 81 -5.14 -15.56 32.57
CA GLY D 81 -4.84 -15.75 33.98
C GLY D 81 -5.10 -17.15 34.51
N ARG D 82 -5.80 -18.00 33.76
CA ARG D 82 -6.13 -19.33 34.24
C ARG D 82 -5.08 -20.38 33.88
N ASP D 83 -4.59 -20.34 32.66
CA ASP D 83 -3.66 -21.33 32.15
C ASP D 83 -2.20 -20.93 32.35
N GLU D 84 -1.95 -19.65 32.61
CA GLU D 84 -0.63 -19.10 32.87
C GLU D 84 -0.84 -17.78 33.58
N THR D 85 0.21 -17.30 34.23
CA THR D 85 0.09 -16.01 34.92
C THR D 85 -0.13 -14.88 33.93
N LEU D 86 -0.80 -13.82 34.42
CA LEU D 86 -1.01 -12.64 33.58
C LEU D 86 0.32 -12.04 33.14
N GLN D 87 1.33 -12.11 34.01
CA GLN D 87 2.65 -11.59 33.65
C GLN D 87 3.26 -12.37 32.49
N ASP D 88 3.14 -13.71 32.51
CA ASP D 88 3.65 -14.49 31.39
C ASP D 88 2.90 -14.14 30.11
N THR D 89 1.58 -13.99 30.20
CA THR D 89 0.80 -13.60 29.03
C THR D 89 1.27 -12.26 28.47
N ALA D 90 1.54 -11.30 29.36
CA ALA D 90 1.98 -9.98 28.91
C ALA D 90 3.34 -10.06 28.23
N LYS D 91 4.24 -10.90 28.75
CA LYS D 91 5.56 -11.03 28.13
C LYS D 91 5.49 -11.65 26.75
N VAL D 92 4.59 -12.61 26.54
CA VAL D 92 4.51 -13.19 25.19
C VAL D 92 3.77 -12.25 24.25
N LEU D 93 2.69 -11.62 24.72
CA LEU D 93 1.99 -10.66 23.85
C LEU D 93 2.93 -9.55 23.41
N SER D 94 3.83 -9.11 24.29
CA SER D 94 4.80 -8.08 23.97
C SER D 94 5.74 -8.49 22.83
N ARG D 95 5.89 -9.79 22.55
CA ARG D 95 6.67 -10.22 21.40
C ARG D 95 5.89 -10.26 20.09
N TYR D 96 4.55 -10.28 20.15
CA TYR D 96 3.75 -10.36 18.94
C TYR D 96 3.15 -9.04 18.53
N VAL D 97 2.81 -8.17 19.49
CA VAL D 97 2.08 -6.94 19.20
C VAL D 97 2.82 -5.75 19.77
N ASP D 98 2.42 -4.56 19.31
CA ASP D 98 3.01 -3.29 19.72
C ASP D 98 2.21 -2.56 20.79
N ALA D 99 1.05 -3.08 21.15
CA ALA D 99 0.21 -2.54 22.22
C ALA D 99 -0.84 -3.59 22.56
N ILE D 100 -1.33 -3.53 23.80
CA ILE D 100 -2.31 -4.47 24.33
C ILE D 100 -3.51 -3.66 24.80
N VAL D 101 -4.67 -3.91 24.20
CA VAL D 101 -5.93 -3.26 24.56
C VAL D 101 -6.77 -4.32 25.25
N TRP D 102 -7.21 -4.06 26.49
CA TRP D 102 -7.83 -5.12 27.27
C TRP D 102 -9.06 -4.61 28.01
N ARG D 103 -10.18 -5.29 27.82
CA ARG D 103 -11.39 -5.08 28.61
C ARG D 103 -11.44 -6.18 29.66
N THR D 104 -11.32 -5.81 30.94
CA THR D 104 -11.32 -6.80 32.01
C THR D 104 -12.07 -6.24 33.20
N PHE D 105 -11.82 -6.82 34.38
CA PHE D 105 -12.69 -6.63 35.51
C PHE D 105 -11.93 -5.83 36.57
N GLY D 106 -11.23 -6.47 37.49
CA GLY D 106 -10.57 -5.73 38.54
C GLY D 106 -9.32 -5.02 38.07
N GLN D 107 -9.08 -3.85 38.65
CA GLN D 107 -7.94 -3.04 38.23
C GLN D 107 -6.61 -3.77 38.45
N GLU D 108 -6.54 -4.67 39.43
CA GLU D 108 -5.27 -5.35 39.70
C GLU D 108 -4.84 -6.23 38.53
N ARG D 109 -5.79 -6.71 37.71
CA ARG D 109 -5.42 -7.48 36.54
C ARG D 109 -4.70 -6.62 35.52
N LEU D 110 -5.24 -5.42 35.26
CA LEU D 110 -4.56 -4.48 34.36
C LEU D 110 -3.17 -4.13 34.89
N ASP D 111 -3.08 -3.81 36.19
CA ASP D 111 -1.76 -3.52 36.75
C ASP D 111 -0.81 -4.70 36.56
N ALA D 112 -1.32 -5.92 36.65
CA ALA D 112 -0.46 -7.10 36.51
C ALA D 112 0.20 -7.15 35.13
N MET D 113 -0.58 -7.00 34.05
CA MET D 113 0.08 -7.00 32.75
C MET D 113 0.96 -5.78 32.55
N ALA D 114 0.50 -4.60 32.96
CA ALA D 114 1.31 -3.40 32.75
C ALA D 114 2.62 -3.47 33.51
N SER D 115 2.67 -4.26 34.59
CA SER D 115 3.88 -4.33 35.40
C SER D 115 5.06 -4.92 34.63
N VAL D 116 4.81 -5.76 33.61
CA VAL D 116 5.92 -6.42 32.92
C VAL D 116 5.87 -6.19 31.41
N ALA D 117 4.78 -5.64 30.89
CA ALA D 117 4.68 -5.50 29.44
C ALA D 117 5.74 -4.52 28.94
N THR D 118 6.33 -4.84 27.79
CA THR D 118 7.25 -3.92 27.13
C THR D 118 6.56 -3.12 26.04
N VAL D 119 5.23 -3.14 26.01
CA VAL D 119 4.41 -2.35 25.10
C VAL D 119 3.30 -1.70 25.92
N PRO D 120 2.70 -0.62 25.41
CA PRO D 120 1.60 0.04 26.15
C PRO D 120 0.43 -0.90 26.36
N VAL D 121 -0.13 -0.85 27.58
CA VAL D 121 -1.38 -1.50 27.93
C VAL D 121 -2.44 -0.42 28.08
N ILE D 122 -3.62 -0.66 27.47
CA ILE D 122 -4.73 0.29 27.44
C ILE D 122 -5.95 -0.39 28.04
N ASN D 123 -6.57 0.27 29.02
CA ASN D 123 -7.82 -0.19 29.64
C ASN D 123 -8.96 0.20 28.71
N ALA D 124 -9.50 -0.80 27.98
CA ALA D 124 -10.62 -0.55 27.07
C ALA D 124 -11.92 -0.29 27.82
N LEU D 125 -12.03 -0.76 29.07
CA LEU D 125 -13.20 -0.70 29.93
C LEU D 125 -12.94 -1.67 31.07
N SER D 126 -13.12 -1.25 32.33
CA SER D 126 -12.89 -2.11 33.50
C SER D 126 -13.96 -1.83 34.54
N ASP D 127 -13.94 -2.61 35.64
CA ASP D 127 -14.89 -2.37 36.73
C ASP D 127 -14.78 -0.95 37.26
N GLU D 128 -13.56 -0.42 37.36
CA GLU D 128 -13.35 0.81 38.10
C GLU D 128 -13.26 2.05 37.22
N PHE D 129 -12.86 1.91 35.95
CA PHE D 129 -12.62 3.07 35.09
C PHE D 129 -13.09 2.77 33.68
N HIS D 130 -13.40 3.83 32.94
CA HIS D 130 -13.66 3.70 31.51
C HIS D 130 -13.01 4.90 30.82
N PRO D 131 -11.67 4.93 30.81
CA PRO D 131 -10.97 6.17 30.45
C PRO D 131 -10.98 6.44 28.96
N CYS D 132 -11.09 5.43 28.10
CA CYS D 132 -11.19 5.72 26.68
C CYS D 132 -12.52 6.39 26.35
N GLN D 133 -13.59 5.97 27.01
CA GLN D 133 -14.87 6.64 26.79
C GLN D 133 -14.79 8.11 27.19
N VAL D 134 -14.08 8.42 28.28
CA VAL D 134 -14.04 9.82 28.69
C VAL D 134 -13.17 10.64 27.75
N LEU D 135 -12.13 10.05 27.14
CA LEU D 135 -11.41 10.79 26.10
C LEU D 135 -12.35 11.17 24.96
N ALA D 136 -13.17 10.20 24.53
CA ALA D 136 -14.17 10.50 23.50
C ALA D 136 -15.14 11.59 23.95
N ASP D 137 -15.58 11.52 25.23
CA ASP D 137 -16.47 12.57 25.76
C ASP D 137 -15.80 13.94 25.70
N LEU D 138 -14.54 14.02 26.13
CA LEU D 138 -13.84 15.31 26.13
C LEU D 138 -13.64 15.85 24.72
N GLN D 139 -13.34 14.96 23.76
CA GLN D 139 -13.27 15.39 22.37
C GLN D 139 -14.61 15.98 21.91
N THR D 140 -15.71 15.32 22.29
CA THR D 140 -17.04 15.77 21.88
C THR D 140 -17.34 17.13 22.48
N ILE D 141 -17.07 17.29 23.77
CA ILE D 141 -17.30 18.58 24.40
C ILE D 141 -16.47 19.66 23.72
N ALA D 142 -15.20 19.38 23.45
CA ALA D 142 -14.32 20.37 22.84
C ALA D 142 -14.83 20.78 21.47
N GLU D 143 -15.33 19.80 20.71
CA GLU D 143 -15.85 20.06 19.36
C GLU D 143 -16.96 21.08 19.40
N ARG D 144 -17.82 20.98 20.40
CA ARG D 144 -19.01 21.80 20.50
C ARG D 144 -18.72 23.12 21.17
N LYS D 145 -17.80 23.15 22.13
CA LYS D 145 -17.74 24.26 23.06
C LYS D 145 -16.37 24.91 23.16
N GLY D 146 -15.35 24.37 22.51
CA GLY D 146 -14.04 24.99 22.52
C GLY D 146 -13.21 24.58 23.72
N ALA D 147 -12.54 25.54 24.35
CA ALA D 147 -11.63 25.20 25.43
C ALA D 147 -12.38 24.54 26.58
N LEU D 148 -11.79 23.49 27.14
CA LEU D 148 -12.46 22.74 28.19
C LEU D 148 -12.27 23.34 29.58
N ARG D 149 -11.15 24.04 29.79
CA ARG D 149 -10.85 24.57 31.12
C ARG D 149 -11.95 25.53 31.57
N GLY D 150 -12.50 25.27 32.75
CA GLY D 150 -13.52 26.13 33.34
C GLY D 150 -14.94 25.76 33.01
N LEU D 151 -15.16 24.80 32.11
CA LEU D 151 -16.52 24.34 31.84
C LEU D 151 -17.05 23.58 33.06
N ARG D 152 -18.37 23.37 33.06
CA ARG D 152 -19.06 22.69 34.15
C ARG D 152 -19.75 21.44 33.59
N LEU D 153 -19.39 20.29 34.14
CA LEU D 153 -19.98 19.01 33.76
C LEU D 153 -20.62 18.36 34.98
N SER D 154 -21.84 17.87 34.80
CA SER D 154 -22.55 17.13 35.85
C SER D 154 -22.91 15.74 35.35
N TYR D 155 -22.57 14.73 36.16
CA TYR D 155 -22.93 13.34 35.93
C TYR D 155 -24.02 12.94 36.91
N PHE D 156 -24.98 12.14 36.45
CA PHE D 156 -26.18 11.80 37.21
C PHE D 156 -26.35 10.30 37.30
N GLY D 157 -26.70 9.80 38.50
CA GLY D 157 -27.08 8.41 38.62
C GLY D 157 -26.19 7.61 39.56
N ASP D 158 -25.62 6.52 39.05
CA ASP D 158 -24.75 5.65 39.85
C ASP D 158 -23.37 6.30 39.94
N GLY D 159 -23.10 6.98 41.04
CA GLY D 159 -21.84 7.66 41.23
C GLY D 159 -20.68 6.76 41.63
N ALA D 160 -20.90 5.45 41.70
CA ALA D 160 -19.87 4.51 42.11
C ALA D 160 -19.31 3.69 40.96
N ASN D 161 -19.78 3.91 39.73
CA ASN D 161 -19.38 3.06 38.63
C ASN D 161 -18.18 3.65 37.89
N ASN D 162 -17.77 2.95 36.83
CA ASN D 162 -16.57 3.32 36.10
C ASN D 162 -16.70 4.68 35.41
N MET D 163 -17.89 4.99 34.88
CA MET D 163 -18.09 6.29 34.23
C MET D 163 -17.96 7.43 35.23
N ALA D 164 -18.50 7.28 36.44
CA ALA D 164 -18.39 8.36 37.40
C ALA D 164 -16.94 8.60 37.78
N HIS D 165 -16.19 7.51 38.01
CA HIS D 165 -14.78 7.63 38.36
C HIS D 165 -13.99 8.30 37.25
N SER D 166 -14.23 7.91 36.01
CA SER D 166 -13.43 8.44 34.92
C SER D 166 -13.84 9.87 34.56
N LEU D 167 -15.12 10.20 34.68
CA LEU D 167 -15.50 11.60 34.46
C LEU D 167 -14.88 12.49 35.53
N LEU D 168 -14.75 11.98 36.76
CA LEU D 168 -14.05 12.74 37.79
C LEU D 168 -12.59 12.95 37.41
N LEU D 169 -11.88 11.84 37.14
CA LEU D 169 -10.43 11.94 36.96
C LEU D 169 -10.08 12.59 35.63
N GLY D 170 -10.73 12.14 34.55
CA GLY D 170 -10.45 12.72 33.25
C GLY D 170 -10.97 14.15 33.15
N GLY D 171 -12.12 14.40 33.78
CA GLY D 171 -12.68 15.74 33.76
C GLY D 171 -11.79 16.77 34.44
N VAL D 172 -11.32 16.47 35.65
CA VAL D 172 -10.49 17.45 36.33
C VAL D 172 -9.14 17.56 35.66
N THR D 173 -8.68 16.49 34.98
CA THR D 173 -7.41 16.59 34.26
C THR D 173 -7.50 17.62 33.13
N ALA D 174 -8.70 17.80 32.57
CA ALA D 174 -9.00 18.77 31.52
C ALA D 174 -9.31 20.16 32.06
N GLY D 175 -9.37 20.34 33.39
CA GLY D 175 -9.73 21.62 33.96
C GLY D 175 -11.21 21.86 34.14
N ILE D 176 -12.03 20.82 34.05
CA ILE D 176 -13.48 20.95 34.11
C ILE D 176 -13.92 20.83 35.57
N HIS D 177 -14.89 21.67 35.96
CA HIS D 177 -15.56 21.55 37.25
C HIS D 177 -16.56 20.41 37.17
N VAL D 178 -16.27 19.27 37.81
CA VAL D 178 -17.09 18.07 37.71
C VAL D 178 -17.98 17.93 38.93
N THR D 179 -19.26 17.69 38.71
CA THR D 179 -20.22 17.40 39.76
C THR D 179 -20.79 16.00 39.52
N VAL D 180 -20.83 15.20 40.58
CA VAL D 180 -21.46 13.89 40.54
C VAL D 180 -22.71 13.97 41.40
N ALA D 181 -23.87 13.77 40.79
CA ALA D 181 -25.15 13.76 41.49
C ALA D 181 -25.59 12.30 41.63
N ALA D 182 -25.64 11.80 42.87
CA ALA D 182 -25.86 10.38 43.12
C ALA D 182 -26.46 10.19 44.50
N PRO D 183 -27.21 9.10 44.71
CA PRO D 183 -27.77 8.82 46.05
C PRO D 183 -26.73 8.22 47.00
N GLU D 184 -27.02 8.27 48.31
CA GLU D 184 -26.16 7.55 49.27
C GLU D 184 -26.06 6.08 48.92
N GLY D 185 -24.89 5.50 49.19
CA GLY D 185 -24.63 4.12 48.84
C GLY D 185 -24.15 3.91 47.43
N PHE D 186 -24.17 4.94 46.59
CA PHE D 186 -23.69 4.86 45.21
C PHE D 186 -22.85 6.09 44.90
N LEU D 187 -21.95 6.41 45.80
CA LEU D 187 -21.07 7.56 45.72
C LEU D 187 -19.69 7.11 45.24
N PRO D 188 -18.85 8.03 44.75
CA PRO D 188 -17.54 7.62 44.22
C PRO D 188 -16.68 6.89 45.25
N ASP D 189 -15.87 5.95 44.76
CA ASP D 189 -14.86 5.35 45.60
C ASP D 189 -13.99 6.45 46.23
N PRO D 190 -13.84 6.49 47.56
CA PRO D 190 -13.16 7.64 48.17
C PRO D 190 -11.69 7.76 47.78
N SER D 191 -11.02 6.66 47.44
CA SER D 191 -9.68 6.76 46.87
C SER D 191 -9.69 7.52 45.55
N VAL D 192 -10.66 7.23 44.68
CA VAL D 192 -10.76 7.94 43.41
C VAL D 192 -11.11 9.41 43.66
N ARG D 193 -12.04 9.67 44.57
CA ARG D 193 -12.42 11.06 44.86
C ARG D 193 -11.21 11.86 45.32
N ALA D 194 -10.41 11.28 46.21
CA ALA D 194 -9.22 11.99 46.69
C ALA D 194 -8.22 12.22 45.57
N ALA D 195 -8.06 11.24 44.67
CA ALA D 195 -7.15 11.44 43.54
C ALA D 195 -7.66 12.56 42.64
N ALA D 196 -8.97 12.64 42.44
CA ALA D 196 -9.52 13.70 41.59
C ALA D 196 -9.35 15.06 42.24
N GLU D 197 -9.57 15.13 43.56
CA GLU D 197 -9.41 16.41 44.23
C GLU D 197 -7.96 16.88 44.17
N ARG D 198 -7.01 15.94 44.29
CA ARG D 198 -5.59 16.29 44.16
C ARG D 198 -5.26 16.78 42.76
N ARG D 199 -5.72 16.06 41.73
CA ARG D 199 -5.43 16.47 40.37
C ARG D 199 -6.08 17.82 40.05
N ALA D 200 -7.27 18.07 40.62
CA ALA D 200 -7.97 19.32 40.35
C ALA D 200 -7.17 20.52 40.84
N GLN D 201 -6.39 20.33 41.90
CA GLN D 201 -5.53 21.40 42.41
C GLN D 201 -4.50 21.85 41.37
N ASP D 202 -4.15 21.00 40.40
CA ASP D 202 -3.17 21.31 39.36
C ASP D 202 -3.77 21.98 38.13
N THR D 203 -5.09 22.00 37.98
CA THR D 203 -5.71 22.42 36.73
C THR D 203 -6.74 23.53 36.88
N GLY D 204 -6.97 24.01 38.10
CA GLY D 204 -8.06 24.94 38.34
C GLY D 204 -9.44 24.33 38.39
N ALA D 205 -9.55 23.00 38.40
CA ALA D 205 -10.82 22.29 38.37
C ALA D 205 -11.35 22.13 39.80
N SER D 206 -12.46 21.41 39.95
CA SER D 206 -13.03 21.17 41.27
C SER D 206 -13.89 19.92 41.20
N VAL D 207 -14.16 19.35 42.37
CA VAL D 207 -14.96 18.14 42.53
C VAL D 207 -16.12 18.46 43.45
N THR D 208 -17.34 18.10 43.04
CA THR D 208 -18.54 18.24 43.85
C THR D 208 -19.33 16.94 43.79
N VAL D 209 -19.79 16.48 44.95
CA VAL D 209 -20.64 15.29 45.03
C VAL D 209 -21.87 15.66 45.84
N THR D 210 -23.05 15.45 45.27
CA THR D 210 -24.29 15.93 45.86
C THR D 210 -25.39 14.92 45.59
N ALA D 211 -26.40 14.92 46.45
CA ALA D 211 -27.61 14.17 46.22
C ALA D 211 -28.71 14.99 45.57
N ASP D 212 -28.43 16.25 45.25
CA ASP D 212 -29.43 17.21 44.80
C ASP D 212 -29.29 17.35 43.28
N ALA D 213 -30.10 16.60 42.54
CA ALA D 213 -29.93 16.57 41.08
C ALA D 213 -30.23 17.93 40.46
N HIS D 214 -31.27 18.61 40.94
CA HIS D 214 -31.61 19.92 40.40
C HIS D 214 -30.47 20.91 40.61
N ALA D 215 -29.90 20.94 41.82
CA ALA D 215 -28.73 21.80 42.06
C ALA D 215 -27.57 21.47 41.13
N ALA D 216 -27.37 20.18 40.83
CA ALA D 216 -26.25 19.78 39.99
C ALA D 216 -26.44 20.23 38.54
N ALA D 217 -27.70 20.38 38.10
CA ALA D 217 -27.95 20.81 36.73
C ALA D 217 -27.72 22.31 36.55
N ALA D 218 -27.90 23.11 37.61
CA ALA D 218 -27.76 24.56 37.52
C ALA D 218 -26.39 24.95 36.94
N GLY D 219 -26.43 25.76 35.87
CA GLY D 219 -25.23 26.28 35.24
C GLY D 219 -24.39 25.26 34.50
N ALA D 220 -24.88 24.04 34.30
CA ALA D 220 -24.04 23.01 33.69
C ALA D 220 -23.94 23.24 32.18
N ASP D 221 -22.72 23.09 31.65
CA ASP D 221 -22.50 23.03 30.21
C ASP D 221 -22.79 21.67 29.64
N VAL D 222 -22.60 20.62 30.45
CA VAL D 222 -22.67 19.23 30.00
C VAL D 222 -23.38 18.42 31.08
N LEU D 223 -24.37 17.64 30.67
CA LEU D 223 -25.05 16.69 31.54
C LEU D 223 -24.78 15.29 31.00
N VAL D 224 -24.42 14.37 31.89
CA VAL D 224 -24.04 13.02 31.52
C VAL D 224 -24.80 12.04 32.39
N THR D 225 -25.18 10.90 31.82
CA THR D 225 -25.64 9.78 32.63
C THR D 225 -25.20 8.48 31.96
N ASP D 226 -25.61 7.37 32.56
CA ASP D 226 -25.16 6.02 32.22
C ASP D 226 -26.21 5.07 32.79
N THR D 227 -26.21 3.83 32.31
CA THR D 227 -27.20 2.90 32.84
C THR D 227 -27.04 2.73 34.34
N TRP D 228 -28.18 2.50 35.01
CA TRP D 228 -28.22 2.47 36.46
C TRP D 228 -27.67 1.18 37.05
N THR D 229 -27.53 0.14 36.24
CA THR D 229 -27.02 -1.13 36.75
C THR D 229 -25.61 -1.43 36.23
N LEU D 238 -28.93 -5.36 45.88
CA LEU D 238 -29.94 -4.32 45.86
C LEU D 238 -30.80 -4.41 44.60
N ASP D 239 -32.12 -4.29 44.78
CA ASP D 239 -33.05 -4.16 43.67
C ASP D 239 -33.14 -2.70 43.23
N ARG D 240 -31.97 -2.17 42.88
CA ARG D 240 -31.72 -0.73 42.89
C ARG D 240 -32.08 -0.06 41.56
N VAL D 241 -33.37 -0.11 41.25
CA VAL D 241 -33.94 0.96 40.44
C VAL D 241 -34.26 2.16 41.30
N LYS D 242 -34.80 1.91 42.49
CA LYS D 242 -35.43 2.95 43.32
C LYS D 242 -34.54 4.14 43.62
N PRO D 243 -33.30 3.97 44.12
CA PRO D 243 -32.52 5.17 44.50
C PRO D 243 -32.12 6.06 43.34
N PHE D 244 -32.16 5.59 42.09
CA PHE D 244 -31.69 6.39 40.96
C PHE D 244 -32.78 7.17 40.25
N ARG D 245 -34.06 6.86 40.47
CA ARG D 245 -35.12 7.55 39.74
C ARG D 245 -35.07 9.06 39.86
N PRO D 246 -34.78 9.67 41.01
CA PRO D 246 -34.69 11.14 41.08
C PRO D 246 -33.61 11.72 40.21
N PHE D 247 -32.71 10.91 39.68
CA PHE D 247 -31.56 11.39 38.93
C PHE D 247 -31.74 11.20 37.43
N GLN D 248 -32.94 10.83 36.99
CA GLN D 248 -33.20 10.64 35.57
C GLN D 248 -32.88 11.92 34.79
N LEU D 249 -32.23 11.75 33.63
CA LEU D 249 -31.87 12.91 32.84
C LEU D 249 -33.06 13.11 31.91
N ASN D 250 -34.01 13.96 32.32
CA ASN D 250 -35.24 14.23 31.56
C ASN D 250 -35.28 15.69 31.13
N SER D 251 -36.36 16.05 30.41
CA SER D 251 -36.46 17.39 29.86
C SER D 251 -36.48 18.45 30.94
N ARG D 252 -37.13 18.15 32.08
CA ARG D 252 -37.18 19.12 33.18
C ARG D 252 -35.78 19.37 33.74
N LEU D 253 -34.99 18.31 33.94
CA LEU D 253 -33.62 18.49 34.43
C LEU D 253 -32.77 19.25 33.41
N LEU D 254 -32.87 18.88 32.13
CA LEU D 254 -32.07 19.56 31.12
C LEU D 254 -32.39 21.05 31.05
N ALA D 255 -33.66 21.42 31.25
CA ALA D 255 -34.06 22.82 31.16
C ALA D 255 -33.47 23.67 32.27
N LEU D 256 -32.98 23.04 33.35
CA LEU D 256 -32.36 23.77 34.46
C LEU D 256 -30.90 24.12 34.18
N ALA D 257 -30.27 23.45 33.22
CA ALA D 257 -28.87 23.67 32.89
C ALA D 257 -28.73 24.89 31.98
N ASP D 258 -27.53 25.11 31.44
CA ASP D 258 -27.34 26.15 30.44
C ASP D 258 -28.29 25.95 29.27
N SER D 259 -28.73 27.06 28.67
CA SER D 259 -29.63 26.95 27.53
C SER D 259 -29.00 26.18 26.37
N ASP D 260 -27.67 26.21 26.27
CA ASP D 260 -26.95 25.52 25.22
C ASP D 260 -26.20 24.29 25.74
N ALA D 261 -26.64 23.74 26.86
CA ALA D 261 -26.01 22.53 27.40
C ALA D 261 -26.14 21.36 26.43
N ILE D 262 -25.18 20.45 26.50
CA ILE D 262 -25.24 19.24 25.70
C ILE D 262 -25.32 18.04 26.63
N VAL D 263 -25.78 16.91 26.07
CA VAL D 263 -26.03 15.68 26.82
C VAL D 263 -25.16 14.56 26.28
N LEU D 264 -24.52 13.83 27.19
CA LEU D 264 -23.68 12.68 26.86
C LEU D 264 -24.20 11.44 27.55
N HIS D 265 -23.93 10.28 26.94
CA HIS D 265 -24.36 8.99 27.48
C HIS D 265 -23.55 7.93 26.77
N CYS D 266 -22.75 7.18 27.52
CA CYS D 266 -22.02 6.10 26.89
C CYS D 266 -23.04 4.99 26.63
N LEU D 267 -23.06 4.50 25.44
CA LEU D 267 -24.12 3.59 25.08
C LEU D 267 -23.89 2.22 25.72
N PRO D 268 -24.94 1.37 25.81
CA PRO D 268 -26.31 1.62 25.33
C PRO D 268 -27.16 2.41 26.33
N ALA D 269 -28.18 3.09 25.83
CA ALA D 269 -29.14 3.80 26.67
C ALA D 269 -30.36 2.92 26.90
N HIS D 270 -30.90 2.97 28.11
CA HIS D 270 -32.18 2.34 28.44
C HIS D 270 -33.22 3.45 28.48
N ARG D 271 -33.84 3.70 27.32
CA ARG D 271 -34.73 4.86 27.18
C ARG D 271 -35.92 4.71 28.12
N GLY D 272 -36.22 5.77 28.86
CA GLY D 272 -37.25 5.75 29.87
C GLY D 272 -36.74 5.50 31.26
N ASP D 273 -35.51 5.00 31.41
CA ASP D 273 -34.89 4.84 32.72
C ASP D 273 -33.97 6.04 33.01
N GLU D 274 -32.66 5.91 32.77
CA GLU D 274 -31.75 7.00 33.12
C GLU D 274 -31.87 8.22 32.21
N ILE D 275 -32.48 8.07 31.04
CA ILE D 275 -32.61 9.14 30.07
C ILE D 275 -33.93 8.94 29.33
N THR D 276 -34.57 10.04 28.97
CA THR D 276 -35.83 9.98 28.23
C THR D 276 -35.59 10.10 26.72
N ASP D 277 -36.58 9.63 25.95
CA ASP D 277 -36.54 9.80 24.50
C ASP D 277 -36.38 11.26 24.11
N ALA D 278 -37.14 12.15 24.75
CA ALA D 278 -37.09 13.56 24.38
C ALA D 278 -35.68 14.10 24.48
N VAL D 279 -34.96 13.75 25.54
CA VAL D 279 -33.60 14.24 25.69
C VAL D 279 -32.67 13.53 24.73
N MET D 280 -32.79 12.20 24.65
CA MET D 280 -31.92 11.38 23.82
C MET D 280 -31.99 11.81 22.36
N ASP D 281 -33.17 12.17 21.88
CA ASP D 281 -33.37 12.49 20.47
C ASP D 281 -33.48 13.98 20.21
N GLY D 282 -33.31 14.81 21.22
CA GLY D 282 -33.50 16.24 21.09
C GLY D 282 -32.24 16.97 20.66
N PRO D 283 -32.34 18.30 20.57
CA PRO D 283 -31.25 19.12 20.03
C PRO D 283 -30.01 19.16 20.91
N ALA D 284 -30.12 18.81 22.19
CA ALA D 284 -28.97 18.85 23.08
C ALA D 284 -28.16 17.56 23.07
N SER D 285 -28.73 16.49 22.54
CA SER D 285 -28.05 15.20 22.52
C SER D 285 -26.80 15.23 21.64
N ALA D 286 -25.67 14.85 22.22
CA ALA D 286 -24.43 14.66 21.47
C ALA D 286 -23.99 13.21 21.48
N VAL D 287 -24.92 12.28 21.77
CA VAL D 287 -24.54 10.90 22.02
C VAL D 287 -24.02 10.21 20.79
N TRP D 288 -24.49 10.61 19.60
CA TRP D 288 -24.05 9.93 18.39
C TRP D 288 -22.64 10.35 18.00
N ASP D 289 -22.36 11.67 18.08
CA ASP D 289 -21.00 12.13 17.84
C ASP D 289 -20.05 11.56 18.88
N GLU D 290 -20.50 11.48 20.14
CA GLU D 290 -19.70 10.90 21.21
C GLU D 290 -19.32 9.46 20.90
N ALA D 291 -20.27 8.67 20.39
CA ALA D 291 -19.97 7.28 20.04
C ALA D 291 -18.97 7.23 18.89
N GLU D 292 -19.14 8.06 17.87
CA GLU D 292 -18.18 8.10 16.77
C GLU D 292 -16.79 8.46 17.28
N ASN D 293 -16.71 9.37 18.25
CA ASN D 293 -15.41 9.86 18.71
C ASN D 293 -14.63 8.83 19.51
N ARG D 294 -15.25 7.73 19.93
CA ARG D 294 -14.46 6.61 20.45
C ARG D 294 -13.40 6.21 19.44
N LEU D 295 -13.77 6.17 18.15
CA LEU D 295 -12.78 5.80 17.11
C LEU D 295 -11.60 6.77 17.11
N HIS D 296 -11.88 8.08 17.02
CA HIS D 296 -10.80 9.04 16.84
C HIS D 296 -9.95 9.20 18.10
N ALA D 297 -10.61 9.24 19.27
CA ALA D 297 -9.88 9.47 20.50
C ALA D 297 -8.97 8.29 20.83
N GLN D 298 -9.46 7.06 20.59
CA GLN D 298 -8.63 5.89 20.85
C GLN D 298 -7.47 5.80 19.88
N LYS D 299 -7.69 6.18 18.61
CA LYS D 299 -6.59 6.23 17.65
C LYS D 299 -5.53 7.21 18.11
N ALA D 300 -5.96 8.38 18.57
CA ALA D 300 -5.03 9.39 19.06
C ALA D 300 -4.24 8.87 20.25
N LEU D 301 -4.93 8.22 21.18
CA LEU D 301 -4.25 7.66 22.35
C LEU D 301 -3.20 6.65 21.94
N LEU D 302 -3.52 5.78 20.96
CA LEU D 302 -2.56 4.76 20.54
C LEU D 302 -1.35 5.43 19.90
N VAL D 303 -1.59 6.40 19.01
CA VAL D 303 -0.48 7.12 18.37
C VAL D 303 0.44 7.71 19.42
N TRP D 304 -0.15 8.35 20.43
CA TRP D 304 0.61 9.06 21.45
C TRP D 304 1.40 8.11 22.33
N LEU D 305 0.77 7.02 22.80
CA LEU D 305 1.48 6.03 23.59
C LEU D 305 2.60 5.37 22.81
N LEU D 306 2.35 5.04 21.55
CA LEU D 306 3.37 4.36 20.76
C LEU D 306 4.60 5.23 20.59
N GLU D 307 4.42 6.52 20.36
CA GLU D 307 5.58 7.35 20.09
C GLU D 307 6.32 7.73 21.37
N ARG D 308 5.62 7.71 22.51
CA ARG D 308 6.22 8.00 23.80
C ARG D 308 6.86 6.77 24.42
N SER D 309 6.65 5.60 23.83
CA SER D 309 7.17 4.35 24.36
C SER D 309 8.21 3.79 23.39
N VAL E 3 -31.85 7.93 -1.91
CA VAL E 3 -30.47 7.83 -2.37
C VAL E 3 -29.80 6.53 -1.91
N ILE E 4 -30.05 6.07 -0.68
CA ILE E 4 -29.32 4.92 -0.13
C ILE E 4 -29.98 3.63 -0.57
N ARG E 5 -29.22 2.77 -1.25
CA ARG E 5 -29.74 1.52 -1.80
C ARG E 5 -29.47 0.39 -0.83
N HIS E 6 -30.41 -0.55 -0.73
CA HIS E 6 -30.22 -1.76 0.05
C HIS E 6 -30.48 -2.98 -0.83
N PHE E 7 -30.08 -4.14 -0.32
CA PHE E 7 -30.25 -5.42 -1.04
C PHE E 7 -30.74 -6.46 -0.01
N LEU E 8 -32.06 -6.52 0.17
CA LEU E 8 -32.66 -7.38 1.17
C LEU E 8 -33.35 -8.59 0.55
N ARG E 9 -33.67 -8.51 -0.75
CA ARG E 9 -34.32 -9.56 -1.51
C ARG E 9 -33.97 -9.30 -2.97
N ASP E 10 -34.09 -10.35 -3.78
CA ASP E 10 -33.46 -10.34 -5.10
C ASP E 10 -34.02 -9.25 -5.99
N ASP E 11 -35.32 -8.98 -5.89
CA ASP E 11 -35.97 -7.99 -6.74
C ASP E 11 -35.78 -6.57 -6.25
N ASP E 12 -34.92 -6.35 -5.25
CA ASP E 12 -34.48 -5.00 -4.94
C ASP E 12 -33.66 -4.39 -6.08
N LEU E 13 -33.07 -5.22 -6.93
CA LEU E 13 -32.45 -4.79 -8.17
C LEU E 13 -33.46 -4.96 -9.31
N SER E 14 -33.54 -3.97 -10.18
CA SER E 14 -34.26 -4.13 -11.45
C SER E 14 -33.49 -5.09 -12.35
N PRO E 15 -34.12 -5.58 -13.42
CA PRO E 15 -33.36 -6.38 -14.40
C PRO E 15 -32.13 -5.66 -14.93
N ALA E 16 -32.21 -4.36 -15.24
CA ALA E 16 -31.04 -3.63 -15.73
C ALA E 16 -29.96 -3.51 -14.65
N GLU E 17 -30.38 -3.27 -13.40
CA GLU E 17 -29.43 -3.16 -12.31
C GLU E 17 -28.79 -4.51 -11.98
N GLN E 18 -29.55 -5.60 -12.03
CA GLN E 18 -28.98 -6.92 -11.79
C GLN E 18 -27.94 -7.26 -12.85
N ALA E 19 -28.20 -6.91 -14.11
CA ALA E 19 -27.19 -7.12 -15.16
C ALA E 19 -25.91 -6.36 -14.86
N GLU E 20 -26.04 -5.12 -14.36
CA GLU E 20 -24.86 -4.34 -13.99
C GLU E 20 -24.04 -5.05 -12.92
N VAL E 21 -24.71 -5.56 -11.89
CA VAL E 21 -24.01 -6.24 -10.81
C VAL E 21 -23.34 -7.52 -11.32
N LEU E 22 -24.05 -8.28 -12.16
CA LEU E 22 -23.48 -9.53 -12.66
C LEU E 22 -22.30 -9.28 -13.62
N GLU E 23 -22.36 -8.20 -14.39
CA GLU E 23 -21.19 -7.81 -15.20
C GLU E 23 -20.01 -7.45 -14.31
N LEU E 24 -20.26 -6.66 -13.27
CA LEU E 24 -19.22 -6.31 -12.32
C LEU E 24 -18.62 -7.56 -11.67
N ALA E 25 -19.47 -8.54 -11.37
CA ALA E 25 -18.94 -9.77 -10.77
C ALA E 25 -17.99 -10.50 -11.71
N ALA E 26 -18.29 -10.51 -13.00
CA ALA E 26 -17.36 -11.11 -13.96
C ALA E 26 -16.06 -10.32 -14.04
N GLU E 27 -16.14 -8.99 -14.02
CA GLU E 27 -14.95 -8.16 -14.05
C GLU E 27 -14.08 -8.38 -12.82
N LEU E 28 -14.73 -8.50 -11.65
CA LEU E 28 -13.99 -8.66 -10.41
C LEU E 28 -13.37 -10.05 -10.30
N LYS E 29 -14.03 -11.08 -10.87
CA LYS E 29 -13.41 -12.39 -10.89
C LYS E 29 -12.10 -12.36 -11.70
N LYS E 30 -12.09 -11.58 -12.79
CA LYS E 30 -10.88 -11.46 -13.60
C LYS E 30 -9.81 -10.63 -12.90
N ASP E 31 -10.20 -9.56 -12.22
CA ASP E 31 -9.26 -8.60 -11.59
C ASP E 31 -9.74 -8.32 -10.17
N PRO E 32 -9.43 -9.21 -9.23
CA PRO E 32 -10.08 -9.16 -7.89
C PRO E 32 -9.63 -8.03 -6.98
N VAL E 33 -8.55 -7.32 -7.29
CA VAL E 33 -8.17 -6.19 -6.43
C VAL E 33 -8.16 -4.87 -7.21
N SER E 34 -8.88 -4.82 -8.33
CA SER E 34 -8.94 -3.62 -9.16
C SER E 34 -9.95 -2.59 -8.68
N ARG E 35 -10.82 -2.93 -7.72
CA ARG E 35 -11.82 -2.01 -7.21
C ARG E 35 -11.58 -1.85 -5.72
N ARG E 36 -11.31 -0.62 -5.28
CA ARG E 36 -10.94 -0.36 -3.89
C ARG E 36 -11.80 0.77 -3.33
N PRO E 37 -13.13 0.62 -3.37
CA PRO E 37 -14.01 1.67 -2.82
C PRO E 37 -13.89 1.81 -1.32
N LEU E 38 -13.34 0.81 -0.62
CA LEU E 38 -13.22 0.83 0.83
C LEU E 38 -11.80 1.07 1.29
N GLN E 39 -10.92 1.52 0.38
CA GLN E 39 -9.54 1.83 0.74
C GLN E 39 -9.48 2.76 1.94
N GLY E 40 -8.55 2.49 2.85
CA GLY E 40 -8.43 3.26 4.08
C GLY E 40 -7.63 2.58 5.16
N PRO E 41 -8.17 1.50 5.73
CA PRO E 41 -9.45 0.89 5.33
C PRO E 41 -10.68 1.55 5.91
N ARG E 42 -11.77 1.53 5.14
CA ARG E 42 -13.10 1.79 5.66
C ARG E 42 -13.69 0.48 6.18
N GLY E 43 -14.62 0.60 7.12
CA GLY E 43 -15.21 -0.58 7.73
C GLY E 43 -16.49 -1.04 7.06
N VAL E 44 -16.76 -2.34 7.19
CA VAL E 44 -18.06 -2.91 6.85
C VAL E 44 -18.44 -3.83 8.00
N ALA E 45 -19.66 -3.69 8.51
CA ALA E 45 -20.11 -4.58 9.57
C ALA E 45 -20.62 -5.87 8.96
N VAL E 46 -20.22 -7.00 9.55
CA VAL E 46 -20.71 -8.31 9.11
C VAL E 46 -21.24 -8.99 10.37
N ILE E 47 -22.56 -9.03 10.50
CA ILE E 47 -23.22 -9.39 11.75
C ILE E 47 -23.98 -10.70 11.54
N PHE E 48 -23.78 -11.66 12.46
CA PHE E 48 -24.44 -12.96 12.38
C PHE E 48 -25.32 -13.17 13.61
N ASP E 49 -26.64 -13.15 13.41
CA ASP E 49 -27.52 -13.60 14.49
C ASP E 49 -27.41 -15.10 14.69
N LYS E 50 -26.99 -15.81 13.65
CA LYS E 50 -26.71 -17.23 13.68
C LYS E 50 -25.47 -17.46 12.83
N ASN E 51 -24.49 -18.16 13.37
CA ASN E 51 -23.19 -18.23 12.73
C ASN E 51 -23.28 -18.93 11.39
N SER E 52 -22.48 -18.46 10.44
CA SER E 52 -22.38 -19.09 9.12
C SER E 52 -20.94 -18.93 8.65
N THR E 53 -20.12 -19.96 8.88
CA THR E 53 -18.69 -19.85 8.61
C THR E 53 -18.44 -19.60 7.12
N ARG E 54 -19.15 -20.30 6.24
CA ARG E 54 -18.97 -20.08 4.80
C ARG E 54 -19.33 -18.65 4.41
N THR E 55 -20.43 -18.12 4.96
CA THR E 55 -20.79 -16.75 4.66
C THR E 55 -19.70 -15.80 5.15
N ARG E 56 -18.98 -16.19 6.19
CA ARG E 56 -18.00 -15.25 6.72
C ARG E 56 -16.70 -15.23 5.92
N PHE E 57 -16.21 -16.41 5.48
CA PHE E 57 -15.08 -16.41 4.52
C PHE E 57 -15.31 -15.48 3.35
N SER E 58 -16.43 -15.67 2.64
CA SER E 58 -16.62 -14.95 1.41
C SER E 58 -16.71 -13.44 1.67
N PHE E 59 -17.48 -13.02 2.68
CA PHE E 59 -17.61 -11.59 2.93
C PHE E 59 -16.35 -11.01 3.52
N GLU E 60 -15.73 -11.69 4.48
CA GLU E 60 -14.55 -11.13 5.14
C GLU E 60 -13.42 -10.93 4.14
N LEU E 61 -13.17 -11.95 3.28
CA LEU E 61 -12.12 -11.81 2.28
C LEU E 61 -12.52 -10.84 1.19
N GLY E 62 -13.78 -10.89 0.76
CA GLY E 62 -14.24 -9.96 -0.26
C GLY E 62 -14.09 -8.51 0.16
N ILE E 63 -14.47 -8.19 1.39
CA ILE E 63 -14.33 -6.81 1.86
C ILE E 63 -12.87 -6.41 1.92
N ALA E 64 -12.00 -7.31 2.37
CA ALA E 64 -10.58 -7.01 2.40
C ALA E 64 -10.04 -6.71 1.00
N GLN E 65 -10.51 -7.46 -0.01
CA GLN E 65 -10.02 -7.26 -1.37
C GLN E 65 -10.58 -5.99 -2.01
N LEU E 66 -11.61 -5.37 -1.41
CA LEU E 66 -12.07 -4.05 -1.80
C LEU E 66 -11.34 -2.95 -1.03
N GLY E 67 -10.33 -3.33 -0.24
CA GLY E 67 -9.55 -2.39 0.56
C GLY E 67 -10.06 -2.16 1.95
N GLY E 68 -11.22 -2.75 2.32
CA GLY E 68 -11.86 -2.46 3.58
C GLY E 68 -11.47 -3.43 4.68
N HIS E 69 -12.11 -3.25 5.82
CA HIS E 69 -11.90 -4.12 6.97
C HIS E 69 -13.26 -4.56 7.48
N ALA E 70 -13.52 -5.86 7.43
CA ALA E 70 -14.77 -6.41 7.95
C ALA E 70 -14.68 -6.55 9.45
N VAL E 71 -15.64 -5.97 10.16
CA VAL E 71 -15.78 -6.17 11.59
C VAL E 71 -16.87 -7.22 11.78
N VAL E 72 -16.47 -8.40 12.22
CA VAL E 72 -17.33 -9.56 12.24
C VAL E 72 -17.89 -9.73 13.64
N VAL E 73 -19.22 -9.85 13.74
CA VAL E 73 -19.89 -10.04 15.02
C VAL E 73 -20.67 -11.36 14.92
N ASP E 74 -20.31 -12.31 15.77
CA ASP E 74 -20.95 -13.61 15.82
C ASP E 74 -22.14 -13.60 16.77
N SER E 75 -22.84 -14.75 16.79
CA SER E 75 -24.01 -14.95 17.68
C SER E 75 -23.53 -15.01 19.13
N GLY E 76 -22.23 -15.22 19.32
CA GLY E 76 -21.63 -15.23 20.68
C GLY E 76 -21.72 -13.89 21.38
N SER E 77 -22.24 -12.88 20.69
CA SER E 77 -22.44 -11.54 21.28
C SER E 77 -23.94 -11.35 21.52
N THR E 78 -24.30 -10.44 22.42
CA THR E 78 -25.73 -10.15 22.69
C THR E 78 -26.44 -9.92 21.35
N GLN E 79 -27.57 -10.58 21.13
CA GLN E 79 -28.33 -10.42 19.87
C GLN E 79 -28.64 -8.94 19.61
N LEU E 80 -28.54 -8.53 18.36
CA LEU E 80 -28.88 -7.15 17.98
C LEU E 80 -30.34 -6.89 18.36
N GLY E 81 -30.62 -5.83 19.10
CA GLY E 81 -32.01 -5.46 19.40
C GLY E 81 -32.39 -5.71 20.84
N ARG E 82 -31.53 -6.41 21.58
CA ARG E 82 -31.84 -6.77 22.98
C ARG E 82 -31.44 -5.69 23.97
N ASP E 83 -30.17 -5.26 23.95
CA ASP E 83 -29.70 -4.31 24.94
C ASP E 83 -29.89 -2.87 24.51
N GLU E 84 -30.43 -2.65 23.32
CA GLU E 84 -30.46 -1.35 22.67
C GLU E 84 -31.46 -1.45 21.54
N THR E 85 -32.21 -0.37 21.29
CA THR E 85 -33.12 -0.40 20.16
C THR E 85 -32.34 -0.61 18.87
N LEU E 86 -32.95 -1.33 17.93
CA LEU E 86 -32.31 -1.56 16.65
C LEU E 86 -32.02 -0.22 15.96
N GLN E 87 -32.87 0.78 16.17
CA GLN E 87 -32.66 2.10 15.58
C GLN E 87 -31.40 2.76 16.15
N ASP E 88 -31.20 2.70 17.47
CA ASP E 88 -29.97 3.21 18.07
C ASP E 88 -28.76 2.48 17.53
N THR E 89 -28.85 1.16 17.42
CA THR E 89 -27.76 0.37 16.86
C THR E 89 -27.42 0.80 15.45
N ALA E 90 -28.44 0.98 14.61
CA ALA E 90 -28.19 1.45 13.27
C ALA E 90 -27.53 2.80 13.21
N LYS E 91 -27.86 3.75 14.06
CA LYS E 91 -27.31 5.13 13.93
C LYS E 91 -25.82 5.09 14.23
N VAL E 92 -25.49 4.35 15.21
CA VAL E 92 -24.10 4.17 15.61
C VAL E 92 -23.28 3.40 14.58
N LEU E 93 -23.79 2.25 14.14
CA LEU E 93 -23.09 1.51 13.10
C LEU E 93 -22.79 2.43 11.92
N SER E 94 -23.73 3.32 11.60
CA SER E 94 -23.54 4.22 10.48
C SER E 94 -22.41 5.21 10.70
N ARG E 95 -21.99 5.42 11.95
CA ARG E 95 -20.81 6.25 12.22
C ARG E 95 -19.51 5.50 12.04
N TYR E 96 -19.53 4.17 12.08
CA TYR E 96 -18.32 3.37 12.07
C TYR E 96 -18.05 2.72 10.72
N VAL E 97 -19.09 2.38 9.96
CA VAL E 97 -18.90 1.55 8.76
C VAL E 97 -19.63 2.16 7.57
N ASP E 98 -19.26 1.70 6.37
CA ASP E 98 -19.85 2.20 5.13
C ASP E 98 -20.94 1.28 4.57
N ALA E 99 -21.16 0.13 5.19
CA ALA E 99 -22.19 -0.82 4.79
C ALA E 99 -22.39 -1.80 5.93
N ILE E 100 -23.58 -2.41 5.98
CA ILE E 100 -23.95 -3.36 7.03
C ILE E 100 -24.43 -4.63 6.36
N VAL E 101 -23.73 -5.73 6.62
CA VAL E 101 -24.06 -7.06 6.12
C VAL E 101 -24.61 -7.86 7.30
N TRP E 102 -25.82 -8.39 7.16
CA TRP E 102 -26.52 -8.95 8.32
C TRP E 102 -27.16 -10.28 7.94
N ARG E 103 -26.80 -11.33 8.67
CA ARG E 103 -27.52 -12.61 8.63
C ARG E 103 -28.50 -12.62 9.80
N THR E 104 -29.79 -12.66 9.51
CA THR E 104 -30.78 -12.67 10.58
C THR E 104 -31.97 -13.52 10.15
N PHE E 105 -33.03 -13.52 10.94
CA PHE E 105 -34.11 -14.46 10.74
C PHE E 105 -35.25 -13.79 10.00
N GLY E 106 -36.06 -13.03 10.72
CA GLY E 106 -37.26 -12.45 10.12
C GLY E 106 -36.90 -11.28 9.22
N GLN E 107 -37.65 -11.17 8.12
CA GLN E 107 -37.39 -10.11 7.15
C GLN E 107 -37.74 -8.73 7.71
N GLU E 108 -38.62 -8.68 8.71
CA GLU E 108 -39.01 -7.39 9.27
C GLU E 108 -37.83 -6.70 9.94
N ARG E 109 -36.90 -7.47 10.50
CA ARG E 109 -35.74 -6.84 11.14
C ARG E 109 -34.81 -6.23 10.11
N LEU E 110 -34.61 -6.91 8.97
CA LEU E 110 -33.82 -6.34 7.89
C LEU E 110 -34.47 -5.06 7.38
N ASP E 111 -35.78 -5.11 7.14
CA ASP E 111 -36.52 -3.94 6.68
C ASP E 111 -36.35 -2.77 7.64
N ALA E 112 -36.44 -3.04 8.94
CA ALA E 112 -36.32 -1.98 9.94
C ALA E 112 -34.91 -1.40 9.95
N MET E 113 -33.88 -2.26 9.91
CA MET E 113 -32.51 -1.78 9.81
C MET E 113 -32.32 -0.91 8.58
N ALA E 114 -32.90 -1.33 7.45
CA ALA E 114 -32.71 -0.60 6.20
C ALA E 114 -33.41 0.75 6.22
N SER E 115 -34.54 0.85 6.93
CA SER E 115 -35.30 2.10 6.94
C SER E 115 -34.61 3.21 7.71
N VAL E 116 -33.72 2.89 8.66
CA VAL E 116 -33.11 3.90 9.49
C VAL E 116 -31.60 4.04 9.28
N ALA E 117 -30.91 3.00 8.82
CA ALA E 117 -29.49 3.16 8.54
C ALA E 117 -29.28 4.11 7.37
N THR E 118 -28.18 4.88 7.43
CA THR E 118 -27.81 5.77 6.35
C THR E 118 -26.64 5.21 5.53
N VAL E 119 -26.42 3.90 5.62
CA VAL E 119 -25.47 3.17 4.77
C VAL E 119 -26.21 1.96 4.20
N PRO E 120 -25.71 1.37 3.10
CA PRO E 120 -26.41 0.23 2.52
C PRO E 120 -26.46 -0.97 3.46
N VAL E 121 -27.60 -1.65 3.45
CA VAL E 121 -27.81 -2.88 4.22
C VAL E 121 -27.98 -4.03 3.26
N ILE E 122 -27.23 -5.12 3.50
CA ILE E 122 -27.24 -6.31 2.66
C ILE E 122 -27.74 -7.48 3.50
N ASN E 123 -28.71 -8.21 2.97
CA ASN E 123 -29.18 -9.48 3.55
C ASN E 123 -28.17 -10.58 3.20
N ALA E 124 -27.36 -10.98 4.17
CA ALA E 124 -26.38 -12.05 3.92
C ALA E 124 -27.06 -13.41 3.78
N LEU E 125 -28.24 -13.58 4.37
CA LEU E 125 -29.01 -14.81 4.47
C LEU E 125 -30.11 -14.57 5.49
N SER E 126 -31.38 -14.85 5.14
CA SER E 126 -32.47 -14.71 6.10
C SER E 126 -33.41 -15.89 5.96
N ASP E 127 -34.45 -15.93 6.79
CA ASP E 127 -35.39 -17.05 6.69
C ASP E 127 -36.09 -17.06 5.34
N GLU E 128 -36.37 -15.87 4.79
CA GLU E 128 -37.23 -15.78 3.61
C GLU E 128 -36.44 -15.72 2.29
N PHE E 129 -35.23 -15.17 2.29
CA PHE E 129 -34.49 -14.96 1.05
C PHE E 129 -33.02 -15.25 1.26
N HIS E 130 -32.32 -15.59 0.17
CA HIS E 130 -30.87 -15.72 0.20
C HIS E 130 -30.33 -15.12 -1.08
N PRO E 131 -30.47 -13.79 -1.23
CA PRO E 131 -30.25 -13.17 -2.55
C PRO E 131 -28.80 -13.10 -2.96
N CYS E 132 -27.84 -13.11 -2.02
CA CYS E 132 -26.43 -13.13 -2.41
C CYS E 132 -26.06 -14.47 -3.03
N GLN E 133 -26.62 -15.56 -2.50
CA GLN E 133 -26.35 -16.86 -3.10
C GLN E 133 -26.89 -16.92 -4.53
N VAL E 134 -28.04 -16.31 -4.78
CA VAL E 134 -28.59 -16.37 -6.13
C VAL E 134 -27.79 -15.50 -7.09
N LEU E 135 -27.23 -14.38 -6.63
CA LEU E 135 -26.29 -13.65 -7.50
C LEU E 135 -25.13 -14.57 -7.91
N ALA E 136 -24.59 -15.34 -6.97
CA ALA E 136 -23.48 -16.24 -7.31
C ALA E 136 -23.94 -17.34 -8.26
N ASP E 137 -25.15 -17.86 -8.06
CA ASP E 137 -25.70 -18.85 -8.99
C ASP E 137 -25.82 -18.27 -10.39
N LEU E 138 -26.36 -17.06 -10.52
CA LEU E 138 -26.54 -16.44 -11.84
C LEU E 138 -25.20 -16.19 -12.51
N GLN E 139 -24.19 -15.77 -11.74
CA GLN E 139 -22.87 -15.61 -12.33
C GLN E 139 -22.34 -16.95 -12.84
N THR E 140 -22.55 -18.02 -12.05
CA THR E 140 -22.10 -19.36 -12.45
C THR E 140 -22.80 -19.83 -13.72
N ILE E 141 -24.13 -19.64 -13.79
CA ILE E 141 -24.88 -20.04 -14.98
C ILE E 141 -24.39 -19.28 -16.21
N ALA E 142 -24.17 -17.97 -16.07
CA ALA E 142 -23.67 -17.20 -17.20
C ALA E 142 -22.31 -17.71 -17.68
N GLU E 143 -21.43 -18.08 -16.73
CA GLU E 143 -20.12 -18.65 -17.08
C GLU E 143 -20.26 -19.92 -17.89
N ARG E 144 -21.19 -20.78 -17.53
CA ARG E 144 -21.30 -22.08 -18.16
C ARG E 144 -22.18 -22.05 -19.41
N LYS E 145 -23.05 -21.04 -19.54
CA LYS E 145 -24.09 -21.09 -20.57
C LYS E 145 -24.27 -19.81 -21.38
N GLY E 146 -23.69 -18.70 -20.98
CA GLY E 146 -23.83 -17.46 -21.74
C GLY E 146 -25.08 -16.70 -21.34
N ALA E 147 -25.90 -16.34 -22.32
CA ALA E 147 -27.07 -15.50 -22.05
C ALA E 147 -28.04 -16.20 -21.09
N LEU E 148 -28.47 -15.47 -20.07
CA LEU E 148 -29.42 -16.03 -19.11
C LEU E 148 -30.84 -16.03 -19.63
N ARG E 149 -31.19 -15.07 -20.48
CA ARG E 149 -32.57 -14.91 -20.93
C ARG E 149 -33.05 -16.16 -21.66
N GLY E 150 -34.16 -16.72 -21.20
CA GLY E 150 -34.75 -17.86 -21.86
C GLY E 150 -34.27 -19.20 -21.35
N LEU E 151 -33.26 -19.23 -20.48
CA LEU E 151 -32.91 -20.50 -19.86
C LEU E 151 -34.05 -20.99 -18.97
N ARG E 152 -34.09 -22.30 -18.77
CA ARG E 152 -35.07 -22.94 -17.90
C ARG E 152 -34.36 -23.51 -16.68
N LEU E 153 -34.76 -23.05 -15.50
CA LEU E 153 -34.15 -23.46 -14.24
C LEU E 153 -35.22 -24.12 -13.37
N SER E 154 -34.88 -25.26 -12.79
CA SER E 154 -35.78 -25.96 -11.87
C SER E 154 -35.08 -26.17 -10.54
N TYR E 155 -35.79 -25.82 -9.47
CA TYR E 155 -35.36 -26.01 -8.10
C TYR E 155 -36.19 -27.14 -7.51
N PHE E 156 -35.56 -28.01 -6.74
CA PHE E 156 -36.19 -29.21 -6.20
C PHE E 156 -36.04 -29.28 -4.69
N GLY E 157 -37.10 -29.69 -4.00
CA GLY E 157 -36.96 -30.01 -2.59
C GLY E 157 -37.94 -29.25 -1.73
N ASP E 158 -37.41 -28.47 -0.79
CA ASP E 158 -38.22 -27.60 0.09
C ASP E 158 -38.48 -26.29 -0.64
N GLY E 159 -39.67 -26.18 -1.25
CA GLY E 159 -40.05 -25.02 -2.05
C GLY E 159 -40.48 -23.81 -1.26
N ALA E 160 -40.47 -23.89 0.07
CA ALA E 160 -40.90 -22.80 0.94
C ALA E 160 -39.72 -22.08 1.59
N ASN E 161 -38.49 -22.46 1.26
CA ASN E 161 -37.32 -21.91 1.92
C ASN E 161 -36.72 -20.72 1.18
N ASN E 162 -35.67 -20.16 1.76
CA ASN E 162 -35.07 -18.94 1.24
C ASN E 162 -34.51 -19.13 -0.17
N MET E 163 -33.98 -20.31 -0.48
CA MET E 163 -33.42 -20.47 -1.81
C MET E 163 -34.52 -20.56 -2.87
N ALA E 164 -35.62 -21.26 -2.57
CA ALA E 164 -36.72 -21.29 -3.52
C ALA E 164 -37.22 -19.89 -3.83
N HIS E 165 -37.40 -19.08 -2.79
CA HIS E 165 -37.90 -17.73 -2.98
C HIS E 165 -36.94 -16.88 -3.79
N SER E 166 -35.63 -16.97 -3.49
CA SER E 166 -34.66 -16.14 -4.18
C SER E 166 -34.43 -16.60 -5.61
N LEU E 167 -34.48 -17.91 -5.87
CA LEU E 167 -34.38 -18.38 -7.24
C LEU E 167 -35.56 -17.90 -8.07
N LEU E 168 -36.77 -17.88 -7.50
CA LEU E 168 -37.91 -17.31 -8.19
C LEU E 168 -37.66 -15.83 -8.54
N LEU E 169 -37.36 -15.02 -7.53
CA LEU E 169 -37.23 -13.58 -7.73
C LEU E 169 -36.00 -13.24 -8.56
N GLY E 170 -34.82 -13.75 -8.19
CA GLY E 170 -33.62 -13.41 -8.93
C GLY E 170 -33.61 -14.05 -10.31
N GLY E 171 -34.17 -15.26 -10.41
CA GLY E 171 -34.24 -15.92 -11.70
C GLY E 171 -35.08 -15.15 -12.71
N VAL E 172 -36.31 -14.79 -12.32
CA VAL E 172 -37.14 -14.13 -13.33
C VAL E 172 -36.61 -12.74 -13.62
N THR E 173 -35.92 -12.12 -12.65
CA THR E 173 -35.26 -10.84 -12.92
C THR E 173 -34.24 -10.97 -14.05
N ALA E 174 -33.53 -12.11 -14.11
CA ALA E 174 -32.55 -12.37 -15.16
C ALA E 174 -33.17 -12.90 -16.45
N GLY E 175 -34.49 -13.02 -16.50
CA GLY E 175 -35.17 -13.54 -17.67
C GLY E 175 -35.26 -15.05 -17.74
N ILE E 176 -35.01 -15.74 -16.64
CA ILE E 176 -34.97 -17.20 -16.62
C ILE E 176 -36.36 -17.72 -16.28
N HIS E 177 -36.77 -18.78 -16.97
CA HIS E 177 -38.02 -19.47 -16.66
C HIS E 177 -37.80 -20.37 -15.47
N VAL E 178 -38.41 -20.05 -14.32
CA VAL E 178 -38.13 -20.74 -13.06
C VAL E 178 -39.28 -21.69 -12.71
N THR E 179 -38.94 -22.93 -12.38
CA THR E 179 -39.88 -23.92 -11.86
C THR E 179 -39.43 -24.33 -10.46
N VAL E 180 -40.36 -24.38 -9.52
CA VAL E 180 -40.12 -24.94 -8.19
C VAL E 180 -40.90 -26.24 -8.09
N ALA E 181 -40.19 -27.33 -7.76
CA ALA E 181 -40.81 -28.65 -7.58
C ALA E 181 -40.68 -29.04 -6.12
N ALA E 182 -41.82 -29.21 -5.44
CA ALA E 182 -41.85 -29.41 -4.01
C ALA E 182 -43.15 -30.13 -3.64
N PRO E 183 -43.19 -30.83 -2.51
CA PRO E 183 -44.45 -31.42 -2.05
C PRO E 183 -45.39 -30.31 -1.60
N GLU E 184 -46.69 -30.59 -1.66
CA GLU E 184 -47.64 -29.57 -1.26
C GLU E 184 -47.38 -29.19 0.20
N GLY E 185 -47.69 -27.98 0.57
CA GLY E 185 -47.33 -27.64 1.94
C GLY E 185 -45.86 -27.34 2.20
N PHE E 186 -44.98 -27.50 1.21
CA PHE E 186 -43.67 -26.82 1.23
C PHE E 186 -43.47 -26.07 -0.07
N LEU E 187 -44.43 -25.23 -0.39
CA LEU E 187 -44.46 -24.49 -1.65
C LEU E 187 -44.06 -23.05 -1.41
N PRO E 188 -43.68 -22.32 -2.45
CA PRO E 188 -43.35 -20.91 -2.28
C PRO E 188 -44.48 -20.11 -1.64
N ASP E 189 -44.09 -19.19 -0.78
CA ASP E 189 -45.02 -18.21 -0.24
C ASP E 189 -45.80 -17.56 -1.38
N PRO E 190 -47.13 -17.51 -1.29
CA PRO E 190 -47.91 -16.93 -2.40
C PRO E 190 -47.56 -15.48 -2.69
N SER E 191 -47.18 -14.70 -1.67
CA SER E 191 -46.83 -13.31 -1.91
C SER E 191 -45.53 -13.20 -2.71
N VAL E 192 -44.57 -14.08 -2.41
CA VAL E 192 -43.32 -14.10 -3.17
C VAL E 192 -43.59 -14.59 -4.59
N ARG E 193 -44.39 -15.65 -4.73
CA ARG E 193 -44.72 -16.14 -6.06
C ARG E 193 -45.38 -15.05 -6.89
N ALA E 194 -46.31 -14.31 -6.29
CA ALA E 194 -46.99 -13.24 -7.03
C ALA E 194 -45.99 -12.15 -7.45
N ALA E 195 -45.05 -11.82 -6.57
CA ALA E 195 -44.03 -10.83 -6.92
C ALA E 195 -43.15 -11.34 -8.06
N ALA E 196 -42.81 -12.62 -8.04
CA ALA E 196 -42.01 -13.18 -9.13
C ALA E 196 -42.80 -13.18 -10.43
N GLU E 197 -44.09 -13.50 -10.38
CA GLU E 197 -44.90 -13.49 -11.59
C GLU E 197 -44.97 -12.09 -12.20
N ARG E 198 -45.11 -11.07 -11.35
CA ARG E 198 -45.17 -9.69 -11.84
C ARG E 198 -43.84 -9.30 -12.50
N ARG E 199 -42.72 -9.63 -11.86
CA ARG E 199 -41.43 -9.26 -12.43
C ARG E 199 -41.18 -10.00 -13.74
N ALA E 200 -41.61 -11.27 -13.82
CA ALA E 200 -41.45 -12.07 -15.03
C ALA E 200 -42.15 -11.45 -16.23
N GLN E 201 -43.19 -10.66 -15.98
CA GLN E 201 -43.89 -10.02 -17.10
C GLN E 201 -43.00 -9.01 -17.81
N ASP E 202 -42.05 -8.41 -17.08
CA ASP E 202 -41.15 -7.41 -17.65
C ASP E 202 -39.98 -8.01 -18.39
N THR E 203 -39.64 -9.27 -18.11
CA THR E 203 -38.44 -9.89 -18.64
C THR E 203 -38.72 -11.03 -19.60
N GLY E 204 -40.01 -11.34 -19.83
CA GLY E 204 -40.36 -12.48 -20.65
C GLY E 204 -40.18 -13.82 -19.99
N ALA E 205 -39.90 -13.84 -18.69
CA ALA E 205 -39.68 -15.08 -17.95
C ALA E 205 -41.04 -15.68 -17.56
N SER E 206 -41.03 -16.70 -16.70
CA SER E 206 -42.25 -17.35 -16.23
C SER E 206 -41.97 -17.98 -14.88
N VAL E 207 -43.04 -18.28 -14.15
CA VAL E 207 -43.00 -18.97 -12.86
C VAL E 207 -43.88 -20.21 -12.95
N THR E 208 -43.36 -21.35 -12.52
CA THR E 208 -44.13 -22.59 -12.45
C THR E 208 -43.90 -23.28 -11.12
N VAL E 209 -44.97 -23.73 -10.47
CA VAL E 209 -44.85 -24.51 -9.23
C VAL E 209 -45.51 -25.86 -9.47
N THR E 210 -44.81 -26.94 -9.13
CA THR E 210 -45.33 -28.27 -9.39
C THR E 210 -44.91 -29.21 -8.26
N ALA E 211 -45.68 -30.29 -8.09
CA ALA E 211 -45.30 -31.37 -7.18
C ALA E 211 -44.74 -32.58 -7.93
N ASP E 212 -44.44 -32.45 -9.21
CA ASP E 212 -44.04 -33.55 -10.08
C ASP E 212 -42.59 -33.31 -10.49
N ALA E 213 -41.66 -34.02 -9.84
CA ALA E 213 -40.25 -33.78 -10.05
C ALA E 213 -39.84 -34.08 -11.49
N HIS E 214 -40.37 -35.16 -12.06
CA HIS E 214 -39.99 -35.53 -13.42
C HIS E 214 -40.40 -34.46 -14.42
N ALA E 215 -41.60 -33.88 -14.23
CA ALA E 215 -42.06 -32.82 -15.11
C ALA E 215 -41.19 -31.57 -14.98
N ALA E 216 -40.75 -31.25 -13.76
CA ALA E 216 -39.90 -30.08 -13.57
C ALA E 216 -38.51 -30.29 -14.16
N ALA E 217 -38.01 -31.53 -14.15
CA ALA E 217 -36.69 -31.77 -14.70
C ALA E 217 -36.67 -31.77 -16.22
N ALA E 218 -37.81 -32.09 -16.85
CA ALA E 218 -37.88 -32.26 -18.30
C ALA E 218 -37.38 -31.05 -19.06
N GLY E 219 -36.27 -31.19 -19.77
CA GLY E 219 -35.73 -30.12 -20.59
C GLY E 219 -35.09 -28.98 -19.83
N ALA E 220 -34.90 -29.11 -18.53
CA ALA E 220 -34.27 -28.04 -17.74
C ALA E 220 -32.84 -27.79 -18.20
N ASP E 221 -32.43 -26.52 -18.14
CA ASP E 221 -31.03 -26.15 -18.38
C ASP E 221 -30.21 -26.10 -17.10
N VAL E 222 -30.87 -25.88 -15.96
CA VAL E 222 -30.21 -25.76 -14.67
C VAL E 222 -31.09 -26.47 -13.65
N LEU E 223 -30.49 -27.35 -12.84
CA LEU E 223 -31.22 -28.07 -11.81
C LEU E 223 -30.57 -27.68 -10.49
N VAL E 224 -31.38 -27.26 -9.52
CA VAL E 224 -30.87 -26.74 -8.26
C VAL E 224 -31.55 -27.47 -7.12
N THR E 225 -30.81 -27.71 -6.04
CA THR E 225 -31.43 -28.15 -4.80
C THR E 225 -30.63 -27.58 -3.63
N ASP E 226 -31.02 -27.98 -2.42
CA ASP E 226 -30.54 -27.38 -1.18
C ASP E 226 -30.88 -28.38 -0.08
N THR E 227 -30.18 -28.32 1.04
CA THR E 227 -30.56 -29.21 2.13
C THR E 227 -32.01 -28.98 2.50
N TRP E 228 -32.67 -30.06 2.91
CA TRP E 228 -34.11 -30.02 3.09
C TRP E 228 -34.52 -29.40 4.42
N THR E 229 -33.69 -29.53 5.45
CA THR E 229 -34.05 -29.01 6.75
C THR E 229 -32.89 -28.21 7.33
N LEU E 238 -38.17 -40.77 13.45
CA LEU E 238 -39.18 -40.23 12.54
C LEU E 238 -38.49 -39.56 11.36
N ASP E 239 -38.85 -39.97 10.14
CA ASP E 239 -38.22 -39.40 8.95
C ASP E 239 -38.99 -38.15 8.57
N ARG E 240 -38.61 -37.03 9.18
CA ARG E 240 -39.29 -35.77 8.94
C ARG E 240 -39.07 -35.24 7.53
N VAL E 241 -37.98 -35.64 6.87
CA VAL E 241 -37.70 -35.12 5.54
C VAL E 241 -38.24 -36.08 4.47
N LYS E 242 -38.97 -37.10 4.89
CA LYS E 242 -39.60 -38.00 3.93
C LYS E 242 -40.38 -37.30 2.82
N PRO E 243 -41.12 -36.20 3.04
CA PRO E 243 -41.85 -35.59 1.92
C PRO E 243 -40.95 -35.15 0.78
N PHE E 244 -39.67 -34.87 1.07
CA PHE E 244 -38.74 -34.36 0.07
C PHE E 244 -37.98 -35.46 -0.67
N ARG E 245 -37.96 -36.68 -0.15
CA ARG E 245 -37.13 -37.72 -0.76
C ARG E 245 -37.47 -37.98 -2.23
N PRO E 246 -38.72 -37.97 -2.67
CA PRO E 246 -39.00 -38.13 -4.11
C PRO E 246 -38.48 -36.99 -4.98
N PHE E 247 -38.02 -35.90 -4.38
CA PHE E 247 -37.49 -34.76 -5.11
C PHE E 247 -35.97 -34.75 -5.12
N GLN E 248 -35.35 -35.86 -4.73
CA GLN E 248 -33.90 -35.96 -4.73
C GLN E 248 -33.33 -35.69 -6.12
N LEU E 249 -32.29 -34.87 -6.17
CA LEU E 249 -31.58 -34.60 -7.45
C LEU E 249 -30.60 -35.74 -7.67
N ASN E 250 -31.02 -36.74 -8.44
CA ASN E 250 -30.22 -37.93 -8.69
C ASN E 250 -30.01 -38.10 -10.20
N SER E 251 -29.29 -39.16 -10.59
CA SER E 251 -28.96 -39.33 -12.01
C SER E 251 -30.20 -39.48 -12.88
N ARG E 252 -31.23 -40.17 -12.37
CA ARG E 252 -32.46 -40.33 -13.17
C ARG E 252 -33.08 -38.97 -13.46
N LEU E 253 -33.06 -38.08 -12.47
CA LEU E 253 -33.71 -36.80 -12.66
C LEU E 253 -32.89 -35.94 -13.63
N LEU E 254 -31.56 -35.97 -13.47
CA LEU E 254 -30.67 -35.23 -14.36
C LEU E 254 -30.78 -35.71 -15.80
N ALA E 255 -30.98 -37.03 -15.99
CA ALA E 255 -31.10 -37.58 -17.34
C ALA E 255 -32.30 -37.02 -18.11
N LEU E 256 -33.27 -36.43 -17.41
CA LEU E 256 -34.47 -35.87 -18.02
C LEU E 256 -34.28 -34.43 -18.50
N ALA E 257 -33.23 -33.76 -18.04
CA ALA E 257 -33.03 -32.37 -18.37
C ALA E 257 -32.37 -32.25 -19.75
N ASP E 258 -32.19 -31.01 -20.21
CA ASP E 258 -31.47 -30.77 -21.44
C ASP E 258 -30.05 -31.35 -21.35
N SER E 259 -29.50 -31.70 -22.52
CA SER E 259 -28.27 -32.47 -22.58
C SER E 259 -27.08 -31.73 -21.97
N ASP E 260 -27.07 -30.40 -22.00
CA ASP E 260 -25.93 -29.66 -21.46
C ASP E 260 -26.26 -29.05 -20.11
N ALA E 261 -27.20 -29.63 -19.38
CA ALA E 261 -27.69 -29.04 -18.14
C ALA E 261 -26.60 -29.02 -17.09
N ILE E 262 -26.66 -28.01 -16.21
CA ILE E 262 -25.76 -27.94 -15.07
C ILE E 262 -26.56 -28.06 -13.77
N VAL E 263 -25.83 -28.42 -12.72
CA VAL E 263 -26.37 -28.65 -11.38
C VAL E 263 -25.77 -27.65 -10.40
N LEU E 264 -26.64 -27.01 -9.61
CA LEU E 264 -26.25 -26.07 -8.56
C LEU E 264 -26.76 -26.54 -7.21
N HIS E 265 -26.03 -26.18 -6.15
CA HIS E 265 -26.37 -26.56 -4.78
C HIS E 265 -25.60 -25.61 -3.88
N CYS E 266 -26.32 -24.81 -3.11
CA CYS E 266 -25.61 -23.96 -2.19
C CYS E 266 -25.17 -24.88 -1.05
N LEU E 267 -23.90 -24.83 -0.72
CA LEU E 267 -23.39 -25.89 0.13
C LEU E 267 -23.76 -25.57 1.57
N PRO E 268 -23.61 -26.52 2.50
CA PRO E 268 -23.13 -27.90 2.42
C PRO E 268 -24.16 -28.82 1.82
N ALA E 269 -23.70 -29.86 1.13
CA ALA E 269 -24.58 -30.89 0.61
C ALA E 269 -24.60 -32.05 1.60
N HIS E 270 -25.76 -32.69 1.73
CA HIS E 270 -25.87 -33.94 2.48
C HIS E 270 -26.01 -35.04 1.44
N ARG E 271 -24.87 -35.61 1.05
CA ARG E 271 -24.85 -36.57 -0.04
C ARG E 271 -25.70 -37.79 0.31
N GLY E 272 -26.57 -38.19 -0.62
CA GLY E 272 -27.51 -39.28 -0.41
C GLY E 272 -28.89 -38.82 0.01
N ASP E 273 -29.02 -37.59 0.50
CA ASP E 273 -30.32 -36.98 0.76
C ASP E 273 -30.77 -36.19 -0.46
N GLU E 274 -30.60 -34.86 -0.44
CA GLU E 274 -31.15 -34.05 -1.53
C GLU E 274 -30.40 -34.22 -2.85
N ILE E 275 -29.18 -34.75 -2.83
CA ILE E 275 -28.37 -34.89 -4.03
C ILE E 275 -27.54 -36.16 -3.86
N THR E 276 -27.21 -36.82 -4.96
CA THR E 276 -26.38 -38.02 -4.89
C THR E 276 -24.94 -37.72 -5.25
N ASP E 277 -24.04 -38.62 -4.81
CA ASP E 277 -22.62 -38.53 -5.18
C ASP E 277 -22.43 -38.43 -6.69
N ALA E 278 -23.16 -39.26 -7.45
CA ALA E 278 -22.95 -39.31 -8.89
C ALA E 278 -23.22 -37.95 -9.52
N VAL E 279 -24.26 -37.26 -9.07
CA VAL E 279 -24.58 -35.93 -9.59
C VAL E 279 -23.60 -34.89 -9.07
N MET E 280 -23.32 -34.89 -7.75
CA MET E 280 -22.41 -33.91 -7.18
C MET E 280 -21.04 -33.93 -7.85
N ASP E 281 -20.55 -35.12 -8.17
CA ASP E 281 -19.18 -35.30 -8.65
C ASP E 281 -19.11 -35.47 -10.16
N GLY E 282 -20.24 -35.42 -10.85
CA GLY E 282 -20.27 -35.62 -12.28
C GLY E 282 -20.03 -34.36 -13.07
N PRO E 283 -19.99 -34.50 -14.40
CA PRO E 283 -19.64 -33.36 -15.26
C PRO E 283 -20.68 -32.24 -15.27
N ALA E 284 -21.92 -32.50 -14.85
CA ALA E 284 -22.92 -31.45 -14.82
C ALA E 284 -22.77 -30.54 -13.60
N SER E 285 -22.07 -31.00 -12.57
CA SER E 285 -21.97 -30.25 -11.33
C SER E 285 -21.19 -28.96 -11.54
N ALA E 286 -21.75 -27.85 -11.05
CA ALA E 286 -21.05 -26.58 -11.05
C ALA E 286 -20.91 -26.03 -9.63
N VAL E 287 -21.06 -26.90 -8.62
CA VAL E 287 -21.19 -26.45 -7.23
C VAL E 287 -19.90 -25.80 -6.72
N TRP E 288 -18.73 -26.20 -7.23
CA TRP E 288 -17.49 -25.62 -6.70
C TRP E 288 -17.25 -24.22 -7.24
N ASP E 289 -17.45 -24.02 -8.56
CA ASP E 289 -17.43 -22.67 -9.12
C ASP E 289 -18.48 -21.79 -8.45
N GLU E 290 -19.67 -22.35 -8.23
CA GLU E 290 -20.75 -21.65 -7.55
C GLU E 290 -20.32 -21.16 -6.18
N ALA E 291 -19.68 -22.04 -5.40
CA ALA E 291 -19.18 -21.64 -4.08
C ALA E 291 -18.16 -20.51 -4.19
N GLU E 292 -17.25 -20.63 -5.15
CA GLU E 292 -16.24 -19.60 -5.34
C GLU E 292 -16.89 -18.27 -5.71
N ASN E 293 -17.90 -18.30 -6.57
CA ASN E 293 -18.52 -17.08 -7.06
C ASN E 293 -19.28 -16.31 -6.00
N ARG E 294 -19.51 -16.88 -4.82
CA ARG E 294 -20.11 -16.07 -3.78
C ARG E 294 -19.15 -14.92 -3.42
N LEU E 295 -17.84 -15.21 -3.47
CA LEU E 295 -16.85 -14.15 -3.24
C LEU E 295 -17.00 -13.02 -4.24
N HIS E 296 -17.02 -13.36 -5.53
CA HIS E 296 -17.02 -12.35 -6.58
C HIS E 296 -18.34 -11.61 -6.64
N ALA E 297 -19.47 -12.34 -6.53
CA ALA E 297 -20.77 -11.71 -6.67
C ALA E 297 -21.06 -10.76 -5.51
N GLN E 298 -20.66 -11.15 -4.29
CA GLN E 298 -20.86 -10.26 -3.14
C GLN E 298 -19.97 -9.02 -3.21
N LYS E 299 -18.75 -9.16 -3.71
CA LYS E 299 -17.90 -7.98 -3.92
C LYS E 299 -18.54 -7.04 -4.93
N ALA E 300 -19.03 -7.59 -6.04
CA ALA E 300 -19.70 -6.77 -7.05
C ALA E 300 -20.89 -6.04 -6.46
N LEU E 301 -21.70 -6.75 -5.66
CA LEU E 301 -22.86 -6.12 -5.04
C LEU E 301 -22.44 -4.96 -4.13
N LEU E 302 -21.42 -5.17 -3.30
CA LEU E 302 -20.94 -4.09 -2.43
C LEU E 302 -20.44 -2.90 -3.23
N VAL E 303 -19.66 -3.15 -4.29
CA VAL E 303 -19.15 -2.05 -5.11
C VAL E 303 -20.32 -1.26 -5.68
N TRP E 304 -21.31 -1.97 -6.21
CA TRP E 304 -22.45 -1.32 -6.85
C TRP E 304 -23.29 -0.52 -5.86
N LEU E 305 -23.57 -1.09 -4.67
CA LEU E 305 -24.36 -0.34 -3.69
C LEU E 305 -23.61 0.88 -3.17
N LEU E 306 -22.32 0.73 -2.91
CA LEU E 306 -21.54 1.83 -2.36
C LEU E 306 -21.48 3.01 -3.31
N GLU E 307 -21.33 2.74 -4.61
CA GLU E 307 -21.26 3.87 -5.52
C GLU E 307 -22.63 4.49 -5.79
N ARG E 308 -23.72 3.84 -5.42
CA ARG E 308 -25.04 4.43 -5.55
C ARG E 308 -25.59 4.96 -4.24
N SER E 309 -24.78 5.01 -3.19
CA SER E 309 -25.25 5.43 -1.88
C SER E 309 -24.29 6.44 -1.26
N SER F 2 4.61 -29.26 -9.69
CA SER F 2 3.18 -29.08 -9.47
C SER F 2 2.72 -29.91 -8.28
N VAL F 3 3.67 -30.49 -7.55
CA VAL F 3 3.33 -31.21 -6.33
C VAL F 3 3.01 -30.20 -5.24
N ILE F 4 1.89 -30.40 -4.57
CA ILE F 4 1.49 -29.53 -3.47
C ILE F 4 2.19 -30.06 -2.22
N ARG F 5 2.92 -29.19 -1.53
CA ARG F 5 3.62 -29.59 -0.32
C ARG F 5 2.77 -29.28 0.90
N HIS F 6 2.77 -30.19 1.86
CA HIS F 6 2.10 -30.00 3.14
C HIS F 6 3.13 -30.11 4.26
N PHE F 7 2.74 -29.67 5.45
CA PHE F 7 3.63 -29.77 6.62
C PHE F 7 2.79 -30.24 7.79
N LEU F 8 2.70 -31.55 7.95
CA LEU F 8 1.84 -32.19 8.95
C LEU F 8 2.64 -32.76 10.11
N ARG F 9 3.92 -33.02 9.88
CA ARG F 9 4.83 -33.55 10.90
C ARG F 9 6.23 -33.15 10.46
N ASP F 10 7.16 -33.17 11.42
CA ASP F 10 8.44 -32.48 11.25
C ASP F 10 9.25 -33.05 10.08
N ASP F 11 9.19 -34.36 9.88
CA ASP F 11 9.99 -35.00 8.83
C ASP F 11 9.34 -34.91 7.45
N ASP F 12 8.24 -34.16 7.30
CA ASP F 12 7.78 -33.80 5.96
C ASP F 12 8.79 -32.95 5.22
N LEU F 13 9.70 -32.30 5.94
CA LEU F 13 10.83 -31.59 5.35
C LEU F 13 12.06 -32.49 5.44
N SER F 14 12.80 -32.58 4.35
CA SER F 14 14.10 -33.23 4.40
C SER F 14 15.05 -32.35 5.21
N PRO F 15 16.22 -32.88 5.59
CA PRO F 15 17.23 -32.02 6.25
C PRO F 15 17.56 -30.76 5.46
N ALA F 16 17.81 -30.89 4.15
CA ALA F 16 18.10 -29.73 3.32
C ALA F 16 16.92 -28.75 3.28
N GLU F 17 15.70 -29.27 3.21
CA GLU F 17 14.54 -28.39 3.15
C GLU F 17 14.32 -27.68 4.48
N GLN F 18 14.52 -28.38 5.60
CA GLN F 18 14.38 -27.75 6.90
C GLN F 18 15.39 -26.61 7.06
N ALA F 19 16.62 -26.82 6.58
CA ALA F 19 17.62 -25.75 6.64
C ALA F 19 17.19 -24.54 5.83
N GLU F 20 16.57 -24.76 4.66
CA GLU F 20 16.05 -23.64 3.87
C GLU F 20 15.00 -22.86 4.64
N VAL F 21 14.07 -23.56 5.30
CA VAL F 21 13.02 -22.88 6.04
C VAL F 21 13.59 -22.09 7.20
N LEU F 22 14.57 -22.68 7.92
CA LEU F 22 15.13 -22.00 9.08
C LEU F 22 15.97 -20.79 8.67
N GLU F 23 16.67 -20.87 7.53
CA GLU F 23 17.37 -19.72 7.00
C GLU F 23 16.39 -18.62 6.65
N LEU F 24 15.26 -19.00 6.03
CA LEU F 24 14.22 -18.04 5.71
C LEU F 24 13.67 -17.39 6.98
N ALA F 25 13.51 -18.18 8.05
CA ALA F 25 13.00 -17.63 9.31
C ALA F 25 13.94 -16.55 9.85
N ALA F 26 15.25 -16.77 9.76
CA ALA F 26 16.20 -15.76 10.21
C ALA F 26 16.12 -14.49 9.36
N GLU F 27 15.91 -14.66 8.04
CA GLU F 27 15.80 -13.49 7.18
C GLU F 27 14.54 -12.71 7.48
N LEU F 28 13.42 -13.41 7.68
CA LEU F 28 12.15 -12.73 7.93
C LEU F 28 12.14 -12.06 9.30
N LYS F 29 12.85 -12.63 10.28
CA LYS F 29 12.95 -11.95 11.57
C LYS F 29 13.64 -10.59 11.40
N LYS F 30 14.65 -10.53 10.53
CA LYS F 30 15.35 -9.27 10.28
C LYS F 30 14.48 -8.29 9.48
N ASP F 31 13.74 -8.80 8.50
CA ASP F 31 12.99 -7.97 7.54
C ASP F 31 11.57 -8.53 7.43
N PRO F 32 10.70 -8.22 8.38
CA PRO F 32 9.45 -8.98 8.53
C PRO F 32 8.39 -8.67 7.48
N VAL F 33 8.51 -7.60 6.70
CA VAL F 33 7.51 -7.36 5.66
C VAL F 33 8.14 -7.37 4.28
N SER F 34 9.30 -8.02 4.15
CA SER F 34 10.02 -8.05 2.87
C SER F 34 9.49 -9.13 1.93
N ARG F 35 8.67 -10.05 2.40
CA ARG F 35 8.12 -11.12 1.58
C ARG F 35 6.61 -10.95 1.57
N ARG F 36 6.04 -10.77 0.39
CA ARG F 36 4.61 -10.51 0.25
C ARG F 36 3.97 -11.45 -0.77
N PRO F 37 4.09 -12.77 -0.56
CA PRO F 37 3.48 -13.71 -1.49
C PRO F 37 1.97 -13.74 -1.43
N LEU F 38 1.36 -13.19 -0.38
CA LEU F 38 -0.09 -13.17 -0.25
C LEU F 38 -0.66 -11.79 -0.49
N GLN F 39 0.11 -10.89 -1.10
CA GLN F 39 -0.37 -9.53 -1.39
C GLN F 39 -1.68 -9.57 -2.16
N GLY F 40 -2.61 -8.68 -1.78
CA GLY F 40 -3.92 -8.67 -2.39
C GLY F 40 -4.96 -7.91 -1.57
N PRO F 41 -5.37 -8.50 -0.44
CA PRO F 41 -4.84 -9.74 0.14
C PRO F 41 -5.42 -11.04 -0.41
N ARG F 42 -4.58 -12.06 -0.48
CA ARG F 42 -5.03 -13.43 -0.64
C ARG F 42 -5.37 -14.01 0.74
N GLY F 43 -6.29 -14.96 0.77
CA GLY F 43 -6.68 -15.53 2.04
C GLY F 43 -5.82 -16.71 2.48
N VAL F 44 -5.80 -16.93 3.79
CA VAL F 44 -5.30 -18.17 4.39
C VAL F 44 -6.30 -18.57 5.47
N ALA F 45 -6.76 -19.81 5.44
CA ALA F 45 -7.67 -20.28 6.47
C ALA F 45 -6.87 -20.67 7.70
N VAL F 46 -7.35 -20.26 8.88
CA VAL F 46 -6.76 -20.68 10.14
C VAL F 46 -7.88 -21.24 11.00
N ILE F 47 -7.92 -22.55 11.15
CA ILE F 47 -9.07 -23.27 11.70
C ILE F 47 -8.65 -23.95 12.99
N PHE F 48 -9.43 -23.74 14.05
CA PHE F 48 -9.15 -24.32 15.37
C PHE F 48 -10.30 -25.24 15.76
N ASP F 49 -10.03 -26.56 15.80
CA ASP F 49 -11.00 -27.45 16.42
C ASP F 49 -10.99 -27.28 17.93
N LYS F 50 -9.88 -26.79 18.47
CA LYS F 50 -9.70 -26.41 19.86
C LYS F 50 -8.93 -25.11 19.86
N ASN F 51 -9.41 -24.11 20.59
CA ASN F 51 -8.82 -22.78 20.49
C ASN F 51 -7.39 -22.76 21.03
N SER F 52 -6.57 -21.87 20.45
CA SER F 52 -5.22 -21.63 20.96
C SER F 52 -4.91 -20.17 20.63
N THR F 53 -5.09 -19.29 21.62
CA THR F 53 -4.92 -17.86 21.35
C THR F 53 -3.51 -17.55 20.90
N ARG F 54 -2.51 -18.25 21.44
CA ARG F 54 -1.12 -18.04 21.06
C ARG F 54 -0.85 -18.44 19.62
N THR F 55 -1.38 -19.58 19.19
CA THR F 55 -1.30 -19.98 17.79
C THR F 55 -2.03 -18.97 16.92
N ARG F 56 -3.15 -18.44 17.42
CA ARG F 56 -3.88 -17.45 16.64
C ARG F 56 -3.08 -16.17 16.44
N PHE F 57 -2.48 -15.64 17.51
CA PHE F 57 -1.67 -14.44 17.36
C PHE F 57 -0.57 -14.66 16.34
N SER F 58 0.21 -15.73 16.50
CA SER F 58 1.37 -15.89 15.64
C SER F 58 0.97 -16.13 14.19
N PHE F 59 -0.06 -16.94 13.92
CA PHE F 59 -0.41 -17.12 12.51
C PHE F 59 -1.15 -15.93 11.93
N GLU F 60 -2.10 -15.36 12.68
CA GLU F 60 -2.88 -14.24 12.13
C GLU F 60 -1.97 -13.09 11.71
N LEU F 61 -1.04 -12.73 12.59
CA LEU F 61 -0.14 -11.61 12.30
C LEU F 61 0.89 -11.99 11.25
N GLY F 62 1.39 -13.24 11.29
CA GLY F 62 2.32 -13.67 10.28
C GLY F 62 1.73 -13.60 8.88
N ILE F 63 0.50 -14.10 8.74
CA ILE F 63 -0.18 -14.07 7.45
C ILE F 63 -0.37 -12.62 6.98
N ALA F 64 -0.75 -11.73 7.91
CA ALA F 64 -0.92 -10.33 7.54
C ALA F 64 0.39 -9.70 7.08
N GLN F 65 1.51 -10.08 7.71
CA GLN F 65 2.80 -9.50 7.32
C GLN F 65 3.33 -10.07 6.01
N LEU F 66 2.76 -11.17 5.53
CA LEU F 66 2.98 -11.66 4.16
C LEU F 66 2.06 -11.00 3.15
N GLY F 67 1.26 -10.02 3.58
CA GLY F 67 0.32 -9.36 2.71
C GLY F 67 -1.05 -9.97 2.68
N GLY F 68 -1.29 -11.06 3.39
CA GLY F 68 -2.53 -11.80 3.28
C GLY F 68 -3.54 -11.42 4.34
N HIS F 69 -4.64 -12.16 4.34
CA HIS F 69 -5.68 -11.99 5.34
C HIS F 69 -6.08 -13.35 5.87
N ALA F 70 -5.84 -13.56 7.16
CA ALA F 70 -6.22 -14.81 7.81
C ALA F 70 -7.72 -14.78 8.11
N VAL F 71 -8.45 -15.80 7.67
CA VAL F 71 -9.82 -15.99 8.10
C VAL F 71 -9.77 -17.04 9.19
N VAL F 72 -10.04 -16.61 10.43
CA VAL F 72 -9.86 -17.44 11.61
C VAL F 72 -11.21 -18.04 11.98
N VAL F 73 -11.23 -19.38 12.11
CA VAL F 73 -12.42 -20.14 12.48
C VAL F 73 -12.09 -20.83 13.79
N ASP F 74 -12.79 -20.48 14.86
CA ASP F 74 -12.46 -21.20 16.07
C ASP F 74 -13.60 -22.15 16.45
N SER F 75 -13.49 -22.74 17.63
CA SER F 75 -14.28 -23.91 17.98
C SER F 75 -15.74 -23.59 18.27
N GLY F 76 -16.11 -22.31 18.33
CA GLY F 76 -17.52 -21.97 18.41
C GLY F 76 -18.27 -22.31 17.14
N SER F 77 -17.56 -22.35 16.02
CA SER F 77 -18.11 -22.76 14.74
C SER F 77 -18.32 -24.28 14.71
N THR F 78 -19.22 -24.72 13.84
CA THR F 78 -19.50 -26.15 13.69
C THR F 78 -18.24 -26.89 13.27
N GLN F 79 -17.86 -27.91 14.05
CA GLN F 79 -16.61 -28.61 13.80
C GLN F 79 -16.58 -29.21 12.39
N LEU F 80 -15.45 -29.03 11.71
CA LEU F 80 -15.25 -29.59 10.37
C LEU F 80 -15.51 -31.09 10.36
N GLY F 81 -16.20 -31.54 9.31
CA GLY F 81 -16.60 -32.93 9.17
C GLY F 81 -17.99 -33.25 9.67
N ARG F 82 -18.63 -32.34 10.41
CA ARG F 82 -19.95 -32.64 10.96
C ARG F 82 -21.09 -32.35 9.99
N ASP F 83 -21.06 -31.18 9.35
CA ASP F 83 -22.12 -30.72 8.45
C ASP F 83 -21.85 -31.03 6.99
N GLU F 84 -20.66 -31.54 6.69
CA GLU F 84 -20.10 -31.63 5.35
C GLU F 84 -18.91 -32.55 5.46
N THR F 85 -18.64 -33.33 4.41
CA THR F 85 -17.44 -34.16 4.43
C THR F 85 -16.19 -33.26 4.43
N LEU F 86 -15.13 -33.75 5.07
CA LEU F 86 -13.87 -33.02 5.03
C LEU F 86 -13.41 -32.77 3.60
N GLN F 87 -13.66 -33.73 2.70
CA GLN F 87 -13.24 -33.60 1.32
C GLN F 87 -14.01 -32.46 0.61
N ASP F 88 -15.31 -32.36 0.85
CA ASP F 88 -16.06 -31.24 0.28
C ASP F 88 -15.56 -29.92 0.84
N THR F 89 -15.28 -29.88 2.15
CA THR F 89 -14.73 -28.67 2.77
C THR F 89 -13.39 -28.29 2.15
N ALA F 90 -12.51 -29.28 1.93
CA ALA F 90 -11.21 -29.00 1.35
C ALA F 90 -11.34 -28.40 -0.05
N LYS F 91 -12.33 -28.87 -0.80
CA LYS F 91 -12.53 -28.37 -2.17
C LYS F 91 -12.98 -26.92 -2.15
N VAL F 92 -13.86 -26.57 -1.22
CA VAL F 92 -14.37 -25.22 -1.15
C VAL F 92 -13.30 -24.28 -0.63
N LEU F 93 -12.59 -24.70 0.43
CA LEU F 93 -11.52 -23.86 0.97
C LEU F 93 -10.46 -23.54 -0.09
N SER F 94 -10.14 -24.51 -0.93
CA SER F 94 -9.13 -24.32 -1.97
C SER F 94 -9.51 -23.25 -2.98
N ARG F 95 -10.80 -22.94 -3.11
CA ARG F 95 -11.26 -21.82 -3.93
C ARG F 95 -11.11 -20.48 -3.23
N TYR F 96 -11.07 -20.46 -1.90
CA TYR F 96 -11.08 -19.20 -1.17
C TYR F 96 -9.71 -18.78 -0.67
N VAL F 97 -8.83 -19.73 -0.37
CA VAL F 97 -7.56 -19.43 0.29
C VAL F 97 -6.40 -20.11 -0.42
N ASP F 98 -5.19 -19.63 -0.13
CA ASP F 98 -3.98 -20.17 -0.74
C ASP F 98 -3.28 -21.19 0.15
N ALA F 99 -3.75 -21.39 1.38
CA ALA F 99 -3.18 -22.36 2.30
C ALA F 99 -4.17 -22.56 3.44
N ILE F 100 -4.06 -23.72 4.10
CA ILE F 100 -4.98 -24.11 5.17
C ILE F 100 -4.14 -24.47 6.38
N VAL F 101 -4.32 -23.71 7.45
CA VAL F 101 -3.64 -23.94 8.73
C VAL F 101 -4.69 -24.50 9.67
N TRP F 102 -4.40 -25.67 10.25
CA TRP F 102 -5.44 -26.37 10.98
C TRP F 102 -4.90 -26.95 12.28
N ARG F 103 -5.55 -26.60 13.39
CA ARG F 103 -5.28 -27.23 14.68
C ARG F 103 -6.40 -28.25 14.90
N THR F 104 -6.01 -29.50 14.91
CA THR F 104 -7.00 -30.59 15.07
C THR F 104 -6.46 -31.66 16.01
N PHE F 105 -7.18 -32.76 16.12
CA PHE F 105 -6.80 -33.79 17.09
C PHE F 105 -6.05 -34.91 16.37
N GLY F 106 -6.79 -35.78 15.71
CA GLY F 106 -6.17 -36.94 15.08
C GLY F 106 -5.43 -36.62 13.81
N GLN F 107 -4.32 -37.32 13.60
CA GLN F 107 -3.47 -37.10 12.41
C GLN F 107 -4.20 -37.54 11.15
N GLU F 108 -5.08 -38.51 11.27
CA GLU F 108 -5.72 -38.96 10.03
C GLU F 108 -6.64 -37.88 9.47
N ARG F 109 -7.13 -36.97 10.31
CA ARG F 109 -7.89 -35.84 9.79
C ARG F 109 -7.00 -34.91 8.96
N LEU F 110 -5.83 -34.55 9.48
CA LEU F 110 -4.87 -33.77 8.71
C LEU F 110 -4.50 -34.47 7.41
N ASP F 111 -4.16 -35.77 7.50
CA ASP F 111 -3.83 -36.55 6.30
C ASP F 111 -4.97 -36.51 5.29
N ALA F 112 -6.21 -36.60 5.76
CA ALA F 112 -7.35 -36.59 4.85
C ALA F 112 -7.50 -35.23 4.16
N MET F 113 -7.33 -34.15 4.93
CA MET F 113 -7.35 -32.80 4.36
C MET F 113 -6.27 -32.63 3.31
N ALA F 114 -5.04 -33.05 3.62
CA ALA F 114 -3.93 -32.84 2.71
C ALA F 114 -4.05 -33.67 1.45
N SER F 115 -4.74 -34.81 1.51
CA SER F 115 -4.78 -35.67 0.33
C SER F 115 -5.69 -35.14 -0.77
N VAL F 116 -6.58 -34.20 -0.46
CA VAL F 116 -7.49 -33.68 -1.48
C VAL F 116 -7.40 -32.17 -1.65
N ALA F 117 -6.90 -31.42 -0.67
CA ALA F 117 -6.71 -29.99 -0.88
C ALA F 117 -5.70 -29.74 -1.99
N THR F 118 -5.96 -28.71 -2.80
CA THR F 118 -5.03 -28.28 -3.82
C THR F 118 -4.20 -27.08 -3.37
N VAL F 119 -4.13 -26.83 -2.07
CA VAL F 119 -3.27 -25.82 -1.45
C VAL F 119 -2.53 -26.46 -0.29
N PRO F 120 -1.41 -25.87 0.15
CA PRO F 120 -0.69 -26.44 1.29
C PRO F 120 -1.55 -26.49 2.56
N VAL F 121 -1.45 -27.61 3.27
CA VAL F 121 -2.06 -27.79 4.58
C VAL F 121 -0.96 -27.81 5.63
N ILE F 122 -1.13 -27.03 6.71
CA ILE F 122 -0.15 -26.92 7.79
C ILE F 122 -0.79 -27.39 9.08
N ASN F 123 -0.11 -28.28 9.81
CA ASN F 123 -0.53 -28.71 11.13
C ASN F 123 -0.14 -27.64 12.14
N ALA F 124 -1.11 -26.85 12.61
CA ALA F 124 -0.79 -25.82 13.59
C ALA F 124 -0.44 -26.41 14.95
N LEU F 125 -0.94 -27.62 15.23
CA LEU F 125 -0.80 -28.32 16.50
C LEU F 125 -1.79 -29.49 16.44
N SER F 126 -1.36 -30.71 16.74
CA SER F 126 -2.26 -31.85 16.75
C SER F 126 -1.92 -32.73 17.96
N ASP F 127 -2.72 -33.79 18.15
CA ASP F 127 -2.44 -34.72 19.25
C ASP F 127 -1.05 -35.33 19.14
N GLU F 128 -0.61 -35.64 17.92
CA GLU F 128 0.62 -36.41 17.77
C GLU F 128 1.86 -35.55 17.53
N PHE F 129 1.73 -34.37 16.94
CA PHE F 129 2.87 -33.56 16.53
C PHE F 129 2.62 -32.09 16.78
N HIS F 130 3.70 -31.33 16.95
CA HIS F 130 3.61 -29.88 17.01
C HIS F 130 4.80 -29.32 16.23
N PRO F 131 4.83 -29.54 14.92
CA PRO F 131 6.04 -29.27 14.14
C PRO F 131 6.32 -27.79 13.96
N CYS F 132 5.32 -26.92 14.02
CA CYS F 132 5.60 -25.48 13.93
C CYS F 132 6.33 -24.99 15.18
N GLN F 133 5.98 -25.52 16.35
CA GLN F 133 6.69 -25.12 17.55
C GLN F 133 8.15 -25.56 17.47
N VAL F 134 8.42 -26.74 16.91
CA VAL F 134 9.81 -27.17 16.86
C VAL F 134 10.62 -26.36 15.84
N LEU F 135 10.00 -25.90 14.74
CA LEU F 135 10.70 -24.95 13.88
C LEU F 135 11.12 -23.71 14.65
N ALA F 136 10.22 -23.17 15.47
CA ALA F 136 10.56 -22.00 16.28
C ALA F 136 11.66 -22.33 17.28
N ASP F 137 11.59 -23.52 17.89
CA ASP F 137 12.64 -23.97 18.80
C ASP F 137 14.00 -24.01 18.10
N LEU F 138 14.04 -24.61 16.91
CA LEU F 138 15.29 -24.73 16.16
C LEU F 138 15.82 -23.36 15.76
N GLN F 139 14.93 -22.45 15.36
CA GLN F 139 15.37 -21.08 15.11
C GLN F 139 16.00 -20.46 16.35
N THR F 140 15.38 -20.67 17.51
CA THR F 140 15.89 -20.09 18.75
C THR F 140 17.26 -20.64 19.11
N ILE F 141 17.41 -21.97 19.01
CA ILE F 141 18.69 -22.59 19.31
C ILE F 141 19.77 -22.04 18.39
N ALA F 142 19.47 -21.92 17.09
CA ALA F 142 20.47 -21.46 16.13
C ALA F 142 20.93 -20.04 16.43
N GLU F 143 20.00 -19.15 16.80
CA GLU F 143 20.46 -17.79 17.05
C GLU F 143 21.23 -17.69 18.37
N ARG F 144 21.05 -18.63 19.29
CA ARG F 144 21.84 -18.66 20.51
C ARG F 144 23.17 -19.37 20.33
N LYS F 145 23.23 -20.40 19.50
CA LYS F 145 24.36 -21.32 19.52
C LYS F 145 24.99 -21.56 18.16
N GLY F 146 24.41 -21.06 17.07
CA GLY F 146 24.99 -21.23 15.76
C GLY F 146 24.55 -22.54 15.11
N ALA F 147 25.52 -23.30 14.62
CA ALA F 147 25.20 -24.52 13.90
C ALA F 147 24.48 -25.51 14.80
N LEU F 148 23.42 -26.12 14.26
CA LEU F 148 22.61 -27.07 15.00
C LEU F 148 23.23 -28.47 15.01
N ARG F 149 23.91 -28.83 13.93
CA ARG F 149 24.48 -30.17 13.82
C ARG F 149 25.42 -30.48 14.97
N GLY F 150 25.13 -31.56 15.69
CA GLY F 150 26.00 -32.01 16.76
C GLY F 150 25.61 -31.52 18.14
N LEU F 151 24.70 -30.55 18.25
CA LEU F 151 24.23 -30.14 19.56
C LEU F 151 23.52 -31.30 20.25
N ARG F 152 23.41 -31.22 21.58
CA ARG F 152 22.74 -32.23 22.38
C ARG F 152 21.53 -31.58 23.04
N LEU F 153 20.34 -32.11 22.76
CA LEU F 153 19.09 -31.57 23.28
C LEU F 153 18.42 -32.64 24.12
N SER F 154 17.96 -32.28 25.31
CA SER F 154 17.18 -33.20 26.14
C SER F 154 15.83 -32.61 26.44
N TYR F 155 14.79 -33.43 26.29
CA TYR F 155 13.41 -33.09 26.60
C TYR F 155 12.99 -33.88 27.82
N PHE F 156 12.27 -33.22 28.73
CA PHE F 156 11.92 -33.81 30.01
C PHE F 156 10.42 -33.76 30.25
N GLY F 157 9.89 -34.84 30.80
CA GLY F 157 8.53 -34.83 31.27
C GLY F 157 7.68 -35.92 30.66
N ASP F 158 6.60 -35.52 29.98
CA ASP F 158 5.71 -36.48 29.30
C ASP F 158 6.29 -36.75 27.92
N GLY F 159 7.01 -37.87 27.79
CA GLY F 159 7.66 -38.21 26.55
C GLY F 159 6.77 -38.84 25.50
N ALA F 160 5.46 -38.95 25.75
CA ALA F 160 4.53 -39.50 24.80
C ALA F 160 3.73 -38.45 24.05
N ASN F 161 3.98 -37.15 24.29
CA ASN F 161 3.10 -36.13 23.76
C ASN F 161 3.65 -35.55 22.45
N ASN F 162 2.92 -34.57 21.92
CA ASN F 162 3.25 -34.02 20.61
C ASN F 162 4.62 -33.36 20.60
N MET F 163 5.02 -32.69 21.69
CA MET F 163 6.33 -32.04 21.69
C MET F 163 7.47 -33.05 21.70
N ALA F 164 7.34 -34.12 22.48
CA ALA F 164 8.39 -35.14 22.46
C ALA F 164 8.54 -35.74 21.07
N HIS F 165 7.43 -36.02 20.39
CA HIS F 165 7.50 -36.59 19.05
C HIS F 165 8.14 -35.62 18.07
N SER F 166 7.79 -34.34 18.14
CA SER F 166 8.33 -33.36 17.18
C SER F 166 9.78 -33.00 17.49
N LEU F 167 10.16 -32.91 18.78
CA LEU F 167 11.57 -32.70 19.07
C LEU F 167 12.42 -33.85 18.54
N LEU F 168 11.94 -35.08 18.67
CA LEU F 168 12.63 -36.23 18.08
C LEU F 168 12.80 -36.07 16.56
N LEU F 169 11.68 -35.89 15.84
CA LEU F 169 11.76 -35.87 14.37
C LEU F 169 12.43 -34.59 13.86
N GLY F 170 12.02 -33.44 14.37
CA GLY F 170 12.61 -32.20 13.92
C GLY F 170 14.04 -32.05 14.36
N GLY F 171 14.34 -32.49 15.58
CA GLY F 171 15.71 -32.40 16.09
C GLY F 171 16.67 -33.23 15.28
N VAL F 172 16.34 -34.50 15.03
CA VAL F 172 17.30 -35.31 14.28
C VAL F 172 17.40 -34.83 12.84
N THR F 173 16.33 -34.25 12.30
CA THR F 173 16.39 -33.67 10.95
C THR F 173 17.42 -32.55 10.88
N ALA F 174 17.60 -31.81 11.97
CA ALA F 174 18.61 -30.76 12.06
C ALA F 174 19.99 -31.27 12.46
N GLY F 175 20.15 -32.57 12.67
CA GLY F 175 21.43 -33.11 13.09
C GLY F 175 21.68 -33.04 14.59
N ILE F 176 20.64 -32.83 15.38
CA ILE F 176 20.76 -32.73 16.84
C ILE F 176 20.62 -34.11 17.48
N HIS F 177 21.49 -34.39 18.46
CA HIS F 177 21.35 -35.60 19.29
C HIS F 177 20.24 -35.36 20.31
N VAL F 178 19.11 -36.06 20.15
CA VAL F 178 17.92 -35.83 20.96
C VAL F 178 17.80 -36.92 22.01
N THR F 179 17.54 -36.53 23.25
CA THR F 179 17.22 -37.43 24.34
C THR F 179 15.85 -37.05 24.90
N VAL F 180 15.02 -38.06 25.14
CA VAL F 180 13.74 -37.91 25.81
C VAL F 180 13.84 -38.62 27.15
N ALA F 181 13.67 -37.88 28.22
CA ALA F 181 13.69 -38.41 29.58
C ALA F 181 12.28 -38.34 30.14
N ALA F 182 11.71 -39.51 30.45
CA ALA F 182 10.32 -39.62 30.84
C ALA F 182 10.15 -40.89 31.68
N PRO F 183 9.14 -40.94 32.53
CA PRO F 183 8.85 -42.18 33.25
C PRO F 183 8.29 -43.24 32.30
N GLU F 184 8.46 -44.51 32.70
CA GLU F 184 8.32 -45.59 31.73
C GLU F 184 6.90 -45.71 31.14
N GLY F 185 5.88 -45.18 31.81
CA GLY F 185 4.58 -45.22 31.15
C GLY F 185 4.29 -44.11 30.16
N PHE F 186 5.25 -43.24 29.89
CA PHE F 186 5.01 -42.04 29.08
C PHE F 186 6.18 -41.84 28.13
N LEU F 187 6.50 -42.87 27.37
CA LEU F 187 7.63 -42.87 26.47
C LEU F 187 7.18 -42.58 25.04
N PRO F 188 8.08 -42.17 24.17
CA PRO F 188 7.68 -41.87 22.79
C PRO F 188 7.10 -43.09 22.11
N ASP F 189 6.13 -42.83 21.24
CA ASP F 189 5.56 -43.86 20.40
C ASP F 189 6.68 -44.58 19.65
N PRO F 190 6.75 -45.92 19.71
CA PRO F 190 7.88 -46.63 19.09
C PRO F 190 7.97 -46.46 17.58
N SER F 191 6.86 -46.31 16.88
CA SER F 191 6.94 -46.06 15.45
C SER F 191 7.46 -44.65 15.16
N VAL F 192 7.13 -43.67 16.01
CA VAL F 192 7.73 -42.36 15.85
C VAL F 192 9.23 -42.43 16.18
N ARG F 193 9.57 -43.11 17.29
CA ARG F 193 10.98 -43.24 17.65
C ARG F 193 11.78 -43.90 16.52
N ALA F 194 11.22 -44.95 15.92
CA ALA F 194 11.90 -45.62 14.82
C ALA F 194 12.07 -44.69 13.63
N ALA F 195 11.06 -43.89 13.31
CA ALA F 195 11.18 -42.94 12.21
C ALA F 195 12.28 -41.91 12.51
N ALA F 196 12.41 -41.51 13.78
CA ALA F 196 13.45 -40.57 14.15
C ALA F 196 14.83 -41.23 14.07
N GLU F 197 14.94 -42.48 14.51
CA GLU F 197 16.21 -43.19 14.40
C GLU F 197 16.66 -43.32 12.95
N ARG F 198 15.71 -43.61 12.04
CA ARG F 198 16.08 -43.71 10.63
C ARG F 198 16.52 -42.37 10.06
N ARG F 199 15.80 -41.29 10.39
CA ARG F 199 16.19 -39.96 9.90
C ARG F 199 17.56 -39.57 10.44
N ALA F 200 17.83 -39.89 11.71
CA ALA F 200 19.11 -39.57 12.32
C ALA F 200 20.26 -40.22 11.56
N GLN F 201 20.03 -41.35 10.89
CA GLN F 201 21.12 -42.01 10.17
C GLN F 201 21.61 -41.14 9.01
N ASP F 202 20.75 -40.29 8.45
CA ASP F 202 21.14 -39.41 7.35
C ASP F 202 21.82 -38.12 7.80
N THR F 203 21.71 -37.76 9.08
CA THR F 203 22.16 -36.45 9.53
C THR F 203 23.30 -36.52 10.54
N GLY F 204 23.76 -37.71 10.93
CA GLY F 204 24.73 -37.86 12.00
C GLY F 204 24.15 -37.73 13.39
N ALA F 205 22.83 -37.61 13.52
CA ALA F 205 22.20 -37.41 14.81
C ALA F 205 22.03 -38.75 15.53
N SER F 206 21.30 -38.74 16.64
CA SER F 206 21.00 -39.96 17.38
C SER F 206 19.75 -39.73 18.21
N VAL F 207 19.18 -40.83 18.69
CA VAL F 207 17.97 -40.84 19.50
C VAL F 207 18.26 -41.62 20.77
N THR F 208 17.97 -41.03 21.93
CA THR F 208 18.10 -41.70 23.21
C THR F 208 16.81 -41.54 24.00
N VAL F 209 16.30 -42.65 24.54
CA VAL F 209 15.14 -42.60 25.43
C VAL F 209 15.59 -43.16 26.77
N THR F 210 15.31 -42.42 27.84
CA THR F 210 15.78 -42.81 29.17
C THR F 210 14.77 -42.40 30.22
N ALA F 211 14.83 -43.05 31.38
CA ALA F 211 14.04 -42.66 32.54
C ALA F 211 14.89 -42.01 33.61
N ASP F 212 16.13 -41.63 33.27
CA ASP F 212 17.08 -41.05 34.23
C ASP F 212 17.25 -39.58 33.85
N ALA F 213 16.53 -38.70 34.57
CA ALA F 213 16.58 -37.29 34.22
C ALA F 213 17.98 -36.72 34.41
N HIS F 214 18.68 -37.14 35.48
CA HIS F 214 20.01 -36.61 35.71
C HIS F 214 20.97 -37.01 34.59
N ALA F 215 20.85 -38.24 34.09
CA ALA F 215 21.69 -38.66 32.96
C ALA F 215 21.35 -37.87 31.71
N ALA F 216 20.06 -37.60 31.47
CA ALA F 216 19.66 -36.84 30.30
C ALA F 216 20.15 -35.40 30.37
N ALA F 217 20.25 -34.82 31.58
CA ALA F 217 20.71 -33.45 31.68
C ALA F 217 22.21 -33.34 31.48
N ALA F 218 22.96 -34.40 31.79
CA ALA F 218 24.42 -34.34 31.72
C ALA F 218 24.88 -33.98 30.32
N GLY F 219 25.67 -32.92 30.21
CA GLY F 219 26.23 -32.53 28.92
C GLY F 219 25.25 -31.93 27.94
N ALA F 220 24.01 -31.67 28.34
CA ALA F 220 23.04 -31.12 27.40
C ALA F 220 23.39 -29.67 27.05
N ASP F 221 23.19 -29.32 25.78
CA ASP F 221 23.24 -27.94 25.32
C ASP F 221 21.88 -27.25 25.45
N VAL F 222 20.81 -28.02 25.37
CA VAL F 222 19.46 -27.47 25.36
C VAL F 222 18.59 -28.38 26.22
N LEU F 223 17.87 -27.80 27.18
CA LEU F 223 16.91 -28.54 28.00
C LEU F 223 15.52 -28.02 27.70
N VAL F 224 14.57 -28.92 27.48
CA VAL F 224 13.24 -28.54 27.04
C VAL F 224 12.22 -29.26 27.90
N THR F 225 11.10 -28.60 28.19
CA THR F 225 9.98 -29.31 28.80
C THR F 225 8.68 -28.68 28.30
N ASP F 226 7.57 -29.17 28.84
CA ASP F 226 6.23 -28.90 28.35
C ASP F 226 5.30 -29.25 29.51
N THR F 227 4.11 -28.65 29.53
CA THR F 227 3.18 -29.04 30.59
C THR F 227 2.92 -30.54 30.53
N TRP F 228 2.68 -31.12 31.69
CA TRP F 228 2.52 -32.57 31.78
C TRP F 228 1.16 -33.04 31.31
N THR F 229 0.18 -32.12 31.23
CA THR F 229 -1.19 -32.40 30.81
C THR F 229 -1.83 -33.49 31.66
N ASP F 239 -1.11 -35.24 42.29
CA ASP F 239 -1.51 -36.64 42.39
C ASP F 239 -1.25 -37.36 41.08
N ARG F 240 -2.13 -37.15 40.08
CA ARG F 240 -1.99 -37.85 38.82
C ARG F 240 -0.72 -37.47 38.06
N VAL F 241 -0.12 -36.31 38.34
CA VAL F 241 1.12 -35.93 37.67
C VAL F 241 2.35 -36.26 38.52
N LYS F 242 2.19 -36.99 39.63
CA LYS F 242 3.33 -37.45 40.41
C LYS F 242 4.43 -38.11 39.59
N PRO F 243 4.16 -38.95 38.57
CA PRO F 243 5.27 -39.61 37.85
C PRO F 243 6.24 -38.64 37.20
N PHE F 244 5.81 -37.43 36.90
CA PHE F 244 6.62 -36.47 36.16
C PHE F 244 7.47 -35.59 37.06
N ARG F 245 7.15 -35.52 38.35
CA ARG F 245 7.86 -34.57 39.21
C ARG F 245 9.36 -34.79 39.27
N PRO F 246 9.89 -36.03 39.29
CA PRO F 246 11.35 -36.19 39.21
C PRO F 246 11.95 -35.66 37.93
N PHE F 247 11.13 -35.33 36.93
CA PHE F 247 11.60 -34.84 35.64
C PHE F 247 11.42 -33.34 35.52
N GLN F 248 11.10 -32.67 36.65
CA GLN F 248 10.93 -31.22 36.66
C GLN F 248 12.20 -30.54 36.19
N LEU F 249 12.04 -29.55 35.29
CA LEU F 249 13.21 -28.77 34.79
C LEU F 249 13.51 -27.71 35.84
N ASN F 250 14.46 -28.06 36.70
CA ASN F 250 14.73 -27.13 37.82
C ASN F 250 16.20 -26.73 37.86
N SER F 251 16.57 -25.94 38.87
CA SER F 251 17.96 -25.47 38.91
C SER F 251 18.95 -26.60 39.12
N ARG F 252 18.56 -27.65 39.86
CA ARG F 252 19.46 -28.77 40.07
C ARG F 252 19.75 -29.47 38.73
N LEU F 253 18.70 -29.71 37.95
CA LEU F 253 18.84 -30.32 36.64
C LEU F 253 19.67 -29.44 35.71
N LEU F 254 19.39 -28.12 35.70
CA LEU F 254 20.12 -27.22 34.81
C LEU F 254 21.60 -27.16 35.18
N ALA F 255 21.92 -27.26 36.48
CA ALA F 255 23.33 -27.22 36.86
C ALA F 255 24.09 -28.47 36.41
N LEU F 256 23.38 -29.53 36.04
CA LEU F 256 24.04 -30.73 35.54
C LEU F 256 24.40 -30.61 34.07
N ALA F 257 23.74 -29.70 33.36
CA ALA F 257 23.92 -29.54 31.93
C ALA F 257 25.19 -28.74 31.66
N ASP F 258 25.47 -28.53 30.39
CA ASP F 258 26.66 -27.78 30.03
C ASP F 258 26.50 -26.34 30.50
N SER F 259 27.62 -25.65 30.76
CA SER F 259 27.56 -24.41 31.53
C SER F 259 26.78 -23.31 30.81
N ASP F 260 26.71 -23.33 29.48
CA ASP F 260 25.96 -22.31 28.76
C ASP F 260 24.71 -22.91 28.12
N ALA F 261 24.14 -23.95 28.74
CA ALA F 261 22.92 -24.55 28.22
C ALA F 261 21.78 -23.54 28.26
N ILE F 262 20.84 -23.68 27.33
CA ILE F 262 19.65 -22.83 27.31
C ILE F 262 18.42 -23.70 27.57
N VAL F 263 17.33 -23.04 27.96
CA VAL F 263 16.11 -23.72 28.36
C VAL F 263 14.98 -23.27 27.44
N LEU F 264 14.21 -24.23 26.94
CA LEU F 264 13.05 -23.99 26.09
C LEU F 264 11.82 -24.60 26.76
N HIS F 265 10.67 -24.01 26.47
CA HIS F 265 9.37 -24.49 26.98
C HIS F 265 8.29 -23.98 26.05
N CYS F 266 7.56 -24.89 25.43
CA CYS F 266 6.42 -24.44 24.62
C CYS F 266 5.40 -23.97 25.64
N LEU F 267 4.94 -22.78 25.46
CA LEU F 267 4.09 -22.25 26.54
C LEU F 267 2.67 -22.82 26.46
N PRO F 268 1.74 -22.70 27.46
CA PRO F 268 1.93 -22.00 28.74
C PRO F 268 2.71 -22.82 29.77
N ALA F 269 3.38 -22.14 30.68
CA ALA F 269 4.12 -22.80 31.75
C ALA F 269 3.28 -22.83 33.03
N HIS F 270 3.34 -23.96 33.72
CA HIS F 270 2.73 -24.10 35.05
C HIS F 270 3.89 -24.04 36.03
N ARG F 271 4.22 -22.82 36.46
CA ARG F 271 5.39 -22.64 37.31
C ARG F 271 5.21 -23.42 38.61
N GLY F 272 6.23 -24.17 38.97
CA GLY F 272 6.17 -25.04 40.16
C GLY F 272 5.95 -26.50 39.79
N ASP F 273 5.46 -26.73 38.57
CA ASP F 273 5.28 -28.12 38.11
C ASP F 273 6.45 -28.53 37.22
N GLU F 274 6.30 -28.41 35.90
CA GLU F 274 7.35 -28.90 34.96
C GLU F 274 8.59 -28.01 34.95
N ILE F 275 8.42 -26.77 35.42
CA ILE F 275 9.54 -25.84 35.39
C ILE F 275 9.39 -24.94 36.61
N THR F 276 10.51 -24.43 37.11
CA THR F 276 10.49 -23.55 38.27
C THR F 276 10.62 -22.10 37.85
N ASP F 277 10.20 -21.20 38.76
CA ASP F 277 10.38 -19.77 38.54
C ASP F 277 11.84 -19.43 38.27
N ALA F 278 12.75 -20.00 39.07
CA ALA F 278 14.17 -19.68 38.94
C ALA F 278 14.68 -19.98 37.53
N VAL F 279 14.31 -21.13 36.98
CA VAL F 279 14.81 -21.50 35.66
C VAL F 279 14.16 -20.64 34.60
N MET F 280 12.85 -20.41 34.72
CA MET F 280 12.19 -19.82 33.58
C MET F 280 12.45 -18.31 33.52
N ASP F 281 12.79 -17.71 34.67
CA ASP F 281 13.13 -16.27 34.71
C ASP F 281 14.63 -16.04 34.80
N GLY F 282 15.45 -17.09 34.70
CA GLY F 282 16.88 -16.96 34.84
C GLY F 282 17.61 -16.78 33.51
N PRO F 283 18.93 -16.66 33.58
CA PRO F 283 19.71 -16.31 32.38
C PRO F 283 19.80 -17.41 31.34
N ALA F 284 19.50 -18.66 31.68
CA ALA F 284 19.48 -19.73 30.69
C ALA F 284 18.19 -19.76 29.89
N SER F 285 17.16 -19.05 30.33
CA SER F 285 15.85 -19.18 29.69
C SER F 285 15.82 -18.50 28.33
N ALA F 286 15.35 -19.25 27.32
CA ALA F 286 15.11 -18.66 26.00
C ALA F 286 13.62 -18.70 25.64
N VAL F 287 12.74 -18.83 26.64
CA VAL F 287 11.33 -19.12 26.36
C VAL F 287 10.65 -17.95 25.66
N TRP F 288 11.03 -16.70 25.97
CA TRP F 288 10.34 -15.57 25.33
C TRP F 288 10.77 -15.40 23.88
N ASP F 289 12.07 -15.55 23.60
CA ASP F 289 12.52 -15.54 22.20
C ASP F 289 11.89 -16.70 21.42
N GLU F 290 11.82 -17.86 22.07
CA GLU F 290 11.17 -19.03 21.48
C GLU F 290 9.73 -18.73 21.09
N ALA F 291 8.96 -18.09 21.99
CA ALA F 291 7.59 -17.75 21.69
C ALA F 291 7.51 -16.75 20.53
N GLU F 292 8.39 -15.74 20.54
CA GLU F 292 8.42 -14.79 19.43
C GLU F 292 8.65 -15.50 18.11
N ASN F 293 9.57 -16.47 18.10
CA ASN F 293 9.98 -17.11 16.86
C ASN F 293 8.89 -17.99 16.27
N ARG F 294 7.81 -18.29 17.01
CA ARG F 294 6.65 -18.90 16.36
C ARG F 294 6.20 -18.05 15.17
N LEU F 295 6.18 -16.72 15.35
CA LEU F 295 5.77 -15.83 14.28
C LEU F 295 6.70 -15.95 13.09
N HIS F 296 8.02 -15.84 13.32
CA HIS F 296 8.98 -15.81 12.22
C HIS F 296 9.09 -17.16 11.52
N ALA F 297 9.12 -18.25 12.28
CA ALA F 297 9.29 -19.58 11.70
C ALA F 297 8.06 -20.01 10.92
N GLN F 298 6.87 -19.67 11.41
CA GLN F 298 5.66 -20.03 10.66
C GLN F 298 5.53 -19.20 9.39
N LYS F 299 5.94 -17.93 9.44
CA LYS F 299 5.97 -17.13 8.22
C LYS F 299 6.89 -17.77 7.19
N ALA F 300 8.10 -18.15 7.61
CA ALA F 300 9.04 -18.78 6.69
C ALA F 300 8.46 -20.07 6.13
N LEU F 301 7.84 -20.88 6.98
CA LEU F 301 7.22 -22.12 6.50
C LEU F 301 6.19 -21.83 5.43
N LEU F 302 5.31 -20.85 5.68
CA LEU F 302 4.28 -20.48 4.70
C LEU F 302 4.91 -20.01 3.39
N VAL F 303 5.90 -19.13 3.46
CA VAL F 303 6.53 -18.64 2.24
C VAL F 303 7.09 -19.80 1.45
N TRP F 304 7.77 -20.72 2.13
CA TRP F 304 8.44 -21.83 1.47
C TRP F 304 7.44 -22.77 0.81
N LEU F 305 6.36 -23.12 1.54
CA LEU F 305 5.34 -24.00 0.98
C LEU F 305 4.61 -23.35 -0.19
N LEU F 306 4.30 -22.05 -0.08
CA LEU F 306 3.59 -21.39 -1.16
C LEU F 306 4.41 -21.37 -2.43
N GLU F 307 5.72 -21.12 -2.31
CA GLU F 307 6.60 -21.06 -3.47
C GLU F 307 6.71 -22.42 -4.17
N ARG F 308 6.51 -23.51 -3.43
CA ARG F 308 6.64 -24.87 -3.96
C ARG F 308 5.30 -25.51 -4.31
N SER F 309 4.20 -24.78 -4.23
CA SER F 309 2.90 -25.40 -4.43
C SER F 309 2.07 -24.61 -5.43
#